data_9DN6
#
_entry.id   9DN6
#
_cell.length_a   1.00
_cell.length_b   1.00
_cell.length_c   1.00
_cell.angle_alpha   90.00
_cell.angle_beta   90.00
_cell.angle_gamma   90.00
#
_symmetry.space_group_name_H-M   'P 1'
#
loop_
_entity.id
_entity.type
_entity.pdbx_description
1 polymer 'De novo designed IR agonist RF-405'
2 polymer 'Isoform Short of Insulin receptor'
#
loop_
_entity_poly.entity_id
_entity_poly.type
_entity_poly.pdbx_seq_one_letter_code
_entity_poly.pdbx_strand_id
1 'polypeptide(L)'
;SELEEIKKLLEELSKTDPLAKDILWVIEVREEDGHDPESELVFIRQYLKTLNEPSPARKLIESYWAKKVKKKAFEAFMKL
MDALFLAKDPEIKKKAEELIKKLKEADEKGDIEELEKVVEEAEEVYEKVK
;
A,B
2 'polypeptide(L)'
;MATGGRRGAAAAPLLVAVAALLLGAAGHLYPGEVCPGMDIRNNLTRLHELENCSVIEGHLQILLMFKTRPEDFRDLSFPK
LIMITDYLLLFRVYGLESLKDLFPNLTVIRGSRLFFNYALVIFEMVHLKELGLYNLMNITRGSVRIEKNNELCYLATIDW
SRILDSVEDNYIVLNKDDNEECGDICPGTAKGKTNCPATVINGQFVERCWTHSHCQKVCPTICKSHGCTAEGLCCHSECL
GNCSQPDDPTKCVACRNFYLDGRCVETCPPPYYHFQDWRCVNFSFCQDLHHKCKNSRRQGCHQYVIHNNKCIPECPSGYT
MNSSNLLCTPCLGPCPKVCHLLEGEKTIDSVTSAQELRGCTVINGSLIINIRGGNNLAAELEANLGLIEEISGYLKIRRS
YALVSLSFFRKLRLIRGETLEIGNYSFYALDNQNLRQLWDWSKHNLTITQGKLFFHYNPKLCLSEIHKMEEVSGTKGRQE
RNDIALKTNGDQASCENELLKFSYIRTSFDKILLRWEPYWPPDFRDLLGFMLFYKEAPYQNVTEFDGQDACGSNSWTVVD
IDPPLRSNDPKSQNHPGWLMRGLKPWTQYAIFVKTLVTFSDERRTYGAKSDIIYVQTDATNPSVPLDPISVSNSSSQIIL
KWKPPSDPNGNITHYLVFWERQAEDSELFELDYCLKGLKLPSRTWSPPFESEDSQKHNQSEYEDSAGECCSCPKTDSQIL
KELEESSFRKTFEDYLHNVVFVPRPSRKRRSLGDVGNVTVAVPTVAAFPNTSSTSVPTSPEEHRPFEKVVNKESLVISGL
RHFTGYRIELQACNQDTPEERCSVAAYVSARTMPEAKADDIVGPVTHEIFENNVVHLMWQEPKEPNGLIVLYEVSYRRYG
DEELHLCVSRKHFALERGCRLRGLSPGNYSVRIRATSLAGNGSWTEPTYFYVTDYLDVPSNIAKIIIGPLIFVFLFSVVI
GSIYLFLRKRQPDGPLGPLYASSNPEYLSASDVFPCSVYVPDEWEVSREKITLLRELGQGSFGMVYEGNARDIIKGEAET
RVAVKTVNESASLRERIEFLNEASVMKGFTCHHVVRLLGVVSKGQPTLVVMELMAHGDLKSYLRSLRPEAENNPGRPPPT
LQEMIQMAAEIADGMAYLNAKKFVHRDLAARNCMVAHDFTVKIGDFGMTRDIYETDYYRKGGKGLLPVRWMAPESLKDGV
FTTSSDMWSFGVVLWEITSLAEQPYQGLSNEQVLKFVMDGGYLDQPDNCPERVTDLMRMCWQFNPKMRPTFLEIVNLLKD
DLHPSFPEVSFFHSEENKAPESEELEMEFEDMENVPLDRSSHCQREEAGGRDGGSSLGFKRSYEEHIPYTHMNGGKKNGR
ILTLPRSNPS
;
C,D
#
# COMPACT_ATOMS: atom_id res chain seq x y z
N SER A 1 17.51 -2.67 44.42
CA SER A 1 16.78 -1.42 44.77
C SER A 1 15.51 -1.27 43.95
N GLU A 2 14.86 -0.11 44.08
CA GLU A 2 13.63 0.14 43.33
C GLU A 2 13.83 -0.08 41.84
N LEU A 3 15.01 0.24 41.32
CA LEU A 3 15.27 0.01 39.91
C LEU A 3 15.23 -1.49 39.59
N GLU A 4 15.68 -2.33 40.52
CA GLU A 4 15.69 -3.76 40.26
C GLU A 4 14.27 -4.31 40.16
N GLU A 5 13.40 -3.91 41.10
CA GLU A 5 12.01 -4.35 41.00
C GLU A 5 11.33 -3.74 39.77
N ILE A 6 11.73 -2.54 39.37
CA ILE A 6 11.19 -1.97 38.14
C ILE A 6 11.60 -2.82 36.94
N LYS A 7 12.86 -3.25 36.92
CA LYS A 7 13.30 -4.14 35.85
C LYS A 7 12.51 -5.44 35.86
N LYS A 8 12.26 -5.99 37.05
CA LYS A 8 11.48 -7.22 37.14
C LYS A 8 10.07 -7.01 36.62
N LEU A 9 9.44 -5.88 36.97
CA LEU A 9 8.09 -5.61 36.50
C LEU A 9 8.06 -5.44 35.00
N LEU A 10 9.02 -4.71 34.44
CA LEU A 10 9.09 -4.56 33.00
C LEU A 10 9.39 -5.88 32.31
N GLU A 11 10.14 -6.77 32.96
CA GLU A 11 10.37 -8.10 32.42
C GLU A 11 9.06 -8.88 32.35
N GLU A 12 8.30 -8.88 33.43
CA GLU A 12 7.01 -9.58 33.42
C GLU A 12 6.11 -9.01 32.33
N LEU A 13 6.08 -7.68 32.20
CA LEU A 13 5.28 -7.08 31.14
C LEU A 13 5.78 -7.50 29.76
N SER A 14 7.11 -7.63 29.61
CA SER A 14 7.67 -8.00 28.31
C SER A 14 7.21 -9.38 27.88
N LYS A 15 7.14 -10.33 28.83
CA LYS A 15 6.64 -11.66 28.50
C LYS A 15 5.32 -11.61 27.78
N THR A 16 4.58 -10.50 27.90
CA THR A 16 3.30 -10.35 27.24
C THR A 16 3.28 -9.28 26.15
N ASP A 17 4.28 -8.42 26.09
CA ASP A 17 4.28 -7.28 25.18
C ASP A 17 5.64 -7.13 24.51
N PRO A 18 5.69 -6.59 23.29
CA PRO A 18 6.99 -6.31 22.66
C PRO A 18 7.68 -5.08 23.21
N LEU A 19 6.91 -4.01 23.44
CA LEU A 19 7.50 -2.75 23.88
C LEU A 19 8.35 -2.96 25.12
N ALA A 20 7.80 -3.65 26.12
CA ALA A 20 8.57 -3.92 27.33
C ALA A 20 9.82 -4.73 27.03
N LYS A 21 9.76 -5.63 26.05
CA LYS A 21 10.94 -6.38 25.65
C LYS A 21 12.02 -5.44 25.15
N ASP A 22 11.65 -4.48 24.30
CA ASP A 22 12.63 -3.50 23.81
C ASP A 22 13.16 -2.66 24.96
N ILE A 23 12.30 -2.28 25.90
CA ILE A 23 12.74 -1.50 27.05
C ILE A 23 13.80 -2.26 27.82
N LEU A 24 13.54 -3.54 28.11
CA LEU A 24 14.51 -4.33 28.85
C LEU A 24 15.80 -4.49 28.05
N TRP A 25 15.69 -4.64 26.73
CA TRP A 25 16.92 -4.72 25.95
C TRP A 25 17.74 -3.45 26.08
N VAL A 26 17.09 -2.29 26.04
CA VAL A 26 17.80 -1.03 26.20
C VAL A 26 18.48 -0.99 27.57
N ILE A 27 17.75 -1.39 28.60
CA ILE A 27 18.33 -1.38 29.94
C ILE A 27 19.57 -2.26 29.98
N GLU A 28 19.49 -3.46 29.42
CA GLU A 28 20.63 -4.37 29.46
C GLU A 28 21.81 -3.83 28.69
N VAL A 29 21.57 -3.28 27.49
CA VAL A 29 22.68 -2.83 26.66
C VAL A 29 23.36 -1.62 27.28
N ARG A 30 22.59 -0.77 27.97
CA ARG A 30 23.21 0.32 28.71
C ARG A 30 23.98 -0.19 29.92
N GLU A 31 23.42 -1.17 30.63
CA GLU A 31 24.08 -1.73 31.80
C GLU A 31 25.45 -2.29 31.43
N GLU A 32 25.51 -3.07 30.35
CA GLU A 32 26.75 -3.75 30.01
C GLU A 32 27.86 -2.81 29.59
N ASP A 33 27.56 -1.53 29.35
CA ASP A 33 28.56 -0.56 28.93
C ASP A 33 28.98 0.39 30.03
N GLY A 34 28.58 0.13 31.27
CA GLY A 34 28.99 0.98 32.38
C GLY A 34 28.43 2.38 32.29
N HIS A 35 27.12 2.51 32.43
CA HIS A 35 26.46 3.81 32.45
C HIS A 35 25.36 3.80 33.50
N ASP A 36 25.03 4.97 34.01
CA ASP A 36 24.04 5.07 35.07
C ASP A 36 22.69 4.59 34.56
N PRO A 37 22.06 3.61 35.21
CA PRO A 37 20.71 3.20 34.76
C PRO A 37 19.69 4.32 34.85
N GLU A 38 19.88 5.30 35.73
CA GLU A 38 18.89 6.35 35.88
C GLU A 38 18.88 7.31 34.70
N SER A 39 20.06 7.60 34.13
CA SER A 39 20.11 8.42 32.93
C SER A 39 19.36 7.76 31.79
N GLU A 40 19.61 6.47 31.57
CA GLU A 40 18.85 5.75 30.55
C GLU A 40 17.38 5.67 30.92
N LEU A 41 17.05 5.68 32.21
CA LEU A 41 15.65 5.66 32.62
C LEU A 41 14.94 6.94 32.20
N VAL A 42 15.55 8.09 32.47
CA VAL A 42 14.94 9.34 32.05
C VAL A 42 14.86 9.39 30.53
N PHE A 43 15.92 8.97 29.84
CA PHE A 43 15.90 9.00 28.38
C PHE A 43 14.80 8.10 27.82
N ILE A 44 14.62 6.92 28.41
CA ILE A 44 13.64 5.98 27.88
C ILE A 44 12.24 6.49 28.18
N ARG A 45 12.03 7.14 29.31
CA ARG A 45 10.75 7.78 29.54
C ARG A 45 10.50 8.86 28.49
N GLN A 46 11.52 9.64 28.17
CA GLN A 46 11.36 10.67 27.14
C GLN A 46 10.99 10.04 25.80
N TYR A 47 11.65 8.93 25.46
CA TYR A 47 11.33 8.24 24.21
C TYR A 47 9.89 7.74 24.23
N LEU A 48 9.44 7.17 25.34
CA LEU A 48 8.05 6.75 25.43
C LEU A 48 7.12 7.93 25.20
N LYS A 49 7.43 9.07 25.84
CA LYS A 49 6.58 10.25 25.67
C LYS A 49 6.51 10.65 24.21
N THR A 50 7.65 10.76 23.54
CA THR A 50 7.65 11.20 22.15
C THR A 50 6.95 10.19 21.25
N LEU A 51 6.96 8.91 21.63
CA LEU A 51 6.24 7.91 20.84
C LEU A 51 4.75 8.24 20.81
N ASN A 52 4.22 8.71 21.93
CA ASN A 52 2.85 9.22 22.07
C ASN A 52 1.79 8.13 22.09
N GLU A 53 2.15 6.87 21.90
CA GLU A 53 1.17 5.80 21.97
C GLU A 53 0.65 5.67 23.40
N PRO A 54 -0.61 5.29 23.59
CA PRO A 54 -1.15 5.18 24.95
C PRO A 54 -0.32 4.22 25.80
N SER A 55 -0.20 2.97 25.35
CA SER A 55 0.64 1.95 25.98
C SER A 55 0.56 2.09 27.51
N PRO A 56 -0.64 1.97 28.09
CA PRO A 56 -0.81 2.43 29.48
C PRO A 56 0.05 1.79 30.56
N ALA A 57 0.33 0.48 30.47
CA ALA A 57 1.10 -0.16 31.51
C ALA A 57 2.51 0.42 31.60
N ARG A 58 3.18 0.58 30.46
CA ARG A 58 4.56 1.05 30.46
C ARG A 58 4.65 2.49 30.99
N LYS A 59 3.78 3.37 30.50
CA LYS A 59 3.76 4.73 31.01
C LYS A 59 3.44 4.75 32.50
N LEU A 60 2.55 3.86 32.94
CA LEU A 60 2.23 3.80 34.36
C LEU A 60 3.45 3.39 35.17
N ILE A 61 4.26 2.47 34.67
CA ILE A 61 5.51 2.14 35.36
C ILE A 61 6.43 3.36 35.38
N GLU A 62 6.56 4.02 34.23
CA GLU A 62 7.43 5.20 34.16
C GLU A 62 6.98 6.30 35.10
N SER A 63 5.70 6.31 35.50
CA SER A 63 5.28 7.20 36.57
C SER A 63 6.25 7.15 37.75
N TYR A 64 7.01 6.07 37.89
CA TYR A 64 8.10 6.07 38.85
C TYR A 64 9.03 7.25 38.61
N TRP A 65 9.26 7.63 37.36
CA TRP A 65 10.08 8.80 37.08
C TRP A 65 9.44 10.05 37.66
N ALA A 66 8.13 10.18 37.53
CA ALA A 66 7.44 11.30 38.17
C ALA A 66 7.67 11.29 39.66
N LYS A 67 7.61 10.11 40.27
CA LYS A 67 7.88 10.01 41.70
C LYS A 67 9.28 10.51 42.02
N LYS A 68 10.27 10.06 41.24
CA LYS A 68 11.66 10.42 41.53
C LYS A 68 11.88 11.92 41.38
N VAL A 69 11.36 12.50 40.30
CA VAL A 69 11.55 13.94 40.10
C VAL A 69 10.78 14.73 41.16
N LYS A 70 9.62 14.24 41.58
CA LYS A 70 8.87 14.93 42.63
C LYS A 70 9.66 14.93 43.92
N LYS A 71 10.30 13.82 44.25
CA LYS A 71 11.18 13.82 45.43
C LYS A 71 12.33 14.79 45.24
N LYS A 72 12.97 14.78 44.06
CA LYS A 72 14.11 15.64 43.83
C LYS A 72 13.74 17.11 43.98
N ALA A 73 12.53 17.46 43.53
CA ALA A 73 12.10 18.84 43.62
C ALA A 73 12.05 19.31 45.07
N PHE A 74 11.81 18.42 46.03
CA PHE A 74 11.83 18.83 47.42
C PHE A 74 13.22 19.28 47.82
N GLU A 75 14.25 18.53 47.46
CA GLU A 75 15.61 18.95 47.76
C GLU A 75 15.91 20.27 47.06
N ALA A 76 15.47 20.42 45.82
CA ALA A 76 15.70 21.67 45.11
C ALA A 76 15.05 22.84 45.82
N PHE A 77 13.79 22.67 46.24
CA PHE A 77 13.11 23.70 47.01
C PHE A 77 13.88 24.03 48.28
N MET A 78 14.35 23.01 49.00
CA MET A 78 15.01 23.26 50.29
C MET A 78 16.29 24.05 50.07
N LYS A 79 17.09 23.65 49.08
CA LYS A 79 18.27 24.43 48.72
C LYS A 79 17.89 25.88 48.41
N LEU A 80 16.83 26.08 47.62
CA LEU A 80 16.45 27.43 47.25
C LEU A 80 16.02 28.25 48.46
N MET A 81 15.33 27.62 49.41
CA MET A 81 14.96 28.34 50.62
C MET A 81 16.19 28.71 51.45
N ASP A 82 17.14 27.79 51.57
CA ASP A 82 18.37 28.11 52.29
C ASP A 82 19.10 29.27 51.63
N ALA A 83 19.21 29.24 50.30
CA ALA A 83 19.84 30.36 49.59
C ALA A 83 19.06 31.66 49.82
N LEU A 84 17.73 31.58 49.72
CA LEU A 84 16.91 32.78 49.87
C LEU A 84 17.13 33.43 51.23
N PHE A 85 17.16 32.62 52.29
CA PHE A 85 17.44 33.19 53.60
C PHE A 85 18.89 33.59 53.76
N LEU A 86 19.79 33.02 52.95
CA LEU A 86 21.23 33.29 53.08
C LEU A 86 21.85 33.79 51.78
N ALA A 87 21.03 34.28 50.84
CA ALA A 87 21.57 34.81 49.60
C ALA A 87 22.34 36.11 49.85
N LYS A 88 23.37 36.33 49.03
CA LYS A 88 24.24 37.49 49.20
C LYS A 88 23.71 38.74 48.51
N ASP A 89 22.69 38.63 47.66
CA ASP A 89 22.22 39.76 46.87
C ASP A 89 20.71 39.87 46.93
N PRO A 90 20.16 41.09 47.01
CA PRO A 90 18.69 41.22 47.01
C PRO A 90 18.03 40.71 45.75
N GLU A 91 18.62 40.96 44.58
CA GLU A 91 18.02 40.48 43.35
C GLU A 91 18.01 38.95 43.32
N ILE A 92 19.08 38.33 43.81
CA ILE A 92 19.09 36.87 43.93
C ILE A 92 17.97 36.42 44.86
N LYS A 93 17.73 37.17 45.94
CA LYS A 93 16.65 36.80 46.86
C LYS A 93 15.30 36.89 46.18
N LYS A 94 15.05 37.95 45.40
CA LYS A 94 13.78 38.06 44.72
C LYS A 94 13.61 36.94 43.69
N LYS A 95 14.67 36.63 42.95
CA LYS A 95 14.60 35.52 42.00
C LYS A 95 14.32 34.20 42.70
N ALA A 96 14.96 33.99 43.86
CA ALA A 96 14.71 32.77 44.62
C ALA A 96 13.26 32.70 45.09
N GLU A 97 12.71 33.83 45.55
CA GLU A 97 11.31 33.83 45.96
C GLU A 97 10.40 33.50 44.78
N GLU A 98 10.69 34.09 43.62
CA GLU A 98 9.90 33.77 42.43
C GLU A 98 9.98 32.30 42.09
N LEU A 99 11.19 31.73 42.18
CA LEU A 99 11.35 30.30 41.89
C LEU A 99 10.58 29.44 42.88
N ILE A 100 10.59 29.82 44.15
CA ILE A 100 9.86 29.05 45.16
C ILE A 100 8.37 29.07 44.84
N LYS A 101 7.85 30.25 44.51
CA LYS A 101 6.44 30.35 44.15
C LYS A 101 6.15 29.51 42.91
N LYS A 102 7.04 29.54 41.92
CA LYS A 102 6.84 28.75 40.72
C LYS A 102 6.83 27.26 41.04
N LEU A 103 7.73 26.81 41.91
CA LEU A 103 7.77 25.40 42.28
C LEU A 103 6.46 24.99 42.95
N LYS A 104 6.01 25.80 43.90
CA LYS A 104 4.76 25.46 44.60
C LYS A 104 3.60 25.41 43.61
N GLU A 105 3.50 26.38 42.71
CA GLU A 105 2.41 26.37 41.74
C GLU A 105 2.49 25.17 40.82
N ALA A 106 3.71 24.84 40.35
CA ALA A 106 3.87 23.71 39.44
C ALA A 106 3.44 22.42 40.10
N ASP A 107 3.83 22.23 41.37
CA ASP A 107 3.34 21.07 42.10
C ASP A 107 1.82 21.14 42.25
N GLU A 108 1.28 22.34 42.48
CA GLU A 108 -0.16 22.48 42.64
C GLU A 108 -0.89 21.94 41.41
N LYS A 109 -0.44 22.31 40.22
CA LYS A 109 -1.04 21.74 39.02
C LYS A 109 -0.63 20.30 38.80
N GLY A 110 0.32 19.78 39.58
CA GLY A 110 0.77 18.42 39.38
C GLY A 110 1.40 18.19 38.02
N ASP A 111 2.20 19.15 37.56
CA ASP A 111 2.84 19.09 36.24
C ASP A 111 4.31 18.76 36.45
N ILE A 112 4.74 17.62 35.91
CA ILE A 112 6.11 17.18 36.10
C ILE A 112 7.07 17.98 35.23
N GLU A 113 6.66 18.29 33.99
CA GLU A 113 7.55 18.98 33.08
C GLU A 113 7.98 20.32 33.65
N GLU A 114 7.03 21.09 34.16
CA GLU A 114 7.39 22.36 34.79
C GLU A 114 8.29 22.14 35.99
N LEU A 115 8.07 21.05 36.73
CA LEU A 115 8.93 20.75 37.86
C LEU A 115 10.37 20.58 37.41
N GLU A 116 10.58 19.85 36.32
CA GLU A 116 11.93 19.70 35.79
C GLU A 116 12.51 21.05 35.38
N LYS A 117 11.74 21.79 34.58
CA LYS A 117 12.23 23.06 34.06
C LYS A 117 12.57 24.03 35.19
N VAL A 118 11.88 23.90 36.33
CA VAL A 118 12.13 24.83 37.42
C VAL A 118 13.25 24.34 38.32
N VAL A 119 13.41 23.02 38.49
CA VAL A 119 14.54 22.56 39.28
C VAL A 119 15.84 22.86 38.58
N GLU A 120 15.86 22.88 37.25
CA GLU A 120 17.07 23.30 36.56
C GLU A 120 17.46 24.72 36.96
N GLU A 121 16.51 25.65 36.88
CA GLU A 121 16.78 27.02 37.32
C GLU A 121 17.15 27.06 38.79
N ALA A 122 16.57 26.17 39.59
CA ALA A 122 16.90 26.13 41.00
C ALA A 122 18.37 25.82 41.20
N GLU A 123 18.88 24.82 40.49
CA GLU A 123 20.29 24.50 40.61
C GLU A 123 21.16 25.63 40.08
N GLU A 124 20.73 26.27 38.98
CA GLU A 124 21.48 27.39 38.45
C GLU A 124 21.61 28.50 39.48
N VAL A 125 20.52 28.82 40.18
CA VAL A 125 20.56 29.86 41.20
C VAL A 125 21.41 29.41 42.38
N TYR A 126 21.26 28.14 42.79
CA TYR A 126 22.05 27.64 43.92
C TYR A 126 23.53 27.68 43.62
N GLU A 127 23.91 27.65 42.35
CA GLU A 127 25.33 27.75 42.02
C GLU A 127 25.94 29.01 42.61
N LYS A 128 25.22 30.13 42.56
CA LYS A 128 25.79 31.39 43.02
C LYS A 128 26.12 31.36 44.51
N VAL A 129 25.23 30.80 45.34
CA VAL A 129 25.47 30.80 46.78
C VAL A 129 26.71 29.97 47.11
N LYS A 130 26.92 28.88 46.37
CA LYS A 130 28.11 28.06 46.55
C LYS A 130 28.85 27.87 45.23
N SER B 1 -19.08 -3.32 -43.72
CA SER B 1 -17.86 -2.68 -44.30
C SER B 1 -16.63 -2.99 -43.45
N GLU B 2 -15.52 -2.34 -43.78
CA GLU B 2 -14.28 -2.55 -43.04
C GLU B 2 -14.48 -2.32 -41.56
N LEU B 3 -15.32 -1.35 -41.20
CA LEU B 3 -15.60 -1.12 -39.78
C LEU B 3 -16.25 -2.34 -39.15
N GLU B 4 -17.12 -3.02 -39.89
CA GLU B 4 -17.82 -4.17 -39.32
C GLU B 4 -16.84 -5.31 -39.04
N GLU B 5 -15.94 -5.60 -39.97
CA GLU B 5 -14.94 -6.62 -39.71
C GLU B 5 -13.97 -6.19 -38.61
N ILE B 6 -13.71 -4.88 -38.49
CA ILE B 6 -12.89 -4.40 -37.38
C ILE B 6 -13.60 -4.67 -36.06
N LYS B 7 -14.91 -4.41 -36.02
CA LYS B 7 -15.67 -4.71 -34.80
C LYS B 7 -15.61 -6.19 -34.50
N LYS B 8 -15.73 -7.03 -35.52
CA LYS B 8 -15.66 -8.48 -35.30
C LYS B 8 -14.30 -8.88 -34.75
N LEU B 9 -13.22 -8.31 -35.31
CA LEU B 9 -11.89 -8.64 -34.83
C LEU B 9 -11.69 -8.20 -33.40
N LEU B 10 -12.15 -6.99 -33.07
CA LEU B 10 -12.04 -6.52 -31.70
C LEU B 10 -12.91 -7.34 -30.75
N GLU B 11 -14.03 -7.86 -31.25
CA GLU B 11 -14.86 -8.75 -30.44
C GLU B 11 -14.11 -10.03 -30.13
N GLU B 12 -13.50 -10.65 -31.14
CA GLU B 12 -12.73 -11.86 -30.91
C GLU B 12 -11.60 -11.59 -29.92
N LEU B 13 -10.91 -10.46 -30.07
CA LEU B 13 -9.87 -10.12 -29.12
C LEU B 13 -10.44 -9.93 -27.72
N SER B 14 -11.63 -9.36 -27.61
CA SER B 14 -12.24 -9.10 -26.31
C SER B 14 -12.49 -10.41 -25.57
N LYS B 15 -12.94 -11.45 -26.28
CA LYS B 15 -13.15 -12.74 -25.65
C LYS B 15 -11.92 -13.21 -24.87
N THR B 16 -10.74 -12.65 -25.18
CA THR B 16 -9.51 -13.01 -24.51
C THR B 16 -8.92 -11.89 -23.67
N ASP B 17 -9.35 -10.64 -23.87
CA ASP B 17 -8.74 -9.49 -23.23
C ASP B 17 -9.81 -8.56 -22.70
N PRO B 18 -9.52 -7.77 -21.64
CA PRO B 18 -10.50 -6.80 -21.16
C PRO B 18 -10.50 -5.51 -21.96
N LEU B 19 -9.33 -5.07 -22.41
CA LEU B 19 -9.24 -3.81 -23.13
C LEU B 19 -10.15 -3.83 -24.35
N ALA B 20 -10.08 -4.90 -25.15
CA ALA B 20 -10.96 -5.00 -26.30
C ALA B 20 -12.42 -5.01 -25.90
N LYS B 21 -12.74 -5.59 -24.74
CA LYS B 21 -14.12 -5.54 -24.26
C LYS B 21 -14.56 -4.10 -24.03
N ASP B 22 -13.71 -3.30 -23.40
CA ASP B 22 -14.06 -1.90 -23.19
C ASP B 22 -14.17 -1.16 -24.51
N ILE B 23 -13.29 -1.47 -25.46
CA ILE B 23 -13.36 -0.84 -26.77
C ILE B 23 -14.71 -1.13 -27.42
N LEU B 24 -15.11 -2.40 -27.41
CA LEU B 24 -16.39 -2.75 -28.02
C LEU B 24 -17.54 -2.08 -27.29
N TRP B 25 -17.45 -1.97 -25.96
CA TRP B 25 -18.52 -1.26 -25.24
C TRP B 25 -18.60 0.18 -25.69
N VAL B 26 -17.46 0.85 -25.87
CA VAL B 26 -17.48 2.23 -26.34
C VAL B 26 -18.13 2.30 -27.71
N ILE B 27 -17.75 1.38 -28.60
CA ILE B 27 -18.34 1.39 -29.94
C ILE B 27 -19.85 1.24 -29.86
N GLU B 28 -20.32 0.32 -29.03
CA GLU B 28 -21.76 0.09 -28.94
C GLU B 28 -22.49 1.30 -28.38
N VAL B 29 -21.94 1.90 -27.31
CA VAL B 29 -22.64 3.01 -26.67
C VAL B 29 -22.63 4.23 -27.59
N ARG B 30 -21.61 4.38 -28.43
CA ARG B 30 -21.67 5.44 -29.43
C ARG B 30 -22.64 5.12 -30.56
N GLU B 31 -22.69 3.87 -31.01
CA GLU B 31 -23.64 3.50 -32.05
C GLU B 31 -25.06 3.81 -31.62
N GLU B 32 -25.42 3.40 -30.40
CA GLU B 32 -26.82 3.51 -29.98
C GLU B 32 -27.30 4.95 -29.86
N ASP B 33 -26.39 5.93 -29.87
CA ASP B 33 -26.76 7.34 -29.73
C ASP B 33 -26.72 8.09 -31.05
N GLY B 34 -26.58 7.39 -32.16
CA GLY B 34 -26.56 8.05 -33.46
C GLY B 34 -25.40 8.99 -33.64
N HIS B 35 -24.19 8.44 -33.70
CA HIS B 35 -22.98 9.22 -33.98
C HIS B 35 -22.09 8.43 -34.93
N ASP B 36 -21.27 9.16 -35.67
CA ASP B 36 -20.42 8.52 -36.66
C ASP B 36 -19.45 7.57 -35.98
N PRO B 37 -19.42 6.29 -36.37
CA PRO B 37 -18.43 5.39 -35.76
C PRO B 37 -16.99 5.80 -36.04
N GLU B 38 -16.73 6.52 -37.12
CA GLU B 38 -15.35 6.89 -37.44
C GLU B 38 -14.82 7.95 -36.49
N SER B 39 -15.66 8.90 -36.07
CA SER B 39 -15.22 9.88 -35.08
C SER B 39 -14.82 9.19 -33.78
N GLU B 40 -15.67 8.28 -33.30
CA GLU B 40 -15.31 7.52 -32.12
C GLU B 40 -14.08 6.64 -32.37
N LEU B 41 -13.87 6.21 -33.62
CA LEU B 41 -12.69 5.42 -33.92
C LEU B 41 -11.42 6.24 -33.75
N VAL B 42 -11.40 7.45 -34.30
CA VAL B 42 -10.23 8.30 -34.12
C VAL B 42 -10.04 8.63 -32.65
N PHE B 43 -11.14 8.94 -31.95
CA PHE B 43 -11.02 9.27 -30.52
C PHE B 43 -10.47 8.10 -29.72
N ILE B 44 -10.94 6.88 -30.02
CA ILE B 44 -10.51 5.73 -29.26
C ILE B 44 -9.06 5.39 -29.56
N ARG B 45 -8.62 5.60 -30.81
CA ARG B 45 -7.21 5.47 -31.10
C ARG B 45 -6.39 6.47 -30.30
N GLN B 46 -6.87 7.70 -30.21
CA GLN B 46 -6.17 8.71 -29.42
C GLN B 46 -6.09 8.29 -27.96
N TYR B 47 -7.19 7.75 -27.42
CA TYR B 47 -7.18 7.28 -26.04
C TYR B 47 -6.17 6.16 -25.85
N LEU B 48 -6.13 5.22 -26.79
CA LEU B 48 -5.14 4.16 -26.71
C LEU B 48 -3.73 4.75 -26.70
N LYS B 49 -3.48 5.71 -27.57
CA LYS B 49 -2.16 6.33 -27.62
C LYS B 49 -1.80 6.96 -26.28
N THR B 50 -2.71 7.74 -25.71
CA THR B 50 -2.42 8.42 -24.45
C THR B 50 -2.24 7.41 -23.32
N LEU B 51 -2.92 6.27 -23.40
CA LEU B 51 -2.73 5.23 -22.38
C LEU B 51 -1.28 4.79 -22.34
N ASN B 52 -0.64 4.67 -23.50
CA ASN B 52 0.78 4.41 -23.67
C ASN B 52 1.16 2.96 -23.40
N GLU B 53 0.24 2.11 -22.96
CA GLU B 53 0.57 0.73 -22.74
C GLU B 53 0.87 0.04 -24.08
N PRO B 54 1.77 -0.94 -24.09
CA PRO B 54 2.10 -1.59 -25.37
C PRO B 54 0.87 -2.18 -26.04
N SER B 55 0.18 -3.08 -25.35
CA SER B 55 -1.09 -3.65 -25.78
C SER B 55 -1.05 -3.90 -27.30
N PRO B 56 -0.09 -4.71 -27.77
CA PRO B 56 0.20 -4.71 -29.22
C PRO B 56 -0.93 -5.07 -30.17
N ALA B 57 -1.81 -6.01 -29.82
CA ALA B 57 -2.87 -6.40 -30.75
C ALA B 57 -3.80 -5.24 -31.03
N ARG B 58 -4.23 -4.53 -29.99
CA ARG B 58 -5.20 -3.45 -30.18
C ARG B 58 -4.60 -2.31 -31.00
N LYS B 59 -3.38 -1.90 -30.68
CA LYS B 59 -2.73 -0.86 -31.47
C LYS B 59 -2.52 -1.33 -32.91
N LEU B 60 -2.21 -2.61 -33.09
CA LEU B 60 -2.05 -3.13 -34.44
C LEU B 60 -3.35 -3.05 -35.22
N ILE B 61 -4.49 -3.32 -34.57
CA ILE B 61 -5.77 -3.13 -35.24
C ILE B 61 -5.98 -1.66 -35.57
N GLU B 62 -5.69 -0.78 -34.61
CA GLU B 62 -5.87 0.65 -34.86
C GLU B 62 -4.98 1.16 -35.98
N SER B 63 -3.91 0.44 -36.31
CA SER B 63 -3.16 0.77 -37.51
C SER B 63 -4.08 0.94 -38.72
N TYR B 64 -5.29 0.37 -38.66
CA TYR B 64 -6.29 0.71 -39.65
C TYR B 64 -6.51 2.21 -39.74
N TRP B 65 -6.44 2.91 -38.60
CA TRP B 65 -6.56 4.36 -38.63
C TRP B 65 -5.43 4.99 -39.43
N ALA B 66 -4.21 4.47 -39.25
CA ALA B 66 -3.10 4.94 -40.06
C ALA B 66 -3.39 4.72 -41.54
N LYS B 67 -3.95 3.56 -41.88
CA LYS B 67 -4.31 3.31 -43.27
C LYS B 67 -5.30 4.35 -43.77
N LYS B 68 -6.35 4.63 -42.97
CA LYS B 68 -7.39 5.55 -43.41
C LYS B 68 -6.83 6.95 -43.60
N VAL B 69 -6.03 7.43 -42.64
CA VAL B 69 -5.48 8.77 -42.77
C VAL B 69 -4.50 8.83 -43.93
N LYS B 70 -3.74 7.75 -44.16
CA LYS B 70 -2.82 7.75 -45.29
C LYS B 70 -3.57 7.86 -46.60
N LYS B 71 -4.70 7.17 -46.72
CA LYS B 71 -5.52 7.34 -47.91
C LYS B 71 -6.05 8.77 -48.01
N LYS B 72 -6.53 9.32 -46.89
CA LYS B 72 -7.09 10.67 -46.91
C LYS B 72 -6.05 11.70 -47.35
N ALA B 73 -4.80 11.49 -46.92
CA ALA B 73 -3.75 12.42 -47.29
C ALA B 73 -3.56 12.49 -48.79
N PHE B 74 -3.85 11.41 -49.52
CA PHE B 74 -3.74 11.46 -50.97
C PHE B 74 -4.74 12.44 -51.55
N GLU B 75 -5.99 12.38 -51.08
CA GLU B 75 -6.98 13.35 -51.54
C GLU B 75 -6.57 14.76 -51.17
N ALA B 76 -6.04 14.93 -49.95
CA ALA B 76 -5.58 16.26 -49.55
C ALA B 76 -4.48 16.76 -50.47
N PHE B 77 -3.49 15.92 -50.76
CA PHE B 77 -2.44 16.28 -51.69
C PHE B 77 -3.01 16.67 -53.05
N MET B 78 -3.97 15.89 -53.56
CA MET B 78 -4.49 16.14 -54.90
C MET B 78 -5.20 17.49 -54.94
N LYS B 79 -6.04 17.75 -53.94
CA LYS B 79 -6.66 19.07 -53.82
C LYS B 79 -5.60 20.17 -53.81
N LEU B 80 -4.54 19.98 -53.02
CA LEU B 80 -3.52 21.02 -52.92
C LEU B 80 -2.81 21.24 -54.25
N MET B 81 -2.58 20.17 -55.01
CA MET B 81 -1.96 20.33 -56.31
C MET B 81 -2.89 21.06 -57.27
N ASP B 82 -4.18 20.72 -57.25
CA ASP B 82 -5.14 21.44 -58.09
C ASP B 82 -5.16 22.93 -57.74
N ALA B 83 -5.19 23.25 -56.45
CA ALA B 83 -5.15 24.65 -56.04
C ALA B 83 -3.86 25.31 -56.49
N LEU B 84 -2.72 24.62 -56.31
CA LEU B 84 -1.44 25.19 -56.67
C LEU B 84 -1.38 25.55 -58.14
N PHE B 85 -1.86 24.66 -59.01
CA PHE B 85 -1.90 24.99 -60.41
C PHE B 85 -2.98 26.01 -60.74
N LEU B 86 -3.99 26.16 -59.88
CA LEU B 86 -5.12 27.05 -60.14
C LEU B 86 -5.33 28.06 -59.02
N ALA B 87 -4.34 28.27 -58.17
CA ALA B 87 -4.47 29.26 -57.10
C ALA B 87 -4.51 30.67 -57.67
N LYS B 88 -5.25 31.54 -56.98
CA LYS B 88 -5.45 32.91 -57.44
C LYS B 88 -4.33 33.86 -57.02
N ASP B 89 -3.45 33.44 -56.10
CA ASP B 89 -2.44 34.33 -55.54
C ASP B 89 -1.07 33.67 -55.54
N PRO B 90 -0.01 34.42 -55.85
CA PRO B 90 1.34 33.81 -55.80
C PRO B 90 1.74 33.33 -54.42
N GLU B 91 1.42 34.08 -53.37
CA GLU B 91 1.76 33.63 -52.02
C GLU B 91 1.02 32.35 -51.67
N ILE B 92 -0.24 32.25 -52.07
CA ILE B 92 -0.96 30.99 -51.87
C ILE B 92 -0.27 29.87 -52.62
N LYS B 93 0.25 30.15 -53.82
CA LYS B 93 0.94 29.12 -54.58
C LYS B 93 2.20 28.66 -53.86
N LYS B 94 2.97 29.60 -53.31
CA LYS B 94 4.18 29.23 -52.59
C LYS B 94 3.85 28.42 -51.34
N LYS B 95 2.79 28.83 -50.62
CA LYS B 95 2.38 28.07 -49.44
C LYS B 95 1.92 26.67 -49.83
N ALA B 96 1.21 26.54 -50.95
CA ALA B 96 0.78 25.24 -51.41
C ALA B 96 1.98 24.37 -51.77
N GLU B 97 2.99 24.94 -52.43
CA GLU B 97 4.18 24.16 -52.76
C GLU B 97 4.87 23.70 -51.48
N GLU B 98 4.98 24.58 -50.49
CA GLU B 98 5.58 24.20 -49.22
C GLU B 98 4.79 23.06 -48.58
N LEU B 99 3.47 23.14 -48.61
CA LEU B 99 2.64 22.09 -48.02
C LEU B 99 2.82 20.78 -48.76
N ILE B 100 2.92 20.82 -50.09
CA ILE B 100 3.13 19.60 -50.86
C ILE B 100 4.46 18.95 -50.46
N LYS B 101 5.51 19.76 -50.37
CA LYS B 101 6.80 19.22 -49.95
C LYS B 101 6.71 18.64 -48.54
N LYS B 102 6.01 19.32 -47.65
CA LYS B 102 5.86 18.81 -46.28
C LYS B 102 5.12 17.49 -46.28
N LEU B 103 4.06 17.36 -47.08
CA LEU B 103 3.32 16.10 -47.14
C LEU B 103 4.22 14.98 -47.63
N LYS B 104 4.96 15.23 -48.72
CA LYS B 104 5.83 14.19 -49.24
C LYS B 104 6.86 13.77 -48.21
N GLU B 105 7.48 14.74 -47.52
CA GLU B 105 8.49 14.40 -46.51
C GLU B 105 7.86 13.63 -45.36
N ALA B 106 6.69 14.05 -44.90
CA ALA B 106 6.04 13.38 -43.78
C ALA B 106 5.73 11.94 -44.13
N ASP B 107 5.22 11.69 -45.34
CA ASP B 107 5.05 10.31 -45.77
C ASP B 107 6.39 9.59 -45.86
N GLU B 108 7.43 10.29 -46.31
CA GLU B 108 8.75 9.67 -46.40
C GLU B 108 9.18 9.12 -45.06
N LYS B 109 9.04 9.91 -44.00
CA LYS B 109 9.35 9.39 -42.68
C LYS B 109 8.29 8.41 -42.17
N GLY B 110 7.17 8.28 -42.87
CA GLY B 110 6.11 7.39 -42.40
C GLY B 110 5.54 7.82 -41.07
N ASP B 111 5.35 9.12 -40.87
CA ASP B 111 4.84 9.67 -39.61
C ASP B 111 3.39 10.07 -39.83
N ILE B 112 2.49 9.44 -39.09
CA ILE B 112 1.07 9.70 -39.26
C ILE B 112 0.68 11.04 -38.63
N GLU B 113 1.25 11.36 -37.47
CA GLU B 113 0.87 12.58 -36.77
C GLU B 113 1.12 13.80 -37.65
N GLU B 114 2.30 13.88 -38.27
CA GLU B 114 2.59 14.98 -39.16
C GLU B 114 1.62 14.98 -40.34
N LEU B 115 1.23 13.80 -40.81
CA LEU B 115 0.27 13.73 -41.89
C LEU B 115 -1.04 14.40 -41.50
N GLU B 116 -1.53 14.11 -40.30
CA GLU B 116 -2.75 14.76 -39.82
C GLU B 116 -2.56 16.26 -39.74
N LYS B 117 -1.48 16.68 -39.07
CA LYS B 117 -1.26 18.12 -38.88
C LYS B 117 -1.14 18.85 -40.20
N VAL B 118 -0.68 18.15 -41.25
CA VAL B 118 -0.49 18.82 -42.52
C VAL B 118 -1.76 18.77 -43.35
N VAL B 119 -2.55 17.71 -43.25
CA VAL B 119 -3.81 17.69 -43.99
C VAL B 119 -4.76 18.75 -43.44
N GLU B 120 -4.66 19.06 -42.15
CA GLU B 120 -5.47 20.17 -41.63
C GLU B 120 -5.13 21.47 -42.36
N GLU B 121 -3.84 21.79 -42.44
CA GLU B 121 -3.42 22.98 -43.16
C GLU B 121 -3.81 22.88 -44.64
N ALA B 122 -3.81 21.67 -45.19
CA ALA B 122 -4.22 21.49 -46.57
C ALA B 122 -5.66 21.92 -46.76
N GLU B 123 -6.55 21.49 -45.87
CA GLU B 123 -7.94 21.91 -45.98
C GLU B 123 -8.07 23.41 -45.77
N GLU B 124 -7.30 23.97 -44.84
CA GLU B 124 -7.34 25.41 -44.63
C GLU B 124 -6.99 26.16 -45.90
N VAL B 125 -5.93 25.72 -46.59
CA VAL B 125 -5.53 26.39 -47.82
C VAL B 125 -6.57 26.17 -48.92
N TYR B 126 -7.10 24.94 -49.02
CA TYR B 126 -8.09 24.66 -50.04
C TYR B 126 -9.35 25.48 -49.84
N GLU B 127 -9.61 25.94 -48.61
CA GLU B 127 -10.77 26.79 -48.39
C GLU B 127 -10.72 28.03 -49.29
N LYS B 128 -9.54 28.62 -49.44
CA LYS B 128 -9.44 29.87 -50.20
C LYS B 128 -9.82 29.67 -51.66
N VAL B 129 -9.38 28.58 -52.28
CA VAL B 129 -9.68 28.39 -53.71
C VAL B 129 -11.17 28.23 -53.91
N LYS B 130 -11.86 27.58 -52.98
CA LYS B 130 -13.30 27.42 -53.05
C LYS B 130 -13.96 27.91 -51.76
N GLY C 32 21.12 -4.83 -69.87
CA GLY C 32 20.37 -3.69 -69.26
C GLY C 32 21.25 -2.77 -68.43
N GLU C 33 20.71 -1.62 -68.05
CA GLU C 33 21.45 -0.64 -67.25
C GLU C 33 20.53 -0.11 -66.16
N VAL C 34 21.12 0.18 -65.00
CA VAL C 34 20.37 0.63 -63.82
C VAL C 34 20.45 2.14 -63.73
N CYS C 35 19.44 2.75 -63.10
CA CYS C 35 19.40 4.19 -62.93
C CYS C 35 18.79 4.57 -61.59
N PRO C 36 18.88 5.83 -61.17
CA PRO C 36 18.13 6.27 -60.00
C PRO C 36 16.71 6.66 -60.39
N GLY C 37 15.93 7.17 -59.46
CA GLY C 37 14.54 7.55 -59.73
C GLY C 37 14.37 9.05 -59.77
N MET C 38 13.59 9.53 -60.74
CA MET C 38 13.40 10.96 -60.94
C MET C 38 11.96 11.20 -61.35
N ASP C 39 11.50 12.42 -61.14
CA ASP C 39 10.15 12.83 -61.51
C ASP C 39 10.22 13.93 -62.55
N ILE C 40 9.29 13.89 -63.50
CA ILE C 40 9.25 14.80 -64.63
C ILE C 40 8.03 15.69 -64.47
N ARG C 41 8.18 16.97 -64.78
CA ARG C 41 7.08 17.94 -64.64
C ARG C 41 7.05 18.87 -65.85
N ASN C 42 5.98 18.76 -66.64
CA ASN C 42 5.67 19.70 -67.71
C ASN C 42 6.82 19.86 -68.71
N ASN C 43 7.77 18.93 -68.72
CA ASN C 43 8.88 18.97 -69.67
C ASN C 43 9.12 17.54 -70.14
N LEU C 44 8.45 17.15 -71.22
CA LEU C 44 8.63 15.81 -71.77
C LEU C 44 10.04 15.60 -72.31
N THR C 45 10.82 16.67 -72.47
CA THR C 45 12.20 16.52 -72.90
C THR C 45 12.98 15.63 -71.92
N ARG C 46 12.79 15.86 -70.62
CA ARG C 46 13.52 15.09 -69.61
C ARG C 46 13.28 13.59 -69.77
N LEU C 47 12.11 13.20 -70.28
CA LEU C 47 11.78 11.79 -70.36
C LEU C 47 12.74 11.02 -71.26
N HIS C 48 13.47 11.70 -72.14
CA HIS C 48 14.39 11.03 -73.04
C HIS C 48 15.56 10.38 -72.32
N GLU C 49 15.77 10.68 -71.03
CA GLU C 49 16.91 10.18 -70.29
C GLU C 49 16.81 8.71 -69.95
N LEU C 50 15.66 8.07 -70.18
CA LEU C 50 15.46 6.68 -69.80
C LEU C 50 15.76 5.71 -70.93
N GLU C 51 16.23 6.19 -72.08
CA GLU C 51 16.50 5.30 -73.20
C GLU C 51 17.53 4.24 -72.82
N ASN C 52 18.53 4.61 -72.01
CA ASN C 52 19.59 3.71 -71.58
C ASN C 52 19.32 3.17 -70.18
N CYS C 53 18.06 2.91 -69.84
CA CYS C 53 17.68 2.50 -68.50
C CYS C 53 17.00 1.14 -68.54
N SER C 54 17.14 0.41 -67.45
CA SER C 54 16.49 -0.89 -67.30
C SER C 54 15.69 -1.01 -66.01
N VAL C 55 16.17 -0.39 -64.93
CA VAL C 55 15.48 -0.42 -63.65
C VAL C 55 15.53 0.97 -63.05
N ILE C 56 14.40 1.43 -62.51
CA ILE C 56 14.33 2.73 -61.86
C ILE C 56 14.54 2.48 -60.36
N GLU C 57 15.76 2.68 -59.89
CA GLU C 57 16.05 2.47 -58.48
C GLU C 57 15.41 3.59 -57.68
N GLY C 58 14.10 3.67 -57.72
CA GLY C 58 13.36 4.78 -57.15
C GLY C 58 11.92 4.75 -57.59
N HIS C 59 11.34 5.91 -57.90
CA HIS C 59 9.97 5.98 -58.38
C HIS C 59 9.88 6.92 -59.57
N LEU C 60 9.22 6.45 -60.63
CA LEU C 60 8.87 7.33 -61.72
C LEU C 60 7.88 8.38 -61.25
N GLN C 61 7.63 9.37 -62.11
CA GLN C 61 6.56 10.32 -61.87
C GLN C 61 6.37 11.23 -63.08
N ILE C 62 5.14 11.44 -63.48
CA ILE C 62 4.80 12.32 -64.59
C ILE C 62 3.58 13.13 -64.15
N LEU C 63 3.59 14.43 -64.40
CA LEU C 63 2.44 15.22 -64.00
C LEU C 63 2.55 16.61 -64.61
N LEU C 64 1.38 17.16 -64.93
CA LEU C 64 1.27 18.52 -65.47
C LEU C 64 1.96 18.62 -66.83
N MET C 65 1.59 17.71 -67.73
CA MET C 65 2.07 17.75 -69.11
C MET C 65 1.11 18.53 -70.00
N PHE C 66 0.76 19.74 -69.57
CA PHE C 66 -0.18 20.55 -70.33
C PHE C 66 0.38 20.94 -71.69
N LYS C 67 1.66 21.32 -71.73
CA LYS C 67 2.29 21.66 -73.00
C LYS C 67 2.25 20.50 -73.98
N THR C 68 2.26 19.27 -73.46
CA THR C 68 2.31 18.09 -74.30
C THR C 68 1.01 17.93 -75.07
N ARG C 69 1.11 17.24 -76.20
CA ARG C 69 -0.02 16.99 -77.08
C ARG C 69 0.04 15.54 -77.54
N PRO C 70 -1.07 15.01 -78.06
CA PRO C 70 -1.05 13.61 -78.52
C PRO C 70 0.04 13.33 -79.55
N GLU C 71 0.43 14.34 -80.32
CA GLU C 71 1.49 14.16 -81.32
C GLU C 71 2.83 13.83 -80.68
N ASP C 72 2.98 14.01 -79.37
CA ASP C 72 4.25 13.76 -78.70
C ASP C 72 4.41 12.29 -78.29
N PHE C 73 3.46 11.76 -77.53
CA PHE C 73 3.60 10.45 -76.91
C PHE C 73 2.94 9.33 -77.70
N ARG C 74 2.36 9.62 -78.86
CA ARG C 74 1.65 8.57 -79.60
C ARG C 74 2.58 7.42 -79.95
N ASP C 75 3.88 7.68 -80.11
CA ASP C 75 4.83 6.63 -80.44
C ASP C 75 6.11 6.69 -79.63
N LEU C 76 6.30 7.69 -78.77
CA LEU C 76 7.49 7.74 -77.94
C LEU C 76 7.50 6.55 -76.99
N SER C 77 8.55 5.74 -77.08
CA SER C 77 8.62 4.47 -76.36
C SER C 77 9.98 4.31 -75.71
N PHE C 78 10.02 3.48 -74.66
CA PHE C 78 11.26 3.17 -73.95
C PHE C 78 11.17 1.74 -73.45
N PRO C 79 11.19 0.78 -74.37
CA PRO C 79 10.94 -0.62 -73.96
C PRO C 79 11.98 -1.18 -73.02
N LYS C 80 13.17 -0.58 -72.94
CA LYS C 80 14.22 -1.18 -72.12
C LYS C 80 13.78 -1.33 -70.67
N LEU C 81 12.92 -0.43 -70.19
CA LEU C 81 12.49 -0.51 -68.80
C LEU C 81 11.89 -1.88 -68.52
N ILE C 82 12.32 -2.51 -67.43
CA ILE C 82 11.90 -3.87 -67.14
C ILE C 82 11.39 -4.01 -65.71
N MET C 83 11.70 -3.05 -64.84
CA MET C 83 11.21 -3.18 -63.47
C MET C 83 11.43 -1.93 -62.64
N ILE C 84 10.41 -1.51 -61.90
CA ILE C 84 10.48 -0.38 -61.01
C ILE C 84 10.73 -0.90 -59.60
N THR C 85 11.00 0.00 -58.66
CA THR C 85 11.19 -0.41 -57.28
C THR C 85 10.27 0.27 -56.28
N ASP C 86 9.77 1.48 -56.55
CA ASP C 86 8.93 2.18 -55.58
C ASP C 86 7.50 2.42 -56.04
N TYR C 87 7.28 3.17 -57.11
CA TYR C 87 5.92 3.38 -57.58
C TYR C 87 5.86 4.21 -58.85
N LEU C 88 4.87 3.96 -59.70
CA LEU C 88 4.61 4.81 -60.85
C LEU C 88 3.79 6.01 -60.40
N LEU C 89 3.37 6.82 -61.36
CA LEU C 89 2.37 7.85 -61.15
C LEU C 89 2.11 8.54 -62.47
N LEU C 90 0.97 9.22 -62.56
CA LEU C 90 0.66 10.05 -63.70
C LEU C 90 -0.35 11.09 -63.26
N PHE C 91 -0.48 12.16 -64.03
CA PHE C 91 -1.46 13.18 -63.70
C PHE C 91 -1.59 14.20 -64.83
N ARG C 92 -2.83 14.49 -65.25
CA ARG C 92 -3.08 15.51 -66.27
C ARG C 92 -2.21 15.32 -67.50
N VAL C 93 -1.87 14.07 -67.82
CA VAL C 93 -1.01 13.78 -68.96
C VAL C 93 -1.88 13.89 -70.22
N TYR C 94 -1.83 15.04 -70.87
CA TYR C 94 -2.61 15.29 -72.07
C TYR C 94 -1.84 14.82 -73.30
N GLY C 95 -2.35 13.79 -73.97
CA GLY C 95 -1.70 13.27 -75.15
C GLY C 95 -1.55 11.76 -75.11
N LEU C 96 -1.42 11.20 -73.91
CA LEU C 96 -1.26 9.76 -73.77
C LEU C 96 -2.49 9.03 -74.28
N GLU C 97 -2.33 8.30 -75.40
CA GLU C 97 -3.43 7.49 -75.91
C GLU C 97 -3.49 6.15 -75.21
N SER C 98 -2.37 5.44 -75.17
CA SER C 98 -2.30 4.15 -74.49
C SER C 98 -0.96 4.07 -73.76
N LEU C 99 -1.03 3.77 -72.46
CA LEU C 99 0.19 3.67 -71.67
C LEU C 99 1.11 2.57 -72.18
N LYS C 100 0.58 1.60 -72.91
CA LYS C 100 1.41 0.52 -73.42
C LYS C 100 2.54 1.03 -74.31
N ASP C 101 2.33 2.16 -74.98
CA ASP C 101 3.35 2.68 -75.87
C ASP C 101 4.61 3.09 -75.14
N LEU C 102 4.57 3.22 -73.81
CA LEU C 102 5.70 3.69 -73.03
C LEU C 102 6.49 2.54 -72.40
N PHE C 103 5.82 1.67 -71.64
CA PHE C 103 6.48 0.63 -70.86
C PHE C 103 6.02 -0.74 -71.34
N PRO C 104 6.33 -1.10 -72.58
CA PRO C 104 5.88 -2.41 -73.08
C PRO C 104 6.41 -3.58 -72.28
N ASN C 105 7.60 -3.45 -71.70
CA ASN C 105 8.23 -4.56 -70.99
C ASN C 105 8.18 -4.43 -69.48
N LEU C 106 7.59 -3.36 -68.96
CA LEU C 106 7.49 -3.23 -67.50
C LEU C 106 6.83 -4.46 -66.93
N THR C 107 7.45 -5.06 -65.93
CA THR C 107 6.99 -6.35 -65.43
C THR C 107 6.69 -6.36 -63.94
N VAL C 108 7.49 -5.69 -63.12
CA VAL C 108 7.35 -5.76 -61.67
C VAL C 108 7.43 -4.37 -61.08
N ILE C 109 6.47 -4.05 -60.21
CA ILE C 109 6.51 -2.83 -59.42
C ILE C 109 6.73 -3.25 -57.97
N ARG C 110 7.98 -3.27 -57.53
CA ARG C 110 8.26 -3.79 -56.20
C ARG C 110 7.44 -3.08 -55.14
N GLY C 111 7.15 -1.80 -55.34
CA GLY C 111 6.42 -1.07 -54.32
C GLY C 111 7.07 -1.12 -52.97
N SER C 112 8.39 -1.25 -52.92
CA SER C 112 9.07 -1.19 -51.63
C SER C 112 8.86 0.15 -50.95
N ARG C 113 8.77 1.22 -51.75
CA ARG C 113 8.42 2.54 -51.26
C ARG C 113 7.15 2.98 -51.96
N LEU C 114 6.15 3.37 -51.19
CA LEU C 114 4.81 3.57 -51.70
C LEU C 114 4.43 5.05 -51.69
N PHE C 115 3.69 5.46 -52.71
CA PHE C 115 3.13 6.82 -52.80
C PHE C 115 1.77 6.80 -52.11
N PHE C 116 1.79 6.93 -50.79
CA PHE C 116 0.59 6.82 -49.97
C PHE C 116 -0.02 5.42 -50.12
N ASN C 117 0.76 4.42 -49.76
CA ASN C 117 0.34 3.02 -49.80
C ASN C 117 -0.21 2.62 -51.17
N TYR C 118 0.13 3.38 -52.22
CA TYR C 118 -0.34 3.11 -53.57
C TYR C 118 0.88 2.82 -54.44
N ALA C 119 0.93 1.61 -55.01
CA ALA C 119 2.04 1.28 -55.89
C ALA C 119 1.87 1.95 -57.25
N LEU C 120 0.80 1.64 -57.95
CA LEU C 120 0.43 2.37 -59.15
C LEU C 120 -0.45 3.53 -58.76
N VAL C 121 -0.42 4.60 -59.55
CA VAL C 121 -1.41 5.65 -59.42
C VAL C 121 -1.65 6.31 -60.77
N ILE C 122 -2.81 6.11 -61.34
CA ILE C 122 -3.22 6.85 -62.52
C ILE C 122 -4.21 7.90 -62.05
N PHE C 123 -4.29 9.03 -62.75
CA PHE C 123 -5.20 10.08 -62.30
C PHE C 123 -5.42 11.09 -63.41
N GLU C 124 -6.66 11.24 -63.84
CA GLU C 124 -7.12 12.40 -64.61
C GLU C 124 -6.27 12.62 -65.86
N MET C 125 -6.39 11.66 -66.79
CA MET C 125 -5.95 11.86 -68.17
C MET C 125 -7.09 11.46 -69.09
N VAL C 126 -7.53 12.39 -69.93
CA VAL C 126 -8.70 12.15 -70.77
C VAL C 126 -8.37 11.42 -72.06
N HIS C 127 -7.10 11.37 -72.45
CA HIS C 127 -6.71 10.78 -73.72
C HIS C 127 -6.44 9.28 -73.64
N LEU C 128 -6.46 8.70 -72.45
CA LEU C 128 -6.12 7.29 -72.29
C LEU C 128 -7.31 6.43 -72.66
N LYS C 129 -7.25 5.79 -73.82
CA LYS C 129 -8.29 4.84 -74.22
C LYS C 129 -8.19 3.55 -73.43
N GLU C 130 -6.99 3.10 -73.12
CA GLU C 130 -6.76 1.87 -72.38
C GLU C 130 -5.36 1.91 -71.80
N LEU C 131 -5.21 1.35 -70.60
CA LEU C 131 -3.88 1.24 -70.02
C LEU C 131 -2.95 0.52 -70.98
N GLY C 132 -3.36 -0.65 -71.47
CA GLY C 132 -2.65 -1.32 -72.54
C GLY C 132 -1.42 -2.08 -72.12
N LEU C 133 -0.75 -1.63 -71.06
CA LEU C 133 0.45 -2.32 -70.61
C LEU C 133 0.13 -3.80 -70.40
N TYR C 134 0.76 -4.65 -71.21
CA TYR C 134 0.41 -6.06 -71.29
C TYR C 134 1.52 -6.95 -70.73
N ASN C 135 2.33 -6.40 -69.82
CA ASN C 135 3.43 -7.16 -69.24
C ASN C 135 3.53 -7.04 -67.73
N LEU C 136 2.83 -6.11 -67.11
CA LEU C 136 2.85 -6.04 -65.65
C LEU C 136 2.45 -7.39 -65.08
N MET C 137 3.24 -7.90 -64.14
CA MET C 137 3.07 -9.25 -63.66
C MET C 137 3.11 -9.41 -62.14
N ASN C 138 3.37 -8.35 -61.39
CA ASN C 138 3.25 -8.44 -59.94
C ASN C 138 3.37 -7.04 -59.36
N ILE C 139 2.66 -6.83 -58.26
CA ILE C 139 2.73 -5.59 -57.49
C ILE C 139 3.02 -6.02 -56.06
N THR C 140 4.29 -6.09 -55.70
CA THR C 140 4.67 -6.71 -54.43
C THR C 140 4.02 -6.03 -53.24
N ARG C 141 3.57 -4.80 -53.38
CA ARG C 141 3.04 -4.07 -52.23
C ARG C 141 2.04 -3.03 -52.70
N GLY C 142 1.26 -2.51 -51.75
CA GLY C 142 0.35 -1.44 -52.04
C GLY C 142 -0.87 -1.90 -52.81
N SER C 143 -1.45 -0.96 -53.55
CA SER C 143 -2.66 -1.22 -54.31
C SER C 143 -2.82 -0.15 -55.38
N VAL C 144 -3.37 -0.55 -56.51
CA VAL C 144 -3.55 0.39 -57.60
C VAL C 144 -4.51 1.49 -57.17
N ARG C 145 -4.56 2.57 -57.96
CA ARG C 145 -5.49 3.66 -57.71
C ARG C 145 -5.70 4.41 -59.01
N ILE C 146 -6.93 4.41 -59.51
CA ILE C 146 -7.27 5.06 -60.77
C ILE C 146 -8.58 5.82 -60.57
N GLU C 147 -8.65 7.04 -61.08
CA GLU C 147 -9.83 7.86 -60.80
C GLU C 147 -9.96 8.98 -61.82
N LYS C 148 -11.19 9.47 -61.97
CA LYS C 148 -11.49 10.68 -62.72
C LYS C 148 -10.78 10.70 -64.07
N ASN C 149 -10.96 9.62 -64.84
CA ASN C 149 -10.37 9.52 -66.17
C ASN C 149 -11.47 9.22 -67.17
N ASN C 150 -11.56 10.05 -68.20
CA ASN C 150 -12.50 9.84 -69.28
C ASN C 150 -11.85 9.07 -70.42
N GLU C 151 -12.63 8.23 -71.09
CA GLU C 151 -12.18 7.35 -72.17
C GLU C 151 -11.36 6.19 -71.67
N LEU C 152 -11.22 6.02 -70.35
CA LEU C 152 -10.40 4.96 -69.79
C LEU C 152 -11.23 3.68 -69.76
N CYS C 153 -10.98 2.81 -70.74
CA CYS C 153 -11.71 1.55 -70.87
C CYS C 153 -10.84 0.40 -70.38
N TYR C 154 -11.39 -0.81 -70.47
CA TYR C 154 -10.67 -2.02 -70.09
C TYR C 154 -10.23 -1.95 -68.62
N LEU C 155 -11.23 -1.88 -67.74
CA LEU C 155 -11.01 -1.88 -66.30
C LEU C 155 -11.54 -3.15 -65.65
N ALA C 156 -12.81 -3.48 -65.86
CA ALA C 156 -13.35 -4.71 -65.30
C ALA C 156 -12.69 -5.94 -65.90
N THR C 157 -11.98 -5.80 -67.01
CA THR C 157 -11.35 -6.91 -67.70
C THR C 157 -9.92 -7.15 -67.23
N ILE C 158 -9.47 -6.45 -66.19
CA ILE C 158 -8.13 -6.61 -65.64
C ILE C 158 -8.26 -7.32 -64.30
N ASP C 159 -7.78 -8.56 -64.23
CA ASP C 159 -7.96 -9.38 -63.04
C ASP C 159 -6.89 -9.02 -62.02
N TRP C 160 -7.13 -7.91 -61.31
CA TRP C 160 -6.17 -7.44 -60.33
C TRP C 160 -5.90 -8.48 -59.24
N SER C 161 -6.89 -9.32 -58.95
CA SER C 161 -6.68 -10.37 -57.95
C SER C 161 -5.50 -11.26 -58.35
N ARG C 162 -5.36 -11.52 -59.64
CA ARG C 162 -4.27 -12.40 -60.10
C ARG C 162 -2.93 -11.69 -60.03
N ILE C 163 -2.86 -10.43 -60.45
CA ILE C 163 -1.59 -9.73 -60.54
C ILE C 163 -1.20 -9.15 -59.19
N LEU C 164 -2.00 -8.22 -58.68
CA LEU C 164 -1.78 -7.67 -57.36
C LEU C 164 -1.76 -8.78 -56.31
N ASP C 165 -1.20 -8.47 -55.15
CA ASP C 165 -1.14 -9.44 -54.06
C ASP C 165 -2.17 -9.19 -52.98
N SER C 166 -2.62 -7.94 -52.82
CA SER C 166 -3.73 -7.62 -51.93
C SER C 166 -4.61 -6.60 -52.61
N VAL C 167 -5.90 -6.90 -52.74
CA VAL C 167 -6.81 -6.07 -53.53
C VAL C 167 -7.85 -5.43 -52.63
N GLU C 168 -7.48 -5.14 -51.37
CA GLU C 168 -8.45 -4.55 -50.46
C GLU C 168 -8.92 -3.19 -50.96
N ASP C 169 -8.00 -2.40 -51.52
CA ASP C 169 -8.34 -1.07 -52.05
C ASP C 169 -7.71 -0.88 -53.41
N ASN C 170 -8.42 -1.33 -54.45
CA ASN C 170 -8.09 -0.95 -55.82
C ASN C 170 -8.99 0.21 -56.24
N TYR C 171 -8.98 1.25 -55.41
CA TYR C 171 -9.94 2.34 -55.54
C TYR C 171 -10.05 2.78 -56.99
N ILE C 172 -11.21 2.56 -57.60
CA ILE C 172 -11.44 2.88 -59.01
C ILE C 172 -12.86 3.45 -59.11
N VAL C 173 -12.97 4.71 -59.50
CA VAL C 173 -14.26 5.37 -59.64
C VAL C 173 -14.16 6.44 -60.72
N LEU C 174 -15.31 6.97 -61.12
CA LEU C 174 -15.39 8.08 -62.07
C LEU C 174 -14.53 7.81 -63.30
N ASN C 175 -14.94 6.78 -64.05
CA ASN C 175 -14.23 6.37 -65.25
C ASN C 175 -15.25 6.02 -66.33
N LYS C 176 -14.76 5.81 -67.55
CA LYS C 176 -15.64 5.39 -68.62
C LYS C 176 -16.28 4.04 -68.32
N ASP C 177 -15.61 3.21 -67.54
CA ASP C 177 -16.16 1.91 -67.15
C ASP C 177 -17.12 2.07 -65.98
N ASN C 195 -10.62 -16.58 -75.68
CA ASN C 195 -9.26 -16.11 -75.95
C ASN C 195 -8.36 -16.32 -74.74
N CYS C 196 -8.84 -15.89 -73.58
CA CYS C 196 -8.03 -15.82 -72.37
C CYS C 196 -8.92 -16.08 -71.17
N PRO C 197 -8.35 -16.41 -70.01
CA PRO C 197 -9.17 -16.94 -68.92
C PRO C 197 -10.30 -16.00 -68.52
N ALA C 198 -11.43 -16.61 -68.15
CA ALA C 198 -12.63 -15.87 -67.74
C ALA C 198 -13.01 -16.30 -66.32
N THR C 199 -13.43 -15.34 -65.51
CA THR C 199 -13.87 -15.59 -64.13
C THR C 199 -15.15 -14.79 -63.91
N VAL C 200 -16.29 -15.47 -64.08
CA VAL C 200 -17.59 -14.82 -63.92
C VAL C 200 -17.80 -14.43 -62.46
N VAL C 206 -15.97 -13.91 -66.70
CA VAL C 206 -15.81 -12.97 -67.80
C VAL C 206 -14.33 -12.89 -68.19
N GLU C 207 -14.08 -12.85 -69.50
CA GLU C 207 -12.70 -12.82 -70.00
C GLU C 207 -11.99 -11.58 -69.48
N ARG C 208 -10.71 -11.75 -69.15
CA ARG C 208 -9.88 -10.67 -68.64
C ARG C 208 -8.84 -10.30 -69.69
N CYS C 209 -8.76 -9.02 -70.02
CA CYS C 209 -7.84 -8.58 -71.06
C CYS C 209 -7.59 -7.08 -70.93
N TRP C 210 -6.31 -6.70 -70.97
CA TRP C 210 -5.97 -5.28 -71.03
C TRP C 210 -6.50 -4.66 -72.31
N THR C 211 -6.34 -5.35 -73.43
CA THR C 211 -6.84 -4.89 -74.71
C THR C 211 -7.39 -6.09 -75.47
N HIS C 212 -8.32 -5.82 -76.40
CA HIS C 212 -8.84 -6.89 -77.22
C HIS C 212 -7.73 -7.58 -78.00
N SER C 213 -6.62 -6.89 -78.22
CA SER C 213 -5.46 -7.47 -78.89
C SER C 213 -4.48 -8.15 -77.94
N HIS C 214 -4.52 -7.82 -76.64
CA HIS C 214 -3.60 -8.42 -75.68
C HIS C 214 -4.34 -8.60 -74.36
N CYS C 215 -4.33 -9.82 -73.82
CA CYS C 215 -5.01 -10.10 -72.58
C CYS C 215 -4.07 -9.96 -71.40
N GLN C 216 -4.58 -10.27 -70.20
CA GLN C 216 -3.72 -10.57 -69.07
C GLN C 216 -2.93 -11.84 -69.36
N LYS C 217 -1.67 -11.84 -68.94
CA LYS C 217 -0.79 -12.98 -69.19
C LYS C 217 -0.89 -14.01 -68.07
N VAL C 218 -2.12 -14.41 -67.75
CA VAL C 218 -2.37 -15.36 -66.68
C VAL C 218 -1.98 -16.75 -67.17
N CYS C 219 -1.29 -17.50 -66.32
CA CYS C 219 -0.82 -18.83 -66.65
C CYS C 219 -1.26 -19.81 -65.56
N PRO C 220 -1.03 -21.12 -65.72
CA PRO C 220 -1.56 -22.07 -64.74
C PRO C 220 -1.06 -21.78 -63.34
N THR C 221 -1.93 -22.06 -62.36
CA THR C 221 -1.62 -21.75 -60.96
C THR C 221 -0.37 -22.46 -60.49
N ILE C 222 -0.01 -23.58 -61.12
CA ILE C 222 1.18 -24.33 -60.72
C ILE C 222 2.43 -23.46 -60.81
N CYS C 223 2.41 -22.42 -61.63
CA CYS C 223 3.54 -21.51 -61.69
C CYS C 223 3.64 -20.62 -60.46
N LYS C 224 2.53 -20.42 -59.74
CA LYS C 224 2.54 -19.63 -58.51
C LYS C 224 3.08 -18.22 -58.76
N SER C 225 3.29 -17.46 -57.69
CA SER C 225 3.92 -16.16 -57.83
C SER C 225 5.31 -16.26 -58.42
N HIS C 226 5.94 -17.44 -58.34
CA HIS C 226 7.23 -17.64 -58.96
C HIS C 226 7.27 -17.18 -60.41
N GLY C 227 6.11 -17.10 -61.06
CA GLY C 227 6.01 -16.53 -62.39
C GLY C 227 6.12 -17.58 -63.47
N CYS C 228 5.89 -17.14 -64.71
CA CYS C 228 5.90 -18.01 -65.86
C CYS C 228 6.38 -17.23 -67.08
N THR C 229 6.90 -17.97 -68.06
CA THR C 229 7.46 -17.34 -69.25
C THR C 229 6.44 -16.41 -69.90
N ALA C 230 6.94 -15.53 -70.77
CA ALA C 230 6.04 -14.73 -71.59
C ALA C 230 5.11 -15.62 -72.41
N GLU C 231 5.53 -16.85 -72.69
CA GLU C 231 4.70 -17.82 -73.38
C GLU C 231 3.84 -18.65 -72.43
N GLY C 232 4.00 -18.47 -71.11
CA GLY C 232 3.15 -19.14 -70.14
C GLY C 232 3.68 -20.48 -69.68
N LEU C 233 4.94 -20.51 -69.24
CA LEU C 233 5.56 -21.71 -68.70
C LEU C 233 6.15 -21.39 -67.34
N CYS C 234 5.84 -22.22 -66.35
CA CYS C 234 6.31 -21.96 -64.99
C CYS C 234 7.82 -21.88 -64.94
N CYS C 235 8.33 -20.97 -64.12
CA CYS C 235 9.75 -20.65 -64.05
C CYS C 235 10.36 -21.17 -62.76
N HIS C 236 11.64 -20.87 -62.58
CA HIS C 236 12.34 -21.22 -61.36
C HIS C 236 11.70 -20.52 -60.17
N SER C 237 11.75 -21.18 -59.01
CA SER C 237 11.11 -20.62 -57.82
C SER C 237 11.71 -19.26 -57.46
N GLU C 238 13.02 -19.11 -57.63
CA GLU C 238 13.68 -17.85 -57.31
C GLU C 238 13.33 -16.72 -58.27
N CYS C 239 12.64 -17.01 -59.37
CA CYS C 239 12.24 -15.98 -60.31
C CYS C 239 10.84 -15.46 -59.98
N LEU C 240 10.50 -14.32 -60.58
CA LEU C 240 9.23 -13.66 -60.33
C LEU C 240 8.68 -13.10 -61.63
N GLY C 241 7.37 -13.17 -61.78
CA GLY C 241 6.72 -12.54 -62.92
C GLY C 241 6.91 -13.30 -64.22
N ASN C 242 8.13 -13.31 -64.73
CA ASN C 242 8.38 -13.90 -66.03
C ASN C 242 9.85 -14.30 -66.12
N CYS C 243 10.11 -15.31 -66.94
CA CYS C 243 11.47 -15.78 -67.20
C CYS C 243 11.65 -15.98 -68.70
N SER C 244 12.80 -15.54 -69.21
CA SER C 244 13.09 -15.74 -70.63
C SER C 244 13.25 -17.22 -70.95
N GLN C 245 13.71 -18.01 -69.98
CA GLN C 245 13.84 -19.45 -70.13
C GLN C 245 13.21 -20.15 -68.94
N PRO C 246 12.59 -21.31 -69.15
CA PRO C 246 11.90 -21.97 -68.04
C PRO C 246 12.86 -22.68 -67.10
N ASP C 247 12.54 -22.60 -65.81
CA ASP C 247 13.30 -23.28 -64.75
C ASP C 247 14.76 -22.86 -64.73
N ASP C 248 15.07 -21.68 -65.26
CA ASP C 248 16.45 -21.17 -65.32
C ASP C 248 16.55 -19.90 -64.49
N PRO C 249 17.07 -19.96 -63.27
CA PRO C 249 17.18 -18.73 -62.47
C PRO C 249 18.07 -17.67 -63.09
N THR C 250 18.93 -18.06 -64.04
CA THR C 250 19.85 -17.12 -64.67
C THR C 250 19.25 -16.48 -65.93
N LYS C 251 17.95 -16.68 -66.18
CA LYS C 251 17.33 -16.23 -67.42
C LYS C 251 15.97 -15.59 -67.17
N CYS C 252 15.78 -14.93 -66.04
CA CYS C 252 14.53 -14.26 -65.74
C CYS C 252 14.80 -12.81 -65.33
N VAL C 253 13.75 -11.99 -65.46
CA VAL C 253 13.91 -10.54 -65.35
C VAL C 253 13.81 -10.09 -63.90
N ALA C 254 12.81 -10.58 -63.17
CA ALA C 254 12.63 -10.22 -61.78
C ALA C 254 13.42 -11.17 -60.88
N CYS C 255 13.28 -10.98 -59.57
CA CYS C 255 13.92 -11.87 -58.61
C CYS C 255 13.21 -11.70 -57.28
N ARG C 256 12.55 -12.76 -56.81
CA ARG C 256 11.75 -12.63 -55.60
C ARG C 256 12.57 -12.16 -54.42
N ASN C 257 13.76 -12.75 -54.23
CA ASN C 257 14.57 -12.42 -53.06
C ASN C 257 15.59 -11.33 -53.36
N PHE C 258 16.52 -11.58 -54.27
CA PHE C 258 17.61 -10.65 -54.52
C PHE C 258 18.22 -10.96 -55.88
N TYR C 259 18.24 -9.96 -56.75
CA TYR C 259 18.90 -10.09 -58.03
C TYR C 259 20.41 -10.20 -57.85
N LEU C 260 21.08 -10.86 -58.78
CA LEU C 260 22.54 -10.95 -58.75
C LEU C 260 23.07 -11.33 -60.12
N ASP C 261 23.83 -10.43 -60.72
CA ASP C 261 24.61 -10.70 -61.94
C ASP C 261 23.82 -11.55 -62.93
N GLY C 262 22.59 -11.11 -63.21
CA GLY C 262 21.73 -11.84 -64.11
C GLY C 262 21.29 -13.20 -63.59
N ARG C 263 21.07 -13.33 -62.28
CA ARG C 263 20.59 -14.60 -61.67
C ARG C 263 19.50 -14.28 -60.64
N CYS C 264 18.78 -15.30 -60.16
CA CYS C 264 17.70 -15.15 -59.15
C CYS C 264 18.21 -15.95 -57.92
N VAL C 265 18.68 -15.30 -56.82
CA VAL C 265 19.35 -15.97 -55.64
C VAL C 265 18.76 -15.53 -54.27
N GLU C 266 19.16 -16.15 -53.12
CA GLU C 266 18.52 -15.88 -51.84
C GLU C 266 19.29 -14.88 -51.00
N THR C 267 20.55 -14.60 -51.36
CA THR C 267 21.32 -13.56 -50.69
C THR C 267 22.50 -13.21 -51.58
N CYS C 268 23.11 -12.09 -51.27
CA CYS C 268 24.29 -11.69 -52.02
C CYS C 268 25.55 -12.23 -51.36
N PRO C 269 26.60 -12.49 -52.14
CA PRO C 269 27.86 -12.96 -51.56
C PRO C 269 28.79 -11.80 -51.27
N PRO C 270 29.57 -11.85 -50.19
CA PRO C 270 30.52 -10.78 -49.92
C PRO C 270 31.61 -10.75 -50.98
N PRO C 271 32.19 -9.58 -51.28
CA PRO C 271 31.94 -8.27 -50.68
C PRO C 271 30.69 -7.58 -51.23
N TYR C 272 29.81 -8.33 -51.89
CA TYR C 272 28.57 -7.79 -52.44
C TYR C 272 27.44 -8.09 -51.46
N TYR C 273 27.01 -7.08 -50.71
CA TYR C 273 25.98 -7.24 -49.72
C TYR C 273 24.63 -6.82 -50.31
N HIS C 274 23.59 -6.82 -49.48
CA HIS C 274 22.30 -6.32 -49.90
C HIS C 274 22.40 -4.85 -50.31
N PHE C 275 21.31 -4.35 -50.88
CA PHE C 275 21.21 -2.94 -51.22
C PHE C 275 19.74 -2.61 -51.37
N GLN C 276 19.18 -1.88 -50.40
CA GLN C 276 17.76 -1.59 -50.35
C GLN C 276 16.93 -2.80 -50.75
N ASP C 277 17.32 -3.99 -50.27
CA ASP C 277 16.65 -5.24 -50.54
C ASP C 277 16.24 -5.35 -52.00
N TRP C 278 17.07 -4.81 -52.89
CA TRP C 278 16.88 -4.92 -54.32
C TRP C 278 17.96 -5.75 -55.00
N ARG C 279 19.21 -5.32 -54.94
CA ARG C 279 20.25 -5.92 -55.77
C ARG C 279 21.47 -6.17 -54.90
N CYS C 280 22.58 -6.49 -55.56
CA CYS C 280 23.82 -6.81 -54.88
C CYS C 280 24.94 -5.95 -55.44
N VAL C 281 25.65 -5.24 -54.56
CA VAL C 281 26.73 -4.34 -54.94
C VAL C 281 27.91 -4.59 -54.03
N ASN C 282 29.11 -4.55 -54.60
CA ASN C 282 30.33 -4.73 -53.83
C ASN C 282 30.45 -3.63 -52.77
N PHE C 283 31.39 -3.84 -51.85
CA PHE C 283 31.58 -2.89 -50.76
C PHE C 283 31.92 -1.50 -51.30
N SER C 284 32.81 -1.44 -52.30
CA SER C 284 33.27 -0.15 -52.79
C SER C 284 32.11 0.71 -53.25
N PHE C 285 31.04 0.09 -53.77
CA PHE C 285 29.88 0.86 -54.19
C PHE C 285 29.28 1.62 -53.01
N CYS C 286 29.00 0.91 -51.92
CA CYS C 286 28.44 1.57 -50.74
C CYS C 286 29.41 2.59 -50.18
N GLN C 287 30.70 2.30 -50.20
CA GLN C 287 31.67 3.26 -49.70
C GLN C 287 31.63 4.55 -50.51
N ASP C 288 31.59 4.43 -51.85
CA ASP C 288 31.54 5.62 -52.69
C ASP C 288 30.25 6.39 -52.46
N LEU C 289 29.13 5.69 -52.33
CA LEU C 289 27.87 6.37 -52.04
C LEU C 289 27.95 7.13 -50.73
N HIS C 290 28.53 6.51 -49.70
CA HIS C 290 28.66 7.19 -48.41
C HIS C 290 29.55 8.42 -48.51
N HIS C 291 30.62 8.33 -49.30
CA HIS C 291 31.53 9.46 -49.41
C HIS C 291 30.82 10.69 -49.97
N LYS C 292 30.00 10.49 -51.01
CA LYS C 292 29.27 11.61 -51.61
C LYS C 292 30.22 12.71 -52.06
N TYR C 304 25.68 6.38 -46.52
CA TYR C 304 25.34 4.97 -46.35
C TYR C 304 26.21 4.32 -45.29
N VAL C 305 25.83 3.12 -44.86
CA VAL C 305 26.52 2.40 -43.80
C VAL C 305 26.45 0.91 -44.10
N ILE C 306 27.14 0.13 -43.27
CA ILE C 306 27.17 -1.32 -43.36
C ILE C 306 26.69 -1.89 -42.03
N HIS C 307 25.85 -2.92 -42.10
CA HIS C 307 25.35 -3.54 -40.88
C HIS C 307 24.60 -4.81 -41.24
N ASN C 308 24.77 -5.84 -40.42
CA ASN C 308 24.03 -7.10 -40.57
C ASN C 308 24.04 -7.57 -42.03
N ASN C 309 25.21 -7.45 -42.66
CA ASN C 309 25.37 -7.83 -44.06
C ASN C 309 24.42 -7.06 -44.97
N LYS C 310 23.91 -5.92 -44.51
CA LYS C 310 22.91 -5.15 -45.25
C LYS C 310 23.38 -3.70 -45.34
N CYS C 311 23.65 -3.25 -46.56
CA CYS C 311 24.14 -1.90 -46.80
C CYS C 311 22.94 -0.93 -46.72
N ILE C 312 22.41 -0.81 -45.52
CA ILE C 312 21.20 -0.01 -45.26
C ILE C 312 21.58 1.47 -45.17
N PRO C 313 20.62 2.38 -45.30
CA PRO C 313 20.97 3.81 -45.28
C PRO C 313 21.65 4.25 -43.99
N GLU C 314 20.99 4.07 -42.86
CA GLU C 314 21.50 4.53 -41.57
C GLU C 314 21.30 3.44 -40.54
N CYS C 315 22.26 3.30 -39.63
CA CYS C 315 22.24 2.20 -38.68
C CYS C 315 21.17 2.43 -37.62
N PRO C 316 20.70 1.36 -36.98
CA PRO C 316 19.60 1.49 -36.02
C PRO C 316 20.07 2.10 -34.70
N SER C 317 19.16 2.16 -33.73
CA SER C 317 19.50 2.70 -32.42
C SER C 317 20.53 1.82 -31.72
N GLY C 318 21.28 2.43 -30.81
CA GLY C 318 22.31 1.70 -30.09
C GLY C 318 23.44 1.23 -30.97
N TYR C 319 23.78 1.98 -32.01
CA TYR C 319 24.86 1.61 -32.90
C TYR C 319 25.47 2.87 -33.50
N THR C 320 26.70 2.73 -33.97
CA THR C 320 27.42 3.84 -34.59
C THR C 320 28.63 3.27 -35.32
N MET C 321 29.17 4.06 -36.24
CA MET C 321 30.24 3.60 -37.12
C MET C 321 31.44 4.53 -37.03
N ASN C 322 32.53 4.06 -37.62
CA ASN C 322 33.77 4.81 -37.74
C ASN C 322 34.10 5.00 -39.22
N SER C 323 34.75 6.11 -39.53
CA SER C 323 35.06 6.42 -40.92
C SER C 323 35.86 5.29 -41.57
N SER C 324 36.87 4.77 -40.87
CA SER C 324 37.64 3.65 -41.41
C SER C 324 36.86 2.35 -41.34
N ASN C 325 36.18 2.11 -40.23
CA ASN C 325 35.38 0.90 -40.04
C ASN C 325 33.94 1.25 -40.40
N LEU C 326 33.58 1.08 -41.66
CA LEU C 326 32.25 1.46 -42.12
C LEU C 326 31.18 0.74 -41.32
N LEU C 327 31.40 -0.53 -40.98
CA LEU C 327 30.46 -1.25 -40.15
C LEU C 327 30.22 -0.50 -38.86
N CYS C 328 28.95 -0.35 -38.47
CA CYS C 328 28.62 0.39 -37.26
C CYS C 328 28.63 -0.57 -36.08
N THR C 329 29.72 -0.52 -35.32
CA THR C 329 29.84 -1.31 -34.11
C THR C 329 28.85 -0.81 -33.07
N PRO C 330 28.41 -1.67 -32.15
CA PRO C 330 27.56 -1.20 -31.06
C PRO C 330 28.27 -0.12 -30.24
N CYS C 331 27.51 0.86 -29.79
CA CYS C 331 28.05 1.92 -28.95
C CYS C 331 27.96 1.48 -27.49
N LEU C 332 28.22 2.41 -26.57
CA LEU C 332 28.26 2.10 -25.14
C LEU C 332 26.90 2.28 -24.47
N GLY C 333 25.81 2.08 -25.21
CA GLY C 333 24.48 2.34 -24.73
C GLY C 333 24.00 3.72 -25.11
N PRO C 334 24.51 4.76 -24.43
CA PRO C 334 24.26 6.12 -24.93
C PRO C 334 25.20 6.48 -26.07
N CYS C 335 24.70 6.49 -27.28
CA CYS C 335 25.56 6.78 -28.41
C CYS C 335 25.64 8.30 -28.62
N PRO C 336 26.77 8.80 -29.11
CA PRO C 336 26.89 10.26 -29.31
C PRO C 336 25.81 10.77 -30.25
N LYS C 337 24.97 11.67 -29.73
CA LYS C 337 23.92 12.32 -30.52
C LYS C 337 23.80 13.82 -30.25
N VAL C 338 24.53 14.60 -31.03
CA VAL C 338 24.49 16.05 -30.87
C VAL C 338 23.11 16.56 -31.24
N CYS C 339 22.50 17.31 -30.33
CA CYS C 339 21.16 17.86 -30.52
C CYS C 339 21.27 19.37 -30.66
N HIS C 340 20.87 19.88 -31.83
CA HIS C 340 20.82 21.32 -32.08
C HIS C 340 19.37 21.75 -31.88
N LEU C 341 19.08 22.31 -30.71
CA LEU C 341 17.73 22.76 -30.42
C LEU C 341 17.30 23.86 -31.39
N LEU C 342 16.02 24.20 -31.33
CA LEU C 342 15.49 25.27 -32.18
C LEU C 342 16.30 26.54 -32.02
N GLU C 343 16.96 26.95 -33.10
CA GLU C 343 17.88 28.10 -33.07
C GLU C 343 18.99 27.89 -32.04
N GLY C 344 19.37 26.64 -31.82
CA GLY C 344 20.37 26.35 -30.79
C GLY C 344 19.95 26.77 -29.41
N GLU C 345 18.64 26.90 -29.16
CA GLU C 345 18.11 27.34 -27.88
C GLU C 345 16.86 26.54 -27.57
N LYS C 346 16.38 26.68 -26.34
CA LYS C 346 15.13 26.04 -25.93
C LYS C 346 14.83 26.49 -24.51
N THR C 347 13.60 26.20 -24.09
CA THR C 347 13.18 26.39 -22.71
C THR C 347 12.51 25.11 -22.23
N ILE C 348 12.73 24.77 -20.98
CA ILE C 348 12.14 23.59 -20.36
C ILE C 348 11.27 24.05 -19.21
N ASP C 349 9.98 23.74 -19.28
CA ASP C 349 9.05 24.05 -18.20
C ASP C 349 8.13 22.88 -17.87
N SER C 350 8.13 21.82 -18.66
CA SER C 350 7.25 20.69 -18.43
C SER C 350 7.96 19.43 -18.88
N VAL C 351 7.53 18.30 -18.32
CA VAL C 351 8.12 17.01 -18.66
C VAL C 351 8.00 16.74 -20.16
N THR C 352 7.03 17.37 -20.83
CA THR C 352 6.87 17.15 -22.26
C THR C 352 8.11 17.58 -23.04
N SER C 353 8.67 18.74 -22.72
CA SER C 353 9.88 19.20 -23.39
C SER C 353 11.04 18.25 -23.13
N ALA C 354 11.20 17.83 -21.88
CA ALA C 354 12.28 16.90 -21.55
C ALA C 354 12.16 15.62 -22.35
N GLN C 355 10.95 15.07 -22.43
CA GLN C 355 10.74 13.87 -23.26
C GLN C 355 11.05 14.16 -24.72
N GLU C 356 10.66 15.33 -25.20
CA GLU C 356 10.96 15.70 -26.58
C GLU C 356 12.46 15.77 -26.85
N LEU C 357 13.25 16.07 -25.82
CA LEU C 357 14.71 16.03 -25.94
C LEU C 357 15.32 14.82 -25.23
N ARG C 358 14.53 13.77 -25.03
CA ARG C 358 15.02 12.59 -24.32
C ARG C 358 16.24 12.00 -25.01
N GLY C 359 17.23 11.63 -24.21
CA GLY C 359 18.34 10.85 -24.70
C GLY C 359 19.37 11.61 -25.51
N CYS C 360 19.40 12.93 -25.41
CA CYS C 360 20.38 13.73 -26.13
C CYS C 360 21.73 13.56 -25.44
N THR C 361 22.48 12.56 -25.87
CA THR C 361 23.75 12.25 -25.21
C THR C 361 24.72 13.41 -25.29
N VAL C 362 24.53 14.32 -26.23
CA VAL C 362 25.31 15.55 -26.32
C VAL C 362 24.39 16.66 -26.81
N ILE C 363 24.74 17.88 -26.47
CA ILE C 363 23.93 19.05 -26.81
C ILE C 363 24.83 20.09 -27.45
N ASN C 364 24.22 20.96 -28.27
CA ASN C 364 24.91 22.06 -28.92
C ASN C 364 23.94 23.25 -28.94
N GLY C 365 24.03 24.08 -27.92
CA GLY C 365 23.16 25.24 -27.80
C GLY C 365 22.73 25.43 -26.37
N SER C 366 22.58 26.69 -25.97
CA SER C 366 22.21 27.00 -24.59
C SER C 366 20.83 26.45 -24.27
N LEU C 367 20.64 26.07 -23.00
CA LEU C 367 19.39 25.53 -22.51
C LEU C 367 18.95 26.33 -21.30
N ILE C 368 17.65 26.61 -21.23
CA ILE C 368 17.07 27.41 -20.15
C ILE C 368 16.03 26.57 -19.43
N ILE C 369 16.14 26.51 -18.10
CA ILE C 369 15.21 25.75 -17.27
C ILE C 369 14.35 26.75 -16.52
N ASN C 370 13.04 26.71 -16.79
CA ASN C 370 12.06 27.45 -16.00
C ASN C 370 10.89 26.49 -15.77
N ILE C 371 10.98 25.70 -14.70
CA ILE C 371 10.08 24.57 -14.50
C ILE C 371 9.37 24.69 -13.16
N ARG C 372 8.16 24.14 -13.11
CA ARG C 372 7.36 24.13 -11.90
C ARG C 372 7.82 23.00 -10.98
N GLY C 373 7.02 22.69 -9.98
CA GLY C 373 7.28 21.55 -9.11
C GLY C 373 6.63 21.71 -7.75
N ALA C 379 13.01 12.44 -10.83
CA ALA C 379 13.22 11.11 -11.41
C ALA C 379 12.98 11.13 -12.91
N GLU C 380 11.81 11.63 -13.32
CA GLU C 380 11.51 11.71 -14.75
C GLU C 380 12.52 12.58 -15.46
N LEU C 381 12.87 13.72 -14.87
CA LEU C 381 13.84 14.62 -15.51
C LEU C 381 15.19 13.92 -15.65
N GLU C 382 15.64 13.23 -14.61
CA GLU C 382 16.90 12.51 -14.70
C GLU C 382 16.84 11.42 -15.76
N ALA C 383 15.66 10.83 -15.96
CA ALA C 383 15.50 9.89 -17.06
C ALA C 383 15.65 10.59 -18.41
N ASN C 384 15.06 11.77 -18.55
CA ASN C 384 15.18 12.55 -19.78
C ASN C 384 16.41 13.45 -19.80
N LEU C 385 17.06 13.65 -18.67
CA LEU C 385 18.25 14.47 -18.56
C LEU C 385 19.40 13.59 -18.05
N GLY C 386 20.50 14.23 -17.69
CA GLY C 386 21.67 13.49 -17.26
C GLY C 386 22.23 12.67 -18.40
N LEU C 387 22.34 13.30 -19.56
CA LEU C 387 22.84 12.64 -20.76
C LEU C 387 24.01 13.36 -21.40
N ILE C 388 24.37 14.56 -20.95
CA ILE C 388 25.33 15.41 -21.65
C ILE C 388 26.55 15.62 -20.77
N GLU C 389 27.73 15.55 -21.39
CA GLU C 389 28.97 15.91 -20.72
C GLU C 389 29.29 17.39 -20.87
N GLU C 390 28.96 17.98 -22.02
CA GLU C 390 29.29 19.37 -22.27
C GLU C 390 28.14 20.04 -23.01
N ILE C 391 27.85 21.28 -22.64
CA ILE C 391 26.81 22.09 -23.27
C ILE C 391 27.51 23.26 -23.96
N SER C 392 27.32 23.37 -25.27
CA SER C 392 27.97 24.43 -26.02
C SER C 392 27.59 25.79 -25.47
N GLY C 393 26.29 26.05 -25.34
CA GLY C 393 25.80 27.30 -24.81
C GLY C 393 25.65 27.27 -23.30
N TYR C 394 25.26 28.42 -22.76
CA TYR C 394 25.09 28.54 -21.33
C TYR C 394 23.84 27.78 -20.87
N LEU C 395 23.80 27.48 -19.58
CA LEU C 395 22.64 26.91 -18.92
C LEU C 395 22.06 27.94 -17.96
N LYS C 396 20.74 27.99 -17.86
CA LYS C 396 20.08 28.96 -17.00
C LYS C 396 18.91 28.32 -16.28
N ILE C 397 18.79 28.63 -15.00
CA ILE C 397 17.64 28.25 -14.19
C ILE C 397 17.04 29.54 -13.65
N ARG C 398 15.72 29.72 -13.83
CA ARG C 398 15.07 30.93 -13.38
C ARG C 398 13.63 30.61 -12.98
N ARG C 399 13.23 31.12 -11.82
CA ARG C 399 11.85 31.08 -11.33
C ARG C 399 11.34 29.68 -11.08
N SER C 400 12.15 28.65 -11.28
CA SER C 400 11.74 27.28 -11.00
C SER C 400 11.83 27.09 -9.49
N TYR C 401 10.75 27.43 -8.80
CA TYR C 401 10.83 27.54 -7.34
C TYR C 401 11.01 26.19 -6.67
N ALA C 402 10.68 25.09 -7.34
CA ALA C 402 10.66 23.78 -6.72
C ALA C 402 11.85 22.92 -7.15
N LEU C 403 13.01 23.53 -7.34
CA LEU C 403 14.23 22.79 -7.68
C LEU C 403 14.91 22.40 -6.38
N VAL C 404 14.69 21.16 -5.94
CA VAL C 404 15.30 20.69 -4.71
C VAL C 404 16.81 20.71 -4.83
N SER C 405 17.34 20.22 -5.94
CA SER C 405 18.75 20.34 -6.25
C SER C 405 18.95 20.09 -7.74
N LEU C 406 20.09 20.56 -8.25
CA LEU C 406 20.37 20.53 -9.67
C LEU C 406 21.16 19.30 -10.07
N SER C 407 20.94 18.17 -9.40
CA SER C 407 21.65 16.92 -9.70
C SER C 407 20.92 16.05 -10.70
N PHE C 408 20.08 16.64 -11.56
CA PHE C 408 19.42 15.91 -12.63
C PHE C 408 20.29 15.79 -13.87
N PHE C 409 21.59 16.02 -13.75
CA PHE C 409 22.47 16.18 -14.90
C PHE C 409 23.70 15.29 -14.75
N ARG C 410 23.45 14.01 -14.44
CA ARG C 410 24.52 13.06 -14.15
C ARG C 410 25.77 13.31 -14.99
N LYS C 411 25.61 13.38 -16.31
CA LYS C 411 26.77 13.45 -17.19
C LYS C 411 27.42 14.83 -17.20
N LEU C 412 26.65 15.90 -16.95
CA LEU C 412 27.14 17.25 -17.15
C LEU C 412 28.53 17.42 -16.54
N ARG C 413 29.49 17.82 -17.37
CA ARG C 413 30.88 17.86 -16.96
C ARG C 413 31.50 19.23 -17.22
N LEU C 414 31.13 19.89 -18.31
CA LEU C 414 31.77 21.14 -18.68
C LEU C 414 30.81 22.00 -19.47
N ILE C 415 30.35 23.09 -18.86
CA ILE C 415 29.59 24.10 -19.59
C ILE C 415 30.58 24.86 -20.48
N ARG C 416 30.50 24.61 -21.79
CA ARG C 416 31.44 25.25 -22.70
C ARG C 416 31.29 26.76 -22.71
N GLY C 417 30.09 27.27 -22.44
CA GLY C 417 29.90 28.70 -22.38
C GLY C 417 30.23 29.42 -23.66
N GLU C 418 30.24 28.73 -24.79
CA GLU C 418 30.50 29.39 -26.06
C GLU C 418 29.45 30.45 -26.35
N THR C 419 28.18 30.13 -26.13
CA THR C 419 27.10 31.10 -26.20
C THR C 419 26.91 31.68 -24.80
N LEU C 420 27.15 32.98 -24.66
CA LEU C 420 27.13 33.64 -23.36
C LEU C 420 25.91 34.54 -23.25
N GLU C 421 25.34 34.58 -22.05
CA GLU C 421 24.18 35.42 -21.79
C GLU C 421 24.61 36.88 -21.69
N ILE C 422 23.61 37.77 -21.81
CA ILE C 422 23.87 39.20 -21.65
C ILE C 422 24.64 39.43 -20.36
N GLY C 423 25.67 40.25 -20.44
CA GLY C 423 26.60 40.40 -19.33
C GLY C 423 27.68 39.35 -19.27
N ASN C 424 27.73 38.44 -20.24
CA ASN C 424 28.74 37.39 -20.29
C ASN C 424 28.64 36.47 -19.06
N TYR C 425 27.45 35.90 -18.90
CA TYR C 425 27.16 34.99 -17.79
C TYR C 425 26.98 33.58 -18.33
N SER C 426 27.69 32.62 -17.72
CA SER C 426 27.59 31.22 -18.08
C SER C 426 26.69 30.43 -17.14
N PHE C 427 25.94 31.12 -16.28
CA PHE C 427 25.03 30.47 -15.36
C PHE C 427 24.11 31.54 -14.79
N TYR C 428 22.96 31.13 -14.27
CA TYR C 428 21.95 32.09 -13.82
C TYR C 428 20.96 31.37 -12.93
N ALA C 429 20.73 31.91 -11.73
CA ALA C 429 19.73 31.36 -10.82
C ALA C 429 18.98 32.51 -10.17
N LEU C 430 17.65 32.47 -10.26
CA LEU C 430 16.82 33.52 -9.69
C LEU C 430 15.47 32.94 -9.29
N ASP C 431 14.93 33.44 -8.18
CA ASP C 431 13.58 33.11 -7.74
C ASP C 431 13.38 31.59 -7.70
N ASN C 432 14.35 30.90 -7.10
CA ASN C 432 14.34 29.45 -7.00
C ASN C 432 14.72 29.02 -5.59
N GLN C 433 14.07 29.60 -4.59
CA GLN C 433 14.50 29.36 -3.22
C GLN C 433 14.06 27.98 -2.75
N ASN C 434 14.52 26.95 -3.46
CA ASN C 434 14.44 25.58 -2.97
C ASN C 434 15.70 24.80 -3.32
N LEU C 435 16.71 25.44 -3.90
CA LEU C 435 17.91 24.74 -4.34
C LEU C 435 18.69 24.34 -3.10
N ARG C 436 18.31 23.19 -2.53
CA ARG C 436 19.00 22.68 -1.37
C ARG C 436 20.48 22.48 -1.67
N GLN C 437 20.81 22.07 -2.89
CA GLN C 437 22.18 21.86 -3.30
C GLN C 437 22.22 21.83 -4.83
N LEU C 438 23.42 21.84 -5.38
CA LEU C 438 23.60 21.82 -6.82
C LEU C 438 24.11 20.48 -7.33
N TRP C 439 25.14 19.92 -6.69
CA TRP C 439 25.68 18.64 -7.12
C TRP C 439 26.43 17.99 -5.97
N ASP C 440 26.65 16.69 -6.09
CA ASP C 440 27.44 15.93 -5.12
C ASP C 440 28.91 16.25 -5.40
N TRP C 441 29.33 17.40 -4.88
CA TRP C 441 30.66 17.92 -5.20
C TRP C 441 31.78 17.11 -4.60
N SER C 442 31.47 16.15 -3.72
CA SER C 442 32.49 15.21 -3.27
C SER C 442 33.11 14.47 -4.45
N LYS C 443 32.36 14.27 -5.53
CA LYS C 443 32.84 13.52 -6.68
C LYS C 443 32.68 14.26 -8.00
N HIS C 444 31.60 15.02 -8.17
CA HIS C 444 31.28 15.57 -9.49
C HIS C 444 32.34 16.56 -9.93
N ASN C 445 33.02 16.25 -11.03
CA ASN C 445 34.09 17.11 -11.55
C ASN C 445 33.56 18.02 -12.64
N LEU C 446 32.54 18.80 -12.29
CA LEU C 446 31.99 19.77 -13.24
C LEU C 446 33.00 20.88 -13.49
N THR C 447 33.02 21.37 -14.72
CA THR C 447 33.93 22.43 -15.12
C THR C 447 33.15 23.50 -15.87
N ILE C 448 33.74 24.68 -15.97
CA ILE C 448 33.18 25.78 -16.75
C ILE C 448 34.30 26.44 -17.53
N THR C 449 34.05 26.70 -18.81
CA THR C 449 35.08 27.32 -19.64
C THR C 449 35.29 28.79 -19.28
N GLN C 450 34.21 29.52 -19.08
CA GLN C 450 34.27 30.97 -18.92
C GLN C 450 32.89 31.45 -18.50
N GLY C 451 32.73 32.77 -18.42
CA GLY C 451 31.44 33.37 -18.17
C GLY C 451 31.20 33.69 -16.71
N LYS C 452 30.41 34.72 -16.47
CA LYS C 452 30.03 35.10 -15.13
C LYS C 452 28.87 34.22 -14.65
N LEU C 453 28.48 34.40 -13.39
CA LEU C 453 27.43 33.60 -12.79
C LEU C 453 26.49 34.51 -12.02
N PHE C 454 25.25 34.05 -11.84
CA PHE C 454 24.23 34.84 -11.16
C PHE C 454 23.40 33.92 -10.28
N PHE C 455 23.31 34.26 -8.99
CA PHE C 455 22.53 33.47 -8.04
C PHE C 455 21.70 34.37 -7.13
N HIS C 456 21.24 35.51 -7.62
CA HIS C 456 20.47 36.43 -6.80
C HIS C 456 19.13 35.82 -6.43
N TYR C 457 18.58 36.30 -5.31
CA TYR C 457 17.26 35.87 -4.84
C TYR C 457 17.19 34.37 -4.63
N ASN C 458 18.34 33.71 -4.50
CA ASN C 458 18.39 32.28 -4.16
C ASN C 458 19.42 32.01 -3.07
N PRO C 459 19.32 32.68 -1.93
CA PRO C 459 20.21 32.38 -0.80
C PRO C 459 19.76 31.20 0.06
N LYS C 460 18.78 30.42 -0.38
CA LYS C 460 18.41 29.23 0.37
C LYS C 460 19.57 28.26 0.47
N LEU C 461 20.41 28.21 -0.57
CA LEU C 461 21.70 27.55 -0.51
C LEU C 461 22.73 28.55 -0.02
N CYS C 462 23.60 28.10 0.86
CA CYS C 462 24.56 28.97 1.52
C CYS C 462 25.74 29.28 0.59
N LEU C 463 26.42 30.38 0.89
CA LEU C 463 27.50 30.84 0.01
C LEU C 463 28.67 29.87 -0.07
N SER C 464 28.77 28.93 0.87
CA SER C 464 29.83 27.94 0.80
C SER C 464 29.70 27.09 -0.46
N GLU C 465 28.46 26.74 -0.83
CA GLU C 465 28.25 25.95 -2.04
C GLU C 465 28.67 26.75 -3.27
N ILE C 466 28.38 28.04 -3.29
CA ILE C 466 28.81 28.87 -4.41
C ILE C 466 30.32 28.98 -4.45
N HIS C 467 30.97 29.04 -3.29
CA HIS C 467 32.43 29.04 -3.26
C HIS C 467 32.98 27.74 -3.83
N LYS C 468 32.37 26.61 -3.47
CA LYS C 468 32.76 25.34 -4.06
C LYS C 468 32.57 25.38 -5.57
N MET C 469 31.47 25.98 -6.02
CA MET C 469 31.28 26.22 -7.44
C MET C 469 32.50 26.92 -8.02
N GLU C 470 32.92 28.00 -7.36
CA GLU C 470 34.01 28.80 -7.88
C GLU C 470 35.30 28.00 -7.98
N GLU C 471 35.63 27.23 -6.94
CA GLU C 471 36.88 26.47 -6.98
C GLU C 471 36.82 25.38 -8.04
N VAL C 472 35.77 24.56 -8.03
CA VAL C 472 35.75 23.40 -8.91
C VAL C 472 35.61 23.83 -10.37
N SER C 473 34.82 24.88 -10.63
CA SER C 473 34.61 25.35 -11.98
C SER C 473 35.78 26.13 -12.55
N GLY C 474 36.76 26.50 -11.72
CA GLY C 474 37.85 27.33 -12.19
C GLY C 474 37.41 28.71 -12.62
N THR C 475 36.54 29.34 -11.84
CA THR C 475 36.02 30.67 -12.15
C THR C 475 36.34 31.66 -11.02
N LYS C 476 37.48 31.47 -10.36
CA LYS C 476 37.80 32.30 -9.19
C LYS C 476 37.91 33.77 -9.56
N GLY C 477 38.49 34.07 -10.73
CA GLY C 477 38.67 35.44 -11.14
C GLY C 477 37.52 35.96 -12.00
N ARG C 478 36.38 35.28 -11.95
CA ARG C 478 35.23 35.64 -12.77
C ARG C 478 33.96 35.82 -11.96
N GLN C 479 34.05 35.92 -10.64
CA GLN C 479 32.87 35.99 -9.78
C GLN C 479 32.99 37.14 -8.79
N GLU C 480 31.84 37.59 -8.33
CA GLU C 480 31.75 38.65 -7.33
C GLU C 480 30.54 38.39 -6.44
N ARG C 481 30.53 39.04 -5.28
CA ARG C 481 29.39 38.88 -4.37
C ARG C 481 28.09 39.37 -4.97
N ASN C 482 28.16 40.22 -6.01
CA ASN C 482 26.96 40.68 -6.69
C ASN C 482 26.26 39.56 -7.45
N ASP C 483 26.78 38.34 -7.41
CA ASP C 483 26.13 37.18 -8.02
C ASP C 483 25.24 36.43 -7.04
N ILE C 484 25.11 36.92 -5.80
CA ILE C 484 24.37 36.23 -4.75
C ILE C 484 23.54 37.25 -3.99
N ALA C 485 22.50 36.75 -3.32
CA ALA C 485 21.62 37.60 -2.51
C ALA C 485 22.32 38.05 -1.25
N GLN C 492 16.34 32.79 5.73
CA GLN C 492 16.18 31.78 4.67
C GLN C 492 17.41 30.91 4.56
N ALA C 493 18.59 31.47 4.87
CA ALA C 493 19.81 30.69 4.82
C ALA C 493 19.83 29.68 5.95
N SER C 494 20.18 28.44 5.63
CA SER C 494 20.09 27.34 6.59
C SER C 494 21.31 26.43 6.48
N CYS C 495 22.50 27.02 6.41
CA CYS C 495 23.74 26.24 6.41
C CYS C 495 24.15 25.97 7.85
N GLU C 496 24.07 24.72 8.27
CA GLU C 496 24.47 24.33 9.61
C GLU C 496 25.96 24.53 9.77
N ASN C 497 26.34 25.61 10.47
CA ASN C 497 27.74 25.96 10.60
C ASN C 497 28.51 25.06 11.55
N GLU C 498 27.81 24.24 12.35
CA GLU C 498 28.46 23.33 13.28
C GLU C 498 28.24 21.90 12.83
N LEU C 499 28.89 20.97 13.51
CA LEU C 499 28.82 19.56 13.19
C LEU C 499 28.41 18.78 14.44
N LEU C 500 27.58 17.76 14.24
CA LEU C 500 27.03 16.96 15.32
C LEU C 500 27.60 15.55 15.23
N LYS C 501 28.31 15.12 16.28
CA LYS C 501 29.03 13.85 16.28
C LYS C 501 28.26 12.81 17.08
N PHE C 502 27.98 11.67 16.45
CA PHE C 502 27.32 10.59 17.15
C PHE C 502 28.26 10.02 18.21
N SER C 503 27.70 9.78 19.40
CA SER C 503 28.49 9.31 20.53
C SER C 503 28.29 7.84 20.85
N TYR C 504 27.27 7.21 20.30
CA TYR C 504 26.97 5.83 20.68
C TYR C 504 25.93 5.28 19.72
N ILE C 505 26.16 4.05 19.26
CA ILE C 505 25.18 3.37 18.41
C ILE C 505 25.37 1.87 18.59
N ARG C 506 24.27 1.17 18.88
CA ARG C 506 24.28 -0.28 19.00
C ARG C 506 23.20 -0.84 18.08
N THR C 507 23.38 -2.09 17.69
CA THR C 507 22.57 -2.71 16.66
C THR C 507 22.03 -4.04 17.16
N SER C 508 20.73 -4.12 17.34
CA SER C 508 20.06 -5.39 17.58
C SER C 508 19.77 -6.04 16.23
N PHE C 509 18.95 -7.08 16.22
CA PHE C 509 18.57 -7.68 14.95
C PHE C 509 17.46 -6.90 14.25
N ASP C 510 16.72 -6.06 14.98
CA ASP C 510 15.73 -5.20 14.33
C ASP C 510 15.65 -3.80 14.91
N LYS C 511 16.41 -3.47 15.95
CA LYS C 511 16.36 -2.15 16.56
C LYS C 511 17.78 -1.62 16.77
N ILE C 512 17.93 -0.30 16.66
CA ILE C 512 19.22 0.36 16.75
C ILE C 512 19.11 1.54 17.70
N LEU C 513 20.11 1.71 18.56
CA LEU C 513 20.18 2.83 19.46
C LEU C 513 20.93 3.98 18.80
N LEU C 514 20.67 5.20 19.27
CA LEU C 514 21.34 6.39 18.77
C LEU C 514 21.59 7.37 19.91
N ARG C 515 22.80 7.91 19.96
CA ARG C 515 23.12 8.97 20.89
C ARG C 515 24.13 9.89 20.23
N TRP C 516 24.11 11.16 20.63
CA TRP C 516 25.02 12.14 20.04
C TRP C 516 25.23 13.27 21.02
N GLU C 517 26.26 14.07 20.75
CA GLU C 517 26.61 15.16 21.65
C GLU C 517 25.42 16.10 21.79
N PRO C 518 25.20 16.68 22.97
CA PRO C 518 24.04 17.56 23.16
C PRO C 518 24.32 18.98 22.68
N TYR C 519 24.13 19.19 21.39
CA TYR C 519 24.41 20.51 20.82
C TYR C 519 23.47 21.55 21.41
N TRP C 520 24.04 22.68 21.82
CA TRP C 520 23.29 23.84 22.26
C TRP C 520 23.67 25.04 21.39
N PRO C 521 22.71 25.70 20.76
CA PRO C 521 23.03 26.98 20.10
C PRO C 521 23.40 28.02 21.14
N PRO C 522 24.14 29.06 20.77
CA PRO C 522 24.50 30.08 21.76
C PRO C 522 23.30 30.63 22.50
N ASP C 523 22.17 30.78 21.81
CA ASP C 523 20.89 31.03 22.46
C ASP C 523 20.23 29.66 22.67
N PHE C 524 20.63 29.00 23.76
CA PHE C 524 20.19 27.63 23.99
C PHE C 524 18.66 27.52 24.05
N ARG C 525 17.98 28.61 24.41
CA ARG C 525 16.53 28.58 24.47
C ARG C 525 15.91 28.31 23.10
N ASP C 526 16.62 28.66 22.02
CA ASP C 526 16.03 28.62 20.70
C ASP C 526 15.72 27.18 20.27
N LEU C 527 16.56 26.23 20.66
CA LEU C 527 16.48 24.88 20.10
C LEU C 527 15.08 24.32 20.23
N LEU C 528 14.59 23.71 19.16
CA LEU C 528 13.24 23.16 19.09
C LEU C 528 13.26 21.68 18.76
N GLY C 529 14.22 20.95 19.32
CA GLY C 529 14.26 19.51 19.14
C GLY C 529 14.94 19.08 17.87
N PHE C 530 15.74 18.03 17.96
CA PHE C 530 16.47 17.52 16.81
C PHE C 530 15.53 16.79 15.86
N MET C 531 16.01 16.56 14.64
CA MET C 531 15.29 15.81 13.63
C MET C 531 16.18 14.69 13.12
N LEU C 532 15.64 13.47 13.07
CA LEU C 532 16.39 12.28 12.71
C LEU C 532 15.79 11.65 11.46
N PHE C 533 16.66 11.24 10.54
CA PHE C 533 16.24 10.63 9.29
C PHE C 533 17.02 9.35 9.06
N TYR C 534 16.36 8.38 8.42
CA TYR C 534 17.04 7.16 8.02
C TYR C 534 16.30 6.52 6.87
N LYS C 535 17.00 5.64 6.15
CA LYS C 535 16.40 4.88 5.06
C LYS C 535 17.32 3.72 4.73
N GLU C 536 16.72 2.63 4.25
CA GLU C 536 17.51 1.49 3.81
C GLU C 536 18.47 1.91 2.70
N ALA C 537 19.74 1.53 2.84
CA ALA C 537 20.78 1.88 1.88
C ALA C 537 21.60 0.63 1.58
N PRO C 538 21.10 -0.22 0.68
CA PRO C 538 21.88 -1.42 0.32
C PRO C 538 23.23 -1.09 -0.29
N TYR C 539 23.40 0.10 -0.84
CA TYR C 539 24.68 0.56 -1.35
C TYR C 539 24.89 2.00 -0.93
N GLN C 540 26.13 2.37 -0.66
CA GLN C 540 26.44 3.69 -0.15
C GLN C 540 26.27 4.74 -1.23
N ASN C 541 25.03 5.15 -1.49
CA ASN C 541 24.73 6.18 -2.49
C ASN C 541 24.45 7.53 -1.86
N VAL C 542 23.51 7.59 -0.91
CA VAL C 542 22.87 8.57 -0.03
C VAL C 542 22.61 9.85 -0.81
N THR C 543 21.33 10.23 -0.91
CA THR C 543 20.95 11.41 -1.68
C THR C 543 20.36 12.48 -0.77
N GLU C 544 21.01 12.71 0.37
CA GLU C 544 20.63 13.83 1.22
C GLU C 544 20.30 15.05 0.38
N PHE C 545 19.16 15.67 0.68
CA PHE C 545 18.60 16.83 -0.03
C PHE C 545 17.86 16.45 -1.30
N ASP C 546 17.58 15.17 -1.55
CA ASP C 546 16.84 14.75 -2.73
C ASP C 546 15.48 14.18 -2.34
N GLY C 547 14.49 14.40 -3.20
CA GLY C 547 13.15 13.90 -2.96
C GLY C 547 12.14 14.47 -3.93
N SER C 555 10.50 11.94 -0.03
CA SER C 555 11.13 10.63 0.09
C SER C 555 11.85 10.50 1.43
N TRP C 556 12.20 9.26 1.78
CA TRP C 556 12.80 8.87 3.06
C TRP C 556 12.48 9.87 4.18
N THR C 557 13.35 9.97 5.18
CA THR C 557 13.09 10.86 6.32
C THR C 557 11.92 10.31 7.13
N VAL C 558 12.05 10.25 8.45
CA VAL C 558 11.01 9.64 9.26
C VAL C 558 10.50 10.50 10.41
N VAL C 559 11.35 10.85 11.39
CA VAL C 559 10.84 11.36 12.65
C VAL C 559 11.73 12.43 13.26
N ASP C 560 11.32 12.96 14.41
CA ASP C 560 12.03 14.03 15.10
C ASP C 560 12.02 13.76 16.60
N ILE C 561 12.86 14.51 17.31
CA ILE C 561 13.02 14.38 18.75
C ILE C 561 12.96 15.77 19.38
N ASP C 562 12.84 15.80 20.70
CA ASP C 562 12.86 17.03 21.47
C ASP C 562 14.11 17.12 22.31
N PRO C 563 14.53 18.32 22.68
CA PRO C 563 15.74 18.47 23.50
C PRO C 563 15.56 17.79 24.83
N PRO C 564 16.61 17.19 25.38
CA PRO C 564 16.44 16.45 26.64
C PRO C 564 15.98 17.34 27.78
N LEU C 565 16.83 18.30 28.14
CA LEU C 565 16.59 19.32 29.13
C LEU C 565 17.88 20.10 29.25
N ARG C 566 17.82 21.30 29.82
CA ARG C 566 19.03 22.10 29.95
C ARG C 566 20.15 21.36 30.66
N SER C 567 19.82 20.52 31.65
CA SER C 567 20.78 19.74 32.41
C SER C 567 21.87 20.59 33.05
N ASN C 568 21.67 21.91 33.11
CA ASN C 568 22.55 22.80 33.85
C ASN C 568 23.98 22.81 33.32
N ASP C 569 24.89 22.09 33.98
CA ASP C 569 26.33 22.24 33.80
C ASP C 569 27.04 20.95 34.19
N PRO C 570 28.35 20.98 34.37
CA PRO C 570 29.24 19.98 33.80
C PRO C 570 28.85 18.51 33.91
N LYS C 571 28.93 17.85 32.76
CA LYS C 571 28.63 16.44 32.64
C LYS C 571 27.16 16.20 32.97
N SER C 572 26.71 14.95 32.82
CA SER C 572 25.32 14.60 33.10
C SER C 572 24.36 15.41 32.24
N GLN C 573 24.76 15.71 31.01
CA GLN C 573 23.91 16.47 30.11
C GLN C 573 22.71 15.67 29.62
N ASN C 574 22.73 14.35 29.79
CA ASN C 574 21.69 13.39 29.43
C ASN C 574 21.73 12.95 27.96
N HIS C 575 22.57 13.54 27.12
CA HIS C 575 22.88 12.96 25.81
C HIS C 575 21.64 12.58 25.02
N PRO C 576 20.92 13.53 24.43
CA PRO C 576 19.63 13.20 23.81
C PRO C 576 19.78 12.12 22.76
N GLY C 577 18.79 11.23 22.71
CA GLY C 577 18.88 10.09 21.84
C GLY C 577 17.52 9.60 21.41
N TRP C 578 17.52 8.46 20.73
CA TRP C 578 16.31 7.89 20.16
C TRP C 578 16.69 6.54 19.56
N LEU C 579 15.69 5.66 19.42
CA LEU C 579 15.89 4.38 18.78
C LEU C 579 14.69 4.08 17.88
N MET C 580 14.84 3.05 17.06
CA MET C 580 13.77 2.57 16.20
C MET C 580 13.51 1.10 16.51
N ARG C 581 12.31 0.66 16.17
CA ARG C 581 11.87 -0.69 16.50
C ARG C 581 11.75 -1.57 15.27
N GLY C 582 10.95 -1.16 14.28
CA GLY C 582 10.65 -2.02 13.16
C GLY C 582 11.64 -1.92 12.01
N LEU C 583 12.82 -2.51 12.16
CA LEU C 583 13.81 -2.54 11.11
C LEU C 583 14.19 -3.98 10.80
N LYS C 584 14.30 -4.28 9.50
CA LYS C 584 14.60 -5.64 9.08
C LYS C 584 16.05 -6.00 9.40
N PRO C 585 16.32 -7.25 9.76
CA PRO C 585 17.68 -7.65 10.08
C PRO C 585 18.57 -7.65 8.86
N TRP C 586 19.87 -7.45 9.10
CA TRP C 586 20.89 -7.53 8.06
C TRP C 586 20.52 -6.67 6.85
N THR C 587 20.43 -5.37 7.09
CA THR C 587 20.22 -4.39 6.02
C THR C 587 20.92 -3.11 6.41
N GLN C 588 21.88 -2.68 5.60
CA GLN C 588 22.57 -1.43 5.86
C GLN C 588 21.56 -0.28 5.96
N TYR C 589 21.74 0.56 6.96
CA TYR C 589 20.86 1.69 7.17
C TYR C 589 21.69 2.97 7.23
N ALA C 590 21.25 3.98 6.48
CA ALA C 590 21.89 5.29 6.49
C ALA C 590 21.18 6.17 7.51
N ILE C 591 21.95 6.81 8.37
CA ILE C 591 21.41 7.54 9.52
C ILE C 591 22.12 8.87 9.64
N PHE C 592 21.36 9.92 9.90
CA PHE C 592 21.91 11.24 10.20
C PHE C 592 20.85 12.06 10.90
N VAL C 593 21.30 12.98 11.75
CA VAL C 593 20.41 13.81 12.57
C VAL C 593 20.76 15.27 12.31
N LYS C 594 19.73 16.07 12.02
CA LYS C 594 19.89 17.50 11.85
C LYS C 594 19.07 18.22 12.92
N THR C 595 19.51 19.42 13.27
CA THR C 595 18.86 20.20 14.31
C THR C 595 17.81 21.12 13.72
N LEU C 596 16.61 21.09 14.29
CA LEU C 596 15.51 21.94 13.87
C LEU C 596 15.44 23.12 14.83
N VAL C 597 16.10 24.21 14.47
CA VAL C 597 16.21 25.39 15.34
C VAL C 597 15.20 26.43 14.88
N THR C 598 14.75 27.25 15.83
CA THR C 598 13.82 28.32 15.50
C THR C 598 14.42 29.25 14.46
N PHE C 599 13.59 29.67 13.50
CA PHE C 599 14.04 30.57 12.44
C PHE C 599 14.09 31.98 12.98
N SER C 600 15.23 32.33 13.57
CA SER C 600 15.44 33.68 14.07
C SER C 600 15.85 34.58 12.90
N ASP C 601 15.07 35.64 12.67
CA ASP C 601 15.33 36.50 11.51
C ASP C 601 16.71 37.13 11.59
N GLU C 602 17.16 37.50 12.78
CA GLU C 602 18.52 38.01 12.93
C GLU C 602 19.49 36.88 12.67
N ARG C 603 20.79 37.16 12.81
CA ARG C 603 21.80 36.12 12.61
C ARG C 603 21.41 34.89 13.42
N ARG C 604 21.18 33.79 12.72
CA ARG C 604 20.79 32.53 13.34
C ARG C 604 21.99 31.60 13.40
N THR C 605 22.24 31.01 14.57
CA THR C 605 23.22 29.95 14.64
C THR C 605 22.60 28.72 14.00
N TYR C 606 22.72 28.62 12.67
CA TYR C 606 21.96 27.65 11.90
C TYR C 606 21.89 26.30 12.59
N GLY C 607 22.96 25.91 13.27
CA GLY C 607 22.98 24.67 14.02
C GLY C 607 23.93 23.65 13.42
N ALA C 608 23.86 22.45 13.97
CA ALA C 608 24.72 21.34 13.58
C ALA C 608 23.95 20.34 12.73
N LYS C 609 24.58 19.89 11.66
CA LYS C 609 24.05 18.88 10.76
C LYS C 609 24.98 17.68 10.85
N SER C 610 24.52 16.62 11.49
CA SER C 610 25.37 15.47 11.74
C SER C 610 25.81 14.82 10.44
N ASP C 611 26.98 14.21 10.47
CA ASP C 611 27.44 13.44 9.33
C ASP C 611 26.44 12.33 9.00
N ILE C 612 26.63 11.73 7.83
CA ILE C 612 25.81 10.63 7.37
C ILE C 612 26.56 9.34 7.66
N ILE C 613 25.92 8.43 8.40
CA ILE C 613 26.56 7.18 8.79
C ILE C 613 25.74 6.02 8.26
N TYR C 614 26.42 4.90 8.05
CA TYR C 614 25.78 3.65 7.62
C TYR C 614 25.87 2.64 8.75
N VAL C 615 24.71 2.13 9.17
CA VAL C 615 24.64 1.12 10.22
C VAL C 615 23.86 -0.06 9.66
N GLN C 616 24.39 -1.26 9.87
CA GLN C 616 23.76 -2.50 9.43
C GLN C 616 23.32 -3.28 10.66
N THR C 617 22.03 -3.55 10.76
CA THR C 617 21.53 -4.27 11.91
C THR C 617 22.13 -5.68 11.95
N ASP C 618 21.81 -6.42 13.01
CA ASP C 618 22.37 -7.73 13.19
C ASP C 618 21.65 -8.74 12.30
N ALA C 619 22.10 -10.00 12.36
CA ALA C 619 21.51 -11.09 11.61
C ALA C 619 20.76 -12.01 12.56
N THR C 620 19.48 -12.21 12.31
CA THR C 620 18.66 -13.12 13.09
C THR C 620 18.56 -14.46 12.36
N ASN C 621 17.86 -15.40 12.97
CA ASN C 621 17.68 -16.70 12.34
C ASN C 621 16.90 -16.52 11.04
N PRO C 622 17.23 -17.28 9.99
CA PRO C 622 16.58 -17.04 8.69
C PRO C 622 15.12 -17.46 8.69
N SER C 623 14.48 -17.36 7.54
CA SER C 623 13.17 -17.97 7.37
C SER C 623 13.33 -19.43 6.97
N VAL C 624 12.23 -20.18 7.09
CA VAL C 624 12.32 -21.61 6.80
C VAL C 624 12.70 -21.81 5.34
N PRO C 625 13.53 -22.79 4.99
CA PRO C 625 13.80 -23.05 3.57
C PRO C 625 12.52 -23.38 2.82
N LEU C 626 12.45 -22.93 1.57
CA LEU C 626 11.21 -22.93 0.81
C LEU C 626 11.29 -23.81 -0.43
N ASP C 627 10.12 -24.22 -0.91
CA ASP C 627 9.94 -25.05 -2.09
C ASP C 627 10.68 -26.38 -1.97
N PRO C 628 10.55 -27.10 -0.86
CA PRO C 628 11.22 -28.40 -0.76
C PRO C 628 10.39 -29.47 -1.44
N ILE C 629 10.98 -30.14 -2.43
CA ILE C 629 10.32 -31.22 -3.15
C ILE C 629 11.26 -32.41 -3.17
N SER C 630 10.82 -33.53 -2.62
CA SER C 630 11.64 -34.73 -2.49
C SER C 630 11.32 -35.70 -3.62
N VAL C 631 11.66 -35.29 -4.85
CA VAL C 631 11.52 -36.17 -5.99
C VAL C 631 12.42 -37.39 -5.79
N SER C 632 12.07 -38.48 -6.46
CA SER C 632 12.87 -39.69 -6.46
C SER C 632 13.38 -39.95 -7.86
N ASN C 633 14.71 -40.12 -7.99
CA ASN C 633 15.33 -40.39 -9.28
C ASN C 633 15.78 -41.83 -9.45
N SER C 634 16.06 -42.54 -8.35
CA SER C 634 16.47 -43.94 -8.42
C SER C 634 15.85 -44.69 -7.24
N SER C 635 15.75 -46.01 -7.40
CA SER C 635 15.07 -46.85 -6.42
C SER C 635 15.51 -46.53 -5.00
N SER C 636 16.81 -46.66 -4.73
CA SER C 636 17.36 -46.44 -3.40
C SER C 636 17.97 -45.06 -3.22
N GLN C 637 17.74 -44.15 -4.17
CA GLN C 637 18.29 -42.80 -4.12
C GLN C 637 17.16 -41.79 -4.21
N ILE C 638 17.35 -40.66 -3.55
CA ILE C 638 16.37 -39.58 -3.53
C ILE C 638 17.10 -38.27 -3.79
N ILE C 639 16.54 -37.45 -4.68
CA ILE C 639 17.01 -36.10 -4.92
C ILE C 639 15.95 -35.15 -4.36
N LEU C 640 16.39 -34.23 -3.50
CA LEU C 640 15.51 -33.29 -2.85
C LEU C 640 15.88 -31.89 -3.31
N LYS C 641 14.92 -31.18 -3.88
CA LYS C 641 15.12 -29.85 -4.45
C LYS C 641 14.38 -28.85 -3.59
N TRP C 642 15.11 -27.86 -3.08
CA TRP C 642 14.52 -26.78 -2.30
C TRP C 642 15.13 -25.46 -2.73
N LYS C 643 14.37 -24.39 -2.57
CA LYS C 643 14.78 -23.07 -2.99
C LYS C 643 15.17 -22.22 -1.79
N PRO C 644 15.94 -21.16 -1.99
CA PRO C 644 16.41 -20.38 -0.84
C PRO C 644 15.26 -19.85 -0.03
N PRO C 645 15.39 -19.76 1.29
CA PRO C 645 14.28 -19.29 2.11
C PRO C 645 13.85 -17.89 1.69
N SER C 646 12.55 -17.64 1.78
CA SER C 646 12.01 -16.37 1.32
C SER C 646 12.69 -15.18 1.98
N ASP C 647 13.11 -15.34 3.23
CA ASP C 647 13.70 -14.24 4.01
C ASP C 647 15.03 -14.72 4.58
N PRO C 648 16.11 -14.66 3.80
CA PRO C 648 17.40 -15.13 4.32
C PRO C 648 17.80 -14.45 5.62
N ASN C 649 17.58 -13.16 5.76
CA ASN C 649 17.87 -12.43 6.99
C ASN C 649 19.23 -12.83 7.54
N GLY C 650 20.19 -13.01 6.65
CA GLY C 650 21.52 -13.44 7.02
C GLY C 650 22.13 -14.35 5.98
N ASN C 651 23.39 -14.09 5.63
CA ASN C 651 24.10 -14.92 4.65
C ASN C 651 23.95 -16.38 5.01
N ILE C 652 23.39 -17.16 4.09
CA ILE C 652 23.09 -18.56 4.36
C ILE C 652 24.38 -19.36 4.33
N THR C 653 24.96 -19.58 5.51
CA THR C 653 26.27 -20.23 5.57
C THR C 653 26.23 -21.61 4.95
N HIS C 654 25.23 -22.41 5.30
CA HIS C 654 25.12 -23.76 4.79
C HIS C 654 23.77 -24.32 5.20
N TYR C 655 23.16 -25.07 4.28
CA TYR C 655 21.90 -25.75 4.57
C TYR C 655 22.20 -27.04 5.33
N LEU C 656 21.48 -27.26 6.42
CA LEU C 656 21.61 -28.47 7.21
C LEU C 656 20.38 -29.33 6.95
N VAL C 657 20.60 -30.56 6.51
CA VAL C 657 19.54 -31.45 6.07
C VAL C 657 19.56 -32.69 6.95
N PHE C 658 18.42 -32.99 7.57
CA PHE C 658 18.24 -34.18 8.38
C PHE C 658 17.16 -35.04 7.74
N TRP C 659 17.49 -36.30 7.44
CA TRP C 659 16.52 -37.28 6.97
C TRP C 659 16.57 -38.50 7.88
N GLU C 660 15.39 -39.03 8.20
CA GLU C 660 15.25 -40.19 9.08
C GLU C 660 14.30 -41.19 8.46
N ARG C 661 14.62 -42.48 8.64
CA ARG C 661 13.74 -43.55 8.20
C ARG C 661 12.63 -43.75 9.21
N GLN C 662 11.39 -43.85 8.71
CA GLN C 662 10.21 -44.01 9.56
C GLN C 662 9.59 -45.38 9.33
N ALA C 663 9.37 -46.09 10.43
CA ALA C 663 8.64 -47.36 10.35
C ALA C 663 7.21 -47.10 9.92
N GLU C 664 6.63 -48.09 9.24
CA GLU C 664 5.26 -47.94 8.74
C GLU C 664 4.28 -47.82 9.91
N ASP C 665 3.09 -47.33 9.60
CA ASP C 665 2.08 -47.12 10.62
C ASP C 665 1.72 -48.43 11.30
N SER C 666 1.42 -48.34 12.61
CA SER C 666 1.07 -49.54 13.36
C SER C 666 -0.11 -50.26 12.71
N GLU C 667 -1.10 -49.51 12.22
CA GLU C 667 -2.20 -50.13 11.48
C GLU C 667 -1.71 -50.78 10.19
N LEU C 668 -0.58 -50.33 9.65
CA LEU C 668 0.01 -50.93 8.47
C LEU C 668 0.98 -52.07 8.81
N PHE C 669 1.11 -52.41 10.09
CA PHE C 669 1.98 -53.50 10.51
C PHE C 669 1.31 -54.50 11.43
N GLU C 670 0.11 -54.23 11.94
CA GLU C 670 -0.57 -55.11 12.88
C GLU C 670 -1.84 -55.72 12.29
N LEU C 671 -2.71 -54.91 11.70
CA LEU C 671 -3.98 -55.40 11.18
C LEU C 671 -3.74 -56.47 10.12
N ASP C 672 -4.82 -57.16 9.75
CA ASP C 672 -4.77 -58.12 8.66
C ASP C 672 -4.96 -57.41 7.33
N TYR C 673 -4.33 -57.96 6.28
CA TYR C 673 -4.32 -57.32 4.97
C TYR C 673 -4.63 -58.31 3.85
N CYS C 674 -5.22 -59.46 4.18
CA CYS C 674 -5.62 -60.44 3.18
C CYS C 674 -7.13 -60.43 2.92
N LEU C 675 -7.84 -59.44 3.46
CA LEU C 675 -9.28 -59.36 3.25
C LEU C 675 -9.61 -59.35 1.76
N LYS C 676 -10.34 -60.36 1.31
CA LYS C 676 -10.71 -60.44 -0.09
C LYS C 676 -11.57 -59.24 -0.46
N GLY C 677 -11.44 -58.81 -1.72
CA GLY C 677 -11.92 -57.49 -2.08
C GLY C 677 -11.08 -56.48 -1.35
N LEU C 678 -9.82 -56.38 -1.74
CA LEU C 678 -8.75 -55.82 -0.91
C LEU C 678 -9.22 -54.57 -0.15
N LYS C 679 -9.15 -54.65 1.18
CA LYS C 679 -9.42 -53.53 2.06
C LYS C 679 -8.13 -52.99 2.68
N LEU C 680 -7.01 -53.10 1.97
CA LEU C 680 -5.72 -52.66 2.45
C LEU C 680 -5.84 -51.25 3.03
N PRO C 681 -5.47 -51.03 4.30
CA PRO C 681 -5.61 -49.70 4.89
C PRO C 681 -4.97 -48.61 4.04
N SER C 682 -5.78 -47.71 3.50
CA SER C 682 -5.29 -46.61 2.67
C SER C 682 -4.87 -45.44 3.55
N ARG C 683 -3.91 -45.72 4.44
CA ARG C 683 -3.42 -44.72 5.38
C ARG C 683 -2.01 -44.29 5.01
N GLU C 781 20.91 -40.40 21.64
CA GLU C 781 20.85 -39.33 20.65
C GLU C 781 20.24 -39.83 19.35
N GLU C 782 19.34 -39.03 18.78
CA GLU C 782 18.69 -39.35 17.51
C GLU C 782 19.47 -38.64 16.41
N HIS C 783 20.51 -39.31 15.91
CA HIS C 783 21.30 -38.80 14.81
C HIS C 783 20.58 -39.14 13.50
N ARG C 784 19.60 -38.31 13.16
CA ARG C 784 19.03 -38.41 11.82
C ARG C 784 20.19 -38.18 10.86
N PRO C 785 20.51 -39.14 9.99
CA PRO C 785 21.68 -38.96 9.11
C PRO C 785 21.63 -37.60 8.43
N PHE C 786 22.65 -36.77 8.65
CA PHE C 786 22.62 -35.39 8.22
C PHE C 786 23.92 -35.04 7.50
N GLU C 787 23.81 -34.05 6.62
CA GLU C 787 24.96 -33.53 5.89
C GLU C 787 24.85 -32.01 5.84
N LYS C 788 25.99 -31.34 6.00
CA LYS C 788 26.04 -29.88 5.93
C LYS C 788 26.18 -29.46 4.46
N VAL C 789 25.09 -29.64 3.72
CA VAL C 789 25.08 -29.24 2.32
C VAL C 789 25.39 -27.76 2.22
N VAL C 790 26.35 -27.41 1.37
CA VAL C 790 26.83 -26.04 1.23
C VAL C 790 26.60 -25.61 -0.21
N ASN C 791 25.71 -24.64 -0.39
CA ASN C 791 25.39 -24.01 -1.68
C ASN C 791 24.58 -24.91 -2.60
N LYS C 792 24.35 -26.17 -2.23
CA LYS C 792 23.58 -27.10 -3.07
C LYS C 792 22.12 -27.00 -2.68
N GLU C 793 21.37 -26.20 -3.42
CA GLU C 793 19.95 -25.99 -3.11
C GLU C 793 19.11 -27.23 -3.36
N SER C 794 19.65 -28.24 -4.04
CA SER C 794 18.93 -29.49 -4.31
C SER C 794 19.86 -30.65 -3.97
N LEU C 795 19.52 -31.40 -2.93
CA LEU C 795 20.38 -32.47 -2.44
C LEU C 795 20.07 -33.78 -3.14
N VAL C 796 21.10 -34.63 -3.24
CA VAL C 796 20.93 -35.99 -3.72
C VAL C 796 21.18 -36.94 -2.55
N ILE C 797 20.13 -37.29 -1.82
CA ILE C 797 20.29 -38.18 -0.68
C ILE C 797 20.60 -39.59 -1.17
N SER C 798 21.42 -40.30 -0.41
CA SER C 798 21.85 -41.63 -0.78
C SER C 798 21.85 -42.53 0.45
N GLY C 799 21.79 -43.84 0.19
CA GLY C 799 21.77 -44.83 1.25
C GLY C 799 20.39 -45.19 1.76
N LEU C 800 19.33 -44.69 1.13
CA LEU C 800 17.98 -44.97 1.59
C LEU C 800 17.56 -46.37 1.15
N ARG C 801 16.30 -46.71 1.36
CA ARG C 801 15.74 -48.00 0.95
C ARG C 801 14.52 -47.75 0.08
N HIS C 802 14.44 -48.47 -1.04
CA HIS C 802 13.34 -48.31 -1.97
C HIS C 802 12.00 -48.38 -1.26
N PHE C 803 11.16 -47.36 -1.49
CA PHE C 803 9.79 -47.33 -1.00
C PHE C 803 9.71 -47.57 0.50
N THR C 804 10.69 -47.06 1.25
CA THR C 804 10.69 -47.14 2.70
C THR C 804 10.33 -45.78 3.29
N GLY C 805 9.58 -45.81 4.38
CA GLY C 805 9.19 -44.57 5.02
C GLY C 805 10.41 -43.76 5.43
N TYR C 806 10.35 -42.45 5.17
CA TYR C 806 11.46 -41.57 5.51
C TYR C 806 10.93 -40.20 5.88
N ARG C 807 11.40 -39.67 7.02
CA ARG C 807 11.06 -38.33 7.47
C ARG C 807 12.25 -37.42 7.19
N ILE C 808 12.01 -36.39 6.38
CA ILE C 808 13.06 -35.47 5.97
C ILE C 808 12.84 -34.13 6.67
N GLU C 809 13.90 -33.32 6.70
CA GLU C 809 13.88 -32.07 7.43
C GLU C 809 15.00 -31.19 6.89
N LEU C 810 14.68 -29.93 6.62
CA LEU C 810 15.60 -28.99 5.98
C LEU C 810 15.94 -27.86 6.95
N GLN C 811 17.03 -28.02 7.68
CA GLN C 811 17.52 -26.98 8.57
C GLN C 811 18.38 -26.00 7.77
N ALA C 812 18.04 -24.71 7.84
CA ALA C 812 18.79 -23.66 7.18
C ALA C 812 19.37 -22.72 8.23
N CYS C 813 20.64 -22.39 8.09
CA CYS C 813 21.32 -21.55 9.06
C CYS C 813 22.14 -20.49 8.34
N ASN C 814 22.31 -19.34 8.99
CA ASN C 814 23.19 -18.28 8.50
C ASN C 814 24.30 -17.98 9.50
N GLN C 815 24.78 -19.01 10.19
CA GLN C 815 25.85 -18.86 11.16
C GLN C 815 26.37 -20.24 11.51
N ASP C 816 27.68 -20.44 11.45
CA ASP C 816 28.26 -21.77 11.51
C ASP C 816 29.12 -22.00 12.75
N THR C 817 30.14 -21.18 12.99
CA THR C 817 31.11 -21.52 14.03
C THR C 817 30.55 -21.25 15.42
N PRO C 818 29.90 -20.10 15.67
CA PRO C 818 29.32 -19.88 17.00
C PRO C 818 27.96 -20.53 17.11
N GLU C 819 27.23 -20.28 18.19
CA GLU C 819 25.85 -20.73 18.29
C GLU C 819 25.11 -20.39 17.01
N GLU C 820 24.67 -21.43 16.30
CA GLU C 820 24.13 -21.28 14.95
C GLU C 820 22.66 -20.90 15.00
N ARG C 821 22.29 -19.87 14.25
CA ARG C 821 20.91 -19.38 14.20
C ARG C 821 20.13 -20.18 13.15
N CYS C 822 20.07 -21.49 13.37
CA CYS C 822 19.41 -22.40 12.43
C CYS C 822 17.90 -22.26 12.59
N SER C 823 17.26 -21.66 11.60
CA SER C 823 15.81 -21.43 11.67
C SER C 823 15.08 -22.76 11.78
N VAL C 824 13.82 -22.67 12.21
CA VAL C 824 12.99 -23.86 12.29
C VAL C 824 12.89 -24.50 10.92
N ALA C 825 13.08 -25.82 10.86
CA ALA C 825 13.12 -26.52 9.59
C ALA C 825 11.73 -26.74 9.03
N ALA C 826 11.67 -26.89 7.71
CA ALA C 826 10.49 -27.43 7.06
C ALA C 826 10.50 -28.94 7.19
N TYR C 827 9.53 -29.60 6.57
CA TYR C 827 9.45 -31.05 6.65
C TYR C 827 8.89 -31.62 5.36
N VAL C 828 9.29 -32.85 5.06
CA VAL C 828 8.70 -33.63 3.98
C VAL C 828 9.00 -35.10 4.25
N SER C 829 7.98 -35.95 4.16
CA SER C 829 8.14 -37.38 4.38
C SER C 829 8.25 -38.09 3.04
N ALA C 830 9.43 -37.96 2.45
CA ALA C 830 9.69 -38.56 1.14
C ALA C 830 9.67 -40.08 1.23
N ARG C 831 9.13 -40.72 0.21
CA ARG C 831 9.17 -42.17 0.08
C ARG C 831 9.99 -42.51 -1.15
N THR C 832 11.03 -43.32 -0.97
CA THR C 832 11.86 -43.75 -2.08
C THR C 832 11.02 -44.45 -3.13
N MET C 833 11.46 -44.38 -4.39
CA MET C 833 10.76 -45.10 -5.43
C MET C 833 11.04 -46.60 -5.27
N PRO C 834 10.03 -47.45 -5.48
CA PRO C 834 10.22 -48.88 -5.19
C PRO C 834 11.18 -49.56 -6.13
N GLU C 835 11.78 -50.63 -5.64
CA GLU C 835 12.58 -51.53 -6.46
C GLU C 835 11.68 -52.66 -6.94
N ALA C 836 11.58 -52.85 -8.25
CA ALA C 836 10.91 -54.03 -8.76
C ALA C 836 11.89 -55.19 -8.95
N LYS C 837 12.75 -55.39 -7.98
CA LYS C 837 13.52 -56.63 -7.79
C LYS C 837 13.49 -57.08 -6.34
N ALA C 838 13.57 -56.16 -5.39
CA ALA C 838 13.50 -56.46 -3.96
C ALA C 838 12.09 -56.27 -3.44
N ASP C 839 11.11 -56.88 -4.10
CA ASP C 839 9.75 -56.91 -3.61
C ASP C 839 9.09 -58.26 -3.85
N ASP C 840 9.80 -59.24 -4.40
CA ASP C 840 9.28 -60.58 -4.59
C ASP C 840 9.64 -61.44 -3.39
N ILE C 841 9.24 -62.71 -3.43
CA ILE C 841 9.58 -63.67 -2.40
C ILE C 841 10.95 -64.24 -2.75
N VAL C 842 11.99 -63.74 -2.08
CA VAL C 842 13.34 -64.19 -2.37
C VAL C 842 13.43 -65.69 -2.13
N GLY C 843 13.81 -66.43 -3.17
CA GLY C 843 13.91 -67.87 -3.09
C GLY C 843 12.57 -68.54 -3.27
N PRO C 844 12.57 -69.88 -3.31
CA PRO C 844 11.31 -70.61 -3.49
C PRO C 844 10.46 -70.62 -2.22
N VAL C 845 9.35 -71.35 -2.26
CA VAL C 845 8.41 -71.43 -1.15
C VAL C 845 8.56 -72.80 -0.50
N THR C 846 8.95 -72.81 0.77
CA THR C 846 9.04 -74.06 1.52
C THR C 846 7.64 -74.64 1.75
N HIS C 847 7.57 -75.97 1.81
CA HIS C 847 6.28 -76.63 1.89
C HIS C 847 6.46 -78.03 2.47
N GLU C 848 5.34 -78.61 2.89
CA GLU C 848 5.29 -79.99 3.31
C GLU C 848 3.89 -80.53 3.03
N ILE C 849 3.80 -81.85 2.91
CA ILE C 849 2.57 -82.51 2.49
C ILE C 849 2.12 -83.47 3.59
N PHE C 850 0.80 -83.67 3.66
CA PHE C 850 0.19 -84.59 4.60
C PHE C 850 -0.63 -85.62 3.84
N GLU C 851 -0.76 -86.81 4.44
CA GLU C 851 -1.46 -87.91 3.78
C GLU C 851 -2.96 -87.65 3.64
N ASN C 852 -3.51 -86.69 4.38
CA ASN C 852 -4.94 -86.41 4.38
C ASN C 852 -5.32 -85.30 3.40
N ASN C 853 -4.60 -85.17 2.28
CA ASN C 853 -4.88 -84.14 1.28
C ASN C 853 -4.74 -82.74 1.88
N VAL C 854 -3.73 -82.56 2.72
CA VAL C 854 -3.42 -81.28 3.33
C VAL C 854 -1.95 -80.97 3.08
N VAL C 855 -1.66 -79.73 2.69
CA VAL C 855 -0.31 -79.28 2.41
C VAL C 855 -0.06 -78.00 3.19
N HIS C 856 1.07 -77.93 3.87
CA HIS C 856 1.48 -76.75 4.63
C HIS C 856 2.62 -76.05 3.90
N LEU C 857 2.51 -74.73 3.79
CA LEU C 857 3.49 -73.92 3.08
C LEU C 857 4.27 -73.04 4.06
N MET C 858 5.46 -72.65 3.63
CA MET C 858 6.34 -71.83 4.45
C MET C 858 7.30 -71.09 3.53
N TRP C 859 7.70 -69.89 3.95
CA TRP C 859 8.63 -69.08 3.17
C TRP C 859 9.14 -67.95 4.06
N GLN C 860 10.09 -67.19 3.52
CA GLN C 860 10.69 -66.06 4.22
C GLN C 860 10.68 -64.84 3.31
N GLU C 861 10.18 -63.73 3.83
CA GLU C 861 10.11 -62.50 3.06
C GLU C 861 11.48 -61.83 2.97
N PRO C 862 11.72 -61.04 1.93
CA PRO C 862 13.00 -60.32 1.84
C PRO C 862 13.17 -59.34 2.99
N LYS C 863 14.42 -59.17 3.42
CA LYS C 863 14.75 -58.27 4.51
C LYS C 863 14.86 -56.81 4.07
N GLU C 864 14.85 -56.55 2.77
CA GLU C 864 14.86 -55.18 2.24
C GLU C 864 13.77 -55.04 1.20
N PRO C 865 12.52 -55.14 1.60
CA PRO C 865 11.41 -55.02 0.65
C PRO C 865 11.18 -53.57 0.28
N ASN C 866 10.16 -53.34 -0.56
CA ASN C 866 9.76 -51.98 -0.91
C ASN C 866 9.02 -51.37 0.27
N GLY C 867 9.77 -51.01 1.31
CA GLY C 867 9.18 -50.57 2.56
C GLY C 867 8.76 -51.74 3.42
N LEU C 868 7.84 -52.55 2.90
CA LEU C 868 7.37 -53.74 3.60
C LEU C 868 6.48 -54.52 2.66
N ILE C 869 6.41 -55.83 2.89
CA ILE C 869 5.51 -56.72 2.17
C ILE C 869 4.45 -57.17 3.16
N VAL C 870 3.20 -56.78 2.92
CA VAL C 870 2.10 -57.06 3.83
C VAL C 870 1.35 -58.33 3.43
N LEU C 871 1.22 -58.58 2.13
CA LEU C 871 0.51 -59.75 1.63
C LEU C 871 1.30 -60.37 0.48
N TYR C 872 1.11 -61.67 0.31
CA TYR C 872 1.77 -62.43 -0.75
C TYR C 872 0.71 -63.14 -1.57
N GLU C 873 0.80 -62.99 -2.90
CA GLU C 873 -0.14 -63.64 -3.80
C GLU C 873 0.31 -65.08 -4.04
N VAL C 874 -0.54 -66.03 -3.67
CA VAL C 874 -0.27 -67.45 -3.88
C VAL C 874 -1.00 -67.90 -5.13
N SER C 875 -0.47 -68.95 -5.77
CA SER C 875 -1.10 -69.53 -6.95
C SER C 875 -0.71 -71.00 -7.00
N TYR C 876 -1.68 -71.89 -6.82
CA TYR C 876 -1.44 -73.32 -6.73
C TYR C 876 -2.26 -74.05 -7.78
N ARG C 877 -1.64 -75.01 -8.45
CA ARG C 877 -2.24 -75.72 -9.56
C ARG C 877 -2.00 -77.22 -9.43
N ARG C 878 -2.94 -78.00 -9.97
CA ARG C 878 -2.80 -79.44 -10.12
C ARG C 878 -2.87 -79.81 -11.59
N TYR C 879 -2.15 -80.87 -11.96
CA TYR C 879 -2.22 -81.34 -13.34
C TYR C 879 -3.65 -81.75 -13.67
N GLY C 880 -4.13 -81.31 -14.81
CA GLY C 880 -5.52 -81.50 -15.21
C GLY C 880 -6.43 -80.38 -14.71
N ASP C 881 -6.15 -79.88 -13.50
CA ASP C 881 -6.91 -78.77 -12.94
C ASP C 881 -6.27 -77.46 -13.37
N GLU C 882 -6.68 -76.36 -12.75
CA GLU C 882 -6.19 -75.03 -13.08
C GLU C 882 -5.71 -74.33 -11.83
N GLU C 883 -4.80 -73.37 -12.01
CA GLU C 883 -4.22 -72.66 -10.88
C GLU C 883 -5.27 -71.85 -10.13
N LEU C 884 -5.15 -71.83 -8.80
CA LEU C 884 -6.03 -71.05 -7.95
C LEU C 884 -5.17 -70.31 -6.93
N HIS C 885 -5.68 -69.16 -6.47
CA HIS C 885 -4.93 -68.26 -5.61
C HIS C 885 -5.55 -68.22 -4.22
N LEU C 886 -4.68 -68.18 -3.21
CA LEU C 886 -5.09 -68.01 -1.81
C LEU C 886 -4.22 -66.93 -1.18
N CYS C 887 -4.81 -66.16 -0.27
CA CYS C 887 -4.10 -65.07 0.39
C CYS C 887 -3.62 -65.53 1.77
N VAL C 888 -2.35 -65.26 2.06
CA VAL C 888 -1.73 -65.60 3.33
C VAL C 888 -1.10 -64.32 3.88
N SER C 889 -1.77 -63.68 4.84
CA SER C 889 -1.24 -62.48 5.46
C SER C 889 -0.18 -62.84 6.49
N ARG C 890 0.39 -61.81 7.11
CA ARG C 890 1.36 -62.04 8.18
C ARG C 890 0.70 -62.76 9.36
N LYS C 891 -0.52 -62.37 9.71
CA LYS C 891 -1.26 -63.09 10.74
C LYS C 891 -1.56 -64.52 10.30
N HIS C 892 -2.01 -64.69 9.06
CA HIS C 892 -2.23 -66.03 8.53
C HIS C 892 -0.94 -66.82 8.49
N PHE C 893 0.16 -66.17 8.11
CA PHE C 893 1.45 -66.84 8.09
C PHE C 893 1.82 -67.34 9.48
N ALA C 894 1.73 -66.47 10.49
CA ALA C 894 2.11 -66.87 11.84
C ALA C 894 1.20 -67.96 12.39
N LEU C 895 -0.11 -67.82 12.20
CA LEU C 895 -1.04 -68.79 12.76
C LEU C 895 -0.83 -70.18 12.15
N GLU C 896 -0.64 -70.24 10.85
CA GLU C 896 -0.46 -71.51 10.14
C GLU C 896 1.00 -71.78 9.78
N ARG C 897 1.94 -71.00 10.32
CA ARG C 897 3.35 -71.10 9.94
C ARG C 897 3.49 -70.97 8.43
N GLY C 898 2.69 -70.07 7.85
CA GLY C 898 2.62 -69.92 6.42
C GLY C 898 1.20 -70.16 5.92
N CYS C 899 1.02 -71.24 5.16
CA CYS C 899 -0.28 -71.64 4.68
C CYS C 899 -0.48 -73.13 4.91
N ARG C 900 -1.74 -73.55 5.00
CA ARG C 900 -2.11 -74.96 5.16
C ARG C 900 -3.28 -75.23 4.22
N LEU C 901 -2.97 -75.69 3.02
CA LEU C 901 -4.01 -75.95 2.02
C LEU C 901 -4.89 -77.12 2.46
N ARG C 902 -6.18 -76.99 2.20
CA ARG C 902 -7.15 -78.03 2.52
C ARG C 902 -8.08 -78.24 1.34
N GLY C 903 -8.64 -79.44 1.27
CA GLY C 903 -9.50 -79.80 0.15
C GLY C 903 -8.70 -80.00 -1.12
N LEU C 904 -7.81 -80.99 -1.11
CA LEU C 904 -6.89 -81.23 -2.21
C LEU C 904 -7.20 -82.56 -2.88
N SER C 905 -7.19 -82.58 -4.22
CA SER C 905 -7.43 -83.79 -4.98
C SER C 905 -6.12 -84.51 -5.28
N PRO C 906 -6.13 -85.83 -5.39
CA PRO C 906 -4.87 -86.56 -5.65
C PRO C 906 -4.24 -86.13 -6.97
N GLY C 907 -2.92 -86.08 -6.97
CA GLY C 907 -2.18 -85.74 -8.17
C GLY C 907 -1.05 -84.77 -7.94
N ASN C 908 -0.15 -84.65 -8.93
CA ASN C 908 0.96 -83.72 -8.83
C ASN C 908 0.46 -82.28 -8.79
N TYR C 909 1.19 -81.44 -8.06
CA TYR C 909 0.79 -80.06 -7.80
C TYR C 909 1.87 -79.11 -8.30
N SER C 910 1.52 -77.82 -8.37
CA SER C 910 2.44 -76.77 -8.77
C SER C 910 1.98 -75.47 -8.14
N VAL C 911 2.87 -74.81 -7.40
CA VAL C 911 2.54 -73.61 -6.64
C VAL C 911 3.50 -72.50 -7.03
N ARG C 912 2.94 -71.34 -7.38
CA ARG C 912 3.71 -70.13 -7.66
C ARG C 912 3.16 -69.01 -6.78
N ILE C 913 4.04 -68.29 -6.10
CA ILE C 913 3.66 -67.27 -5.14
C ILE C 913 4.41 -65.99 -5.47
N ARG C 914 3.70 -64.86 -5.50
CA ARG C 914 4.28 -63.56 -5.76
C ARG C 914 4.01 -62.64 -4.58
N ALA C 915 5.06 -62.05 -4.04
CA ALA C 915 4.91 -61.07 -2.98
C ALA C 915 4.29 -59.79 -3.52
N THR C 916 3.42 -59.17 -2.72
CA THR C 916 2.72 -57.95 -3.11
C THR C 916 3.00 -56.90 -2.04
N SER C 917 4.10 -56.16 -2.22
CA SER C 917 4.42 -55.07 -1.33
C SER C 917 3.46 -53.90 -1.56
N LEU C 918 3.63 -52.84 -0.78
CA LEU C 918 2.79 -51.66 -0.95
C LEU C 918 2.95 -51.07 -2.34
N ALA C 919 4.15 -51.19 -2.93
CA ALA C 919 4.35 -50.71 -4.29
C ALA C 919 3.48 -51.48 -5.27
N GLY C 920 3.39 -52.79 -5.12
CA GLY C 920 2.58 -53.59 -6.01
C GLY C 920 3.06 -55.03 -6.00
N ASN C 921 2.46 -55.81 -6.90
CA ASN C 921 2.83 -57.22 -7.02
C ASN C 921 4.26 -57.35 -7.53
N GLY C 922 4.99 -58.31 -6.96
CA GLY C 922 6.38 -58.51 -7.33
C GLY C 922 6.55 -59.56 -8.41
N SER C 923 7.20 -60.67 -8.07
CA SER C 923 7.46 -61.75 -9.02
C SER C 923 7.02 -63.07 -8.41
N TRP C 924 6.37 -63.90 -9.23
CA TRP C 924 5.92 -65.20 -8.77
C TRP C 924 7.12 -66.09 -8.46
N THR C 925 6.99 -66.91 -7.41
CA THR C 925 8.05 -67.82 -7.03
C THR C 925 8.18 -68.93 -8.07
N GLU C 926 9.30 -69.65 -7.99
CA GLU C 926 9.51 -70.77 -8.88
C GLU C 926 8.42 -71.81 -8.64
N PRO C 927 7.86 -72.42 -9.69
CA PRO C 927 6.80 -73.42 -9.49
C PRO C 927 7.20 -74.49 -8.48
N THR C 928 6.52 -74.52 -7.34
CA THR C 928 6.79 -75.49 -6.30
C THR C 928 5.92 -76.72 -6.53
N TYR C 929 6.55 -77.86 -6.75
CA TYR C 929 5.87 -79.07 -7.17
C TYR C 929 5.80 -80.08 -6.03
N PHE C 930 4.65 -80.72 -5.89
CA PHE C 930 4.44 -81.79 -4.92
C PHE C 930 3.15 -82.50 -5.28
N TYR C 931 2.82 -83.53 -4.51
CA TYR C 931 1.62 -84.34 -4.73
C TYR C 931 0.61 -84.06 -3.64
N VAL C 932 -0.66 -83.95 -4.04
CA VAL C 932 -1.75 -83.70 -3.09
C VAL C 932 -2.94 -84.59 -3.42
N GLY D 32 -16.70 21.39 67.92
CA GLY D 32 -15.53 21.85 67.13
C GLY D 32 -15.89 22.87 66.06
N GLU D 33 -14.87 23.51 65.48
CA GLU D 33 -15.07 24.53 64.46
C GLU D 33 -14.09 24.29 63.32
N VAL D 34 -14.52 24.57 62.09
CA VAL D 34 -13.73 24.33 60.90
C VAL D 34 -13.06 25.63 60.47
N CYS D 35 -11.91 25.50 59.78
CA CYS D 35 -11.19 26.67 59.29
C CYS D 35 -10.54 26.37 57.95
N PRO D 36 -10.02 27.37 57.25
CA PRO D 36 -9.19 27.12 56.07
C PRO D 36 -7.76 26.83 56.50
N GLY D 37 -6.88 26.72 55.53
CA GLY D 37 -5.47 26.41 55.77
C GLY D 37 -4.59 27.61 55.51
N MET D 38 -3.62 27.84 56.40
CA MET D 38 -2.73 28.98 56.27
C MET D 38 -1.33 28.56 56.69
N ASP D 39 -0.34 29.31 56.24
CA ASP D 39 1.05 29.07 56.58
C ASP D 39 1.60 30.27 57.36
N ILE D 40 2.42 29.97 58.37
CA ILE D 40 2.96 30.97 59.27
C ILE D 40 4.45 31.09 59.01
N ARG D 41 4.96 32.32 59.02
CA ARG D 41 6.38 32.56 58.73
C ARG D 41 6.94 33.59 59.71
N ASN D 42 7.86 33.14 60.57
CA ASN D 42 8.65 34.02 61.42
C ASN D 42 7.81 34.93 62.30
N ASN D 43 6.52 34.63 62.45
CA ASN D 43 5.62 35.41 63.31
C ASN D 43 4.74 34.43 64.06
N LEU D 44 5.20 33.99 65.23
CA LEU D 44 4.41 33.08 66.05
C LEU D 44 3.12 33.71 66.54
N THR D 45 2.97 35.03 66.42
CA THR D 45 1.71 35.67 66.79
C THR D 45 0.56 35.09 65.99
N ARG D 46 0.76 34.90 64.68
CA ARG D 46 -0.31 34.40 63.82
C ARG D 46 -0.84 33.06 64.31
N LEU D 47 0.02 32.26 64.95
CA LEU D 47 -0.38 30.91 65.37
C LEU D 47 -1.55 30.93 66.34
N HIS D 48 -1.80 32.06 67.02
CA HIS D 48 -2.88 32.13 67.98
C HIS D 48 -4.25 31.99 67.34
N GLU D 49 -4.35 32.10 66.02
CA GLU D 49 -5.64 32.08 65.33
C GLU D 49 -6.29 30.71 65.33
N LEU D 50 -5.59 29.66 65.74
CA LEU D 50 -6.11 28.30 65.70
C LEU D 50 -6.80 27.88 66.99
N GLU D 51 -6.90 28.76 67.98
CA GLU D 51 -7.51 28.38 69.24
C GLU D 51 -8.95 27.92 69.04
N ASN D 52 -9.68 28.55 68.12
CA ASN D 52 -11.07 28.22 67.83
C ASN D 52 -11.19 27.34 66.60
N CYS D 53 -10.24 26.42 66.39
CA CYS D 53 -10.20 25.60 65.20
C CYS D 53 -10.26 24.13 65.57
N SER D 54 -10.82 23.33 64.68
CA SER D 54 -10.88 21.88 64.85
C SER D 54 -10.33 21.12 63.65
N VAL D 55 -10.50 21.64 62.44
CA VAL D 55 -10.00 21.01 61.23
C VAL D 55 -9.39 22.07 60.36
N ILE D 56 -8.23 21.78 59.78
CA ILE D 56 -7.55 22.69 58.87
C ILE D 56 -7.93 22.27 57.46
N GLU D 57 -8.92 22.94 56.88
CA GLU D 57 -9.36 22.60 55.54
C GLU D 57 -8.30 23.06 54.55
N GLY D 58 -7.11 22.49 54.65
CA GLY D 58 -5.96 22.93 53.90
C GLY D 58 -4.70 22.30 54.42
N HIS D 59 -3.61 23.08 54.50
CA HIS D 59 -2.36 22.55 55.04
C HIS D 59 -1.74 23.56 56.00
N LEU D 60 -1.36 23.08 57.18
CA LEU D 60 -0.56 23.88 58.07
C LEU D 60 0.80 24.16 57.44
N GLN D 61 1.55 25.05 58.07
CA GLN D 61 2.94 25.28 57.69
C GLN D 61 3.61 26.22 58.68
N ILE D 62 4.81 25.87 59.11
CA ILE D 62 5.61 26.70 60.00
C ILE D 62 7.04 26.68 59.48
N LEU D 63 7.68 27.84 59.44
CA LEU D 63 9.04 27.86 58.95
C LEU D 63 9.68 29.20 59.24
N LEU D 64 10.98 29.17 59.51
CA LEU D 64 11.77 30.37 59.75
C LEU D 64 11.30 31.09 61.01
N MET D 65 11.22 30.33 62.11
CA MET D 65 10.91 30.89 63.42
C MET D 65 12.17 31.28 64.17
N PHE D 66 13.04 32.04 63.50
CA PHE D 66 14.31 32.43 64.12
C PHE D 66 14.09 33.32 65.33
N LYS D 67 13.17 34.29 65.22
CA LYS D 67 12.88 35.16 66.35
C LYS D 67 12.38 34.36 67.54
N THR D 68 11.73 33.22 67.30
CA THR D 68 11.16 32.44 68.38
C THR D 68 12.25 31.82 69.24
N ARG D 69 11.90 31.53 70.49
CA ARG D 69 12.80 30.95 71.47
C ARG D 69 12.06 29.85 72.22
N PRO D 70 12.79 28.98 72.91
CA PRO D 70 12.11 27.91 73.65
C PRO D 70 11.10 28.42 74.66
N GLU D 71 11.30 29.63 75.18
CA GLU D 71 10.35 30.23 76.11
C GLU D 71 8.99 30.46 75.49
N ASP D 72 8.87 30.41 74.17
CA ASP D 72 7.60 30.68 73.50
C ASP D 72 6.72 29.44 73.41
N PHE D 73 7.24 28.36 72.83
CA PHE D 73 6.43 27.18 72.51
C PHE D 73 6.50 26.08 73.56
N ARG D 74 7.22 26.29 74.66
CA ARG D 74 7.35 25.22 75.65
C ARG D 74 6.00 24.78 76.18
N ASP D 75 5.01 25.67 76.20
CA ASP D 75 3.69 25.32 76.69
C ASP D 75 2.56 25.83 75.83
N LEU D 76 2.84 26.59 74.77
CA LEU D 76 1.78 27.04 73.87
C LEU D 76 1.13 25.82 73.21
N SER D 77 -0.17 25.67 73.41
CA SER D 77 -0.89 24.49 72.97
C SER D 77 -2.20 24.89 72.30
N PHE D 78 -2.69 23.98 71.45
CA PHE D 78 -3.96 24.16 70.74
C PHE D 78 -4.63 22.81 70.58
N PRO D 79 -5.06 22.20 71.69
CA PRO D 79 -5.56 20.83 71.62
C PRO D 79 -6.80 20.66 70.76
N LYS D 80 -7.53 21.75 70.50
CA LYS D 80 -8.79 21.60 69.76
C LYS D 80 -8.55 20.95 68.41
N LEU D 81 -7.39 21.16 67.80
CA LEU D 81 -7.13 20.59 66.48
C LEU D 81 -7.32 19.09 66.54
N ILE D 82 -8.06 18.56 65.56
CA ILE D 82 -8.36 17.13 65.55
C ILE D 82 -8.10 16.46 64.22
N MET D 83 -7.97 17.19 63.11
CA MET D 83 -7.70 16.52 61.84
C MET D 83 -7.32 17.50 60.75
N ILE D 84 -6.24 17.20 60.04
CA ILE D 84 -5.78 18.00 58.93
C ILE D 84 -6.31 17.36 57.65
N THR D 85 -6.16 18.06 56.53
CA THR D 85 -6.61 17.52 55.26
C THR D 85 -5.53 17.44 54.19
N ASP D 86 -4.48 18.26 54.23
CA ASP D 86 -3.48 18.23 53.17
C ASP D 86 -2.09 17.82 53.66
N TYR D 87 -1.46 18.58 54.56
CA TYR D 87 -0.15 18.19 55.06
C TYR D 87 0.38 19.15 56.12
N LEU D 88 1.16 18.62 57.06
CA LEU D 88 1.86 19.48 58.00
C LEU D 88 3.13 19.99 57.35
N LEU D 89 3.97 20.67 58.13
CA LEU D 89 5.33 21.00 57.76
C LEU D 89 5.97 21.73 58.92
N LEU D 90 7.29 21.76 58.93
CA LEU D 90 8.04 22.56 59.89
C LEU D 90 9.41 22.84 59.28
N PHE D 91 10.09 23.85 59.82
CA PHE D 91 11.42 24.15 59.32
C PHE D 91 12.10 25.19 60.22
N ARG D 92 13.33 24.92 60.64
CA ARG D 92 14.12 25.87 61.42
C ARG D 92 13.33 26.40 62.61
N VAL D 93 12.46 25.58 63.18
CA VAL D 93 11.63 26.00 64.31
C VAL D 93 12.50 25.95 65.55
N TYR D 94 13.06 27.09 65.94
CA TYR D 94 13.94 27.16 67.10
C TYR D 94 13.10 27.42 68.35
N GLY D 95 13.08 26.44 69.25
CA GLY D 95 12.33 26.57 70.48
C GLY D 95 11.46 25.36 70.77
N LEU D 96 11.00 24.70 69.70
CA LEU D 96 10.15 23.53 69.87
C LEU D 96 10.87 22.42 70.60
N GLU D 97 10.44 22.13 71.83
CA GLU D 97 11.03 21.02 72.58
C GLU D 97 10.38 19.70 72.19
N SER D 98 9.06 19.63 72.24
CA SER D 98 8.31 18.45 71.85
C SER D 98 7.08 18.87 71.07
N LEU D 99 6.91 18.31 69.88
CA LEU D 99 5.76 18.66 69.06
C LEU D 99 4.45 18.29 69.73
N LYS D 100 4.47 17.37 70.70
CA LYS D 100 3.24 16.98 71.37
C LYS D 100 2.57 18.16 72.06
N ASP D 101 3.35 19.16 72.48
CA ASP D 101 2.78 20.29 73.19
C ASP D 101 1.84 21.09 72.31
N LEU D 102 1.87 20.90 70.99
CA LEU D 102 1.07 21.68 70.06
C LEU D 102 -0.22 20.95 69.65
N PHE D 103 -0.10 19.74 69.13
CA PHE D 103 -1.23 19.00 68.56
C PHE D 103 -1.49 17.73 69.35
N PRO D 104 -1.87 17.84 70.62
CA PRO D 104 -2.09 16.63 71.42
C PRO D 104 -3.18 15.74 70.87
N ASN D 105 -4.17 16.30 70.19
CA ASN D 105 -5.31 15.53 69.70
C ASN D 105 -5.28 15.29 68.21
N LEU D 106 -4.27 15.78 67.49
CA LEU D 106 -4.21 15.54 66.06
C LEU D 106 -4.27 14.04 65.80
N THR D 107 -5.15 13.63 64.90
CA THR D 107 -5.42 12.20 64.72
C THR D 107 -5.25 11.73 63.29
N VAL D 108 -5.66 12.51 62.30
CA VAL D 108 -5.66 12.06 60.92
C VAL D 108 -5.09 13.15 60.03
N ILE D 109 -4.15 12.77 59.17
CA ILE D 109 -3.60 13.65 58.14
C ILE D 109 -4.10 13.07 56.82
N ARG D 110 -5.22 13.57 56.32
CA ARG D 110 -5.79 12.98 55.11
C ARG D 110 -4.79 12.96 53.97
N GLY D 111 -3.90 13.94 53.91
CA GLY D 111 -2.96 13.97 52.81
C GLY D 111 -3.63 13.96 51.45
N SER D 112 -4.84 14.50 51.36
CA SER D 112 -5.49 14.59 50.06
C SER D 112 -4.68 15.48 49.13
N ARG D 113 -4.04 16.50 49.67
CA ARG D 113 -3.11 17.35 48.93
C ARG D 113 -1.75 17.24 49.58
N LEU D 114 -0.73 16.91 48.80
CA LEU D 114 0.56 16.54 49.34
C LEU D 114 1.61 17.59 49.03
N PHE D 115 2.52 17.80 49.98
CA PHE D 115 3.68 18.68 49.79
C PHE D 115 4.81 17.86 49.22
N PHE D 116 4.79 17.70 47.89
CA PHE D 116 5.74 16.83 47.19
C PHE D 116 5.60 15.38 47.68
N ASN D 117 4.40 14.84 47.51
CA ASN D 117 4.09 13.46 47.87
C ASN D 117 4.42 13.16 49.33
N TYR D 118 4.57 14.19 50.16
CA TYR D 118 4.90 14.02 51.57
C TYR D 118 3.75 14.56 52.40
N ALA D 119 3.16 13.70 53.23
CA ALA D 119 2.09 14.16 54.10
C ALA D 119 2.65 14.93 55.29
N LEU D 120 3.47 14.28 56.11
CA LEU D 120 4.21 14.97 57.13
C LEU D 120 5.54 15.44 56.54
N VAL D 121 6.08 16.52 57.08
CA VAL D 121 7.45 16.91 56.77
C VAL D 121 8.05 17.64 57.96
N ILE D 122 8.98 17.02 58.63
CA ILE D 122 9.78 17.69 59.65
C ILE D 122 11.13 17.97 59.03
N PHE D 123 11.78 19.05 59.47
CA PHE D 123 13.06 19.40 58.85
C PHE D 123 13.81 20.38 59.72
N GLU D 124 15.00 19.99 60.19
CA GLU D 124 16.01 20.90 60.71
C GLU D 124 15.45 21.78 61.84
N MET D 125 15.14 21.12 62.95
CA MET D 125 14.93 21.79 64.23
C MET D 125 15.78 21.09 65.28
N VAL D 126 16.67 21.85 65.92
CA VAL D 126 17.62 21.25 66.86
C VAL D 126 17.03 21.08 68.26
N HIS D 127 15.92 21.73 68.58
CA HIS D 127 15.38 21.70 69.92
C HIS D 127 14.40 20.55 70.15
N LEU D 128 14.06 19.79 69.12
CA LEU D 128 13.06 18.74 69.24
C LEU D 128 13.70 17.51 69.86
N LYS D 129 13.38 17.25 71.13
CA LYS D 129 13.86 16.03 71.77
C LYS D 129 13.09 14.81 71.27
N GLU D 130 11.80 14.97 71.00
CA GLU D 130 10.96 13.88 70.53
C GLU D 130 9.74 14.48 69.88
N LEU D 131 9.25 13.82 68.83
CA LEU D 131 8.00 14.26 68.21
C LEU D 131 6.90 14.31 69.25
N GLY D 132 6.71 13.23 70.00
CA GLY D 132 5.84 13.24 71.15
C GLY D 132 4.36 13.11 70.82
N LEU D 133 3.93 13.60 69.65
CA LEU D 133 2.53 13.49 69.30
C LEU D 133 2.07 12.06 69.44
N TYR D 134 1.16 11.82 70.37
CA TYR D 134 0.76 10.48 70.77
C TYR D 134 -0.67 10.16 70.34
N ASN D 135 -1.16 10.82 69.30
CA ASN D 135 -2.52 10.61 68.83
C ASN D 135 -2.64 10.42 67.34
N LEU D 136 -1.60 10.72 66.56
CA LEU D 136 -1.66 10.48 65.13
C LEU D 136 -2.02 9.01 64.89
N MET D 137 -3.01 8.78 64.03
CA MET D 137 -3.54 7.44 63.87
C MET D 137 -3.74 7.00 62.43
N ASN D 138 -3.50 7.87 61.45
CA ASN D 138 -3.53 7.41 60.06
C ASN D 138 -2.97 8.53 59.18
N ILE D 139 -2.31 8.12 58.11
CA ILE D 139 -1.81 9.03 57.09
C ILE D 139 -2.35 8.50 55.77
N THR D 140 -3.52 9.00 55.36
CA THR D 140 -4.21 8.38 54.24
C THR D 140 -3.39 8.38 52.97
N ARG D 141 -2.38 9.23 52.86
CA ARG D 141 -1.63 9.33 51.62
C ARG D 141 -0.22 9.82 51.90
N GLY D 142 0.64 9.68 50.91
CA GLY D 142 1.98 10.20 51.01
C GLY D 142 2.86 9.37 51.93
N SER D 143 3.87 10.04 52.48
CA SER D 143 4.84 9.39 53.35
C SER D 143 5.56 10.44 54.16
N VAL D 144 5.90 10.08 55.40
CA VAL D 144 6.60 11.01 56.26
C VAL D 144 7.95 11.38 55.65
N ARG D 145 8.56 12.42 56.20
CA ARG D 145 9.90 12.84 55.77
C ARG D 145 10.52 13.65 56.90
N ILE D 146 11.62 13.16 57.44
CA ILE D 146 12.31 13.80 58.55
C ILE D 146 13.81 13.76 58.27
N GLU D 147 14.50 14.86 58.52
CA GLU D 147 15.90 14.92 58.14
C GLU D 147 16.62 16.03 58.89
N LYS D 148 17.94 15.86 59.01
CA LYS D 148 18.84 16.89 59.51
C LYS D 148 18.31 17.55 60.78
N ASN D 149 17.98 16.72 61.77
CA ASN D 149 17.50 17.21 63.05
C ASN D 149 18.35 16.63 64.16
N ASN D 150 18.93 17.51 64.98
CA ASN D 150 19.70 17.09 66.13
C ASN D 150 18.81 17.03 67.36
N GLU D 151 19.11 16.07 68.23
CA GLU D 151 18.37 15.78 69.45
C GLU D 151 17.04 15.09 69.17
N LEU D 152 16.75 14.76 67.90
CA LEU D 152 15.48 14.12 67.54
C LEU D 152 15.58 12.64 67.85
N CYS D 153 14.99 12.24 68.97
CA CYS D 153 15.01 10.85 69.42
C CYS D 153 13.66 10.19 69.14
N TYR D 154 13.55 8.93 69.53
CA TYR D 154 12.31 8.18 69.37
C TYR D 154 11.89 8.13 67.90
N LEU D 155 12.73 7.51 67.09
CA LEU D 155 12.45 7.30 65.67
C LEU D 155 12.25 5.83 65.34
N ALA D 156 13.21 4.97 65.69
CA ALA D 156 13.04 3.55 65.44
C ALA D 156 11.90 2.95 66.25
N THR D 157 11.42 3.68 67.26
CA THR D 157 10.35 3.20 68.13
C THR D 157 8.96 3.60 67.65
N ILE D 158 8.87 4.18 66.45
CA ILE D 158 7.59 4.59 65.88
C ILE D 158 7.29 3.64 64.74
N ASP D 159 6.25 2.82 64.90
CA ASP D 159 5.93 1.77 63.93
C ASP D 159 5.13 2.39 62.79
N TRP D 160 5.84 3.04 61.88
CA TRP D 160 5.18 3.72 60.76
C TRP D 160 4.38 2.73 59.92
N SER D 161 4.80 1.46 59.87
CA SER D 161 4.04 0.47 59.11
C SER D 161 2.61 0.38 59.62
N ARG D 162 2.42 0.53 60.94
CA ARG D 162 1.07 0.41 61.51
C ARG D 162 0.25 1.66 61.21
N ILE D 163 0.84 2.84 61.34
CA ILE D 163 0.09 4.08 61.21
C ILE D 163 -0.04 4.47 59.74
N LEU D 164 1.08 4.74 59.09
CA LEU D 164 1.07 5.04 57.67
C LEU D 164 0.45 3.88 56.89
N ASP D 165 0.05 4.16 55.66
CA ASP D 165 -0.54 3.14 54.81
C ASP D 165 0.42 2.61 53.75
N SER D 166 1.41 3.41 53.35
CA SER D 166 2.48 2.95 52.48
C SER D 166 3.79 3.53 52.98
N VAL D 167 4.76 2.65 53.24
CA VAL D 167 6.01 3.07 53.88
C VAL D 167 7.17 2.91 52.92
N GLU D 168 6.92 3.06 51.62
CA GLU D 168 8.00 2.88 50.65
C GLU D 168 9.10 3.92 50.87
N ASP D 169 8.74 5.17 51.19
CA ASP D 169 9.72 6.22 51.43
C ASP D 169 9.33 6.99 52.70
N ASN D 170 9.79 6.49 53.85
CA ASN D 170 9.78 7.26 55.08
C ASN D 170 11.15 7.89 55.29
N TYR D 171 11.61 8.59 54.26
CA TYR D 171 12.98 9.08 54.21
C TYR D 171 13.37 9.70 55.53
N ILE D 172 14.32 9.08 56.23
CA ILE D 172 14.75 9.54 57.55
C ILE D 172 16.26 9.34 57.63
N VAL D 173 17.01 10.43 57.73
CA VAL D 173 18.46 10.39 57.79
C VAL D 173 18.97 11.58 58.60
N LEU D 174 20.25 11.54 58.96
CA LEU D 174 20.92 12.63 59.65
C LEU D 174 20.12 13.10 60.86
N ASN D 175 19.99 12.19 61.82
CA ASN D 175 19.25 12.46 63.05
C ASN D 175 20.02 11.88 64.23
N LYS D 176 19.58 12.23 65.44
CA LYS D 176 20.19 11.68 66.63
C LYS D 176 20.09 10.16 66.64
N ASP D 177 19.01 9.61 66.09
CA ASP D 177 18.84 8.17 66.02
C ASP D 177 19.69 7.58 64.89
N ASN D 195 5.42 -2.86 77.97
CA ASN D 195 4.48 -1.75 78.04
C ASN D 195 3.53 -1.74 76.86
N CYS D 196 4.09 -1.86 75.66
CA CYS D 196 3.35 -1.67 74.43
C CYS D 196 3.94 -2.59 73.37
N PRO D 197 3.21 -2.84 72.27
CA PRO D 197 3.59 -3.93 71.37
C PRO D 197 5.01 -3.78 70.85
N ALA D 198 5.68 -4.92 70.67
CA ALA D 198 7.05 -4.99 70.18
C ALA D 198 7.09 -5.84 68.92
N THR D 199 7.89 -5.41 67.95
CA THR D 199 8.06 -6.12 66.68
C THR D 199 9.55 -6.14 66.37
N VAL D 200 10.22 -7.22 66.76
CA VAL D 200 11.66 -7.35 66.53
C VAL D 200 11.94 -7.43 65.05
N VAL D 206 10.86 -5.20 68.94
CA VAL D 206 11.24 -4.08 69.80
C VAL D 206 10.03 -3.21 70.09
N GLU D 207 9.91 -2.77 71.34
CA GLU D 207 8.76 -1.96 71.73
C GLU D 207 8.71 -0.67 70.91
N ARG D 208 7.50 -0.26 70.56
CA ARG D 208 7.28 0.95 69.77
C ARG D 208 6.62 2.00 70.65
N CYS D 209 7.21 3.19 70.70
CA CYS D 209 6.68 4.25 71.57
C CYS D 209 7.19 5.60 71.11
N TRP D 210 6.28 6.57 70.99
CA TRP D 210 6.69 7.94 70.72
C TRP D 210 7.53 8.48 71.86
N THR D 211 7.11 8.21 73.10
CA THR D 211 7.83 8.63 74.29
C THR D 211 7.78 7.52 75.31
N HIS D 212 8.76 7.50 76.21
CA HIS D 212 8.73 6.50 77.28
C HIS D 212 7.47 6.64 78.12
N SER D 213 6.85 7.82 78.12
CA SER D 213 5.61 8.04 78.83
C SER D 213 4.37 7.74 77.99
N HIS D 214 4.48 7.73 76.66
CA HIS D 214 3.34 7.46 75.80
C HIS D 214 3.81 6.66 74.60
N CYS D 215 3.17 5.52 74.33
CA CYS D 215 3.57 4.67 73.21
C CYS D 215 2.74 5.00 71.97
N GLN D 216 2.97 4.23 70.91
CA GLN D 216 2.01 4.15 69.82
C GLN D 216 0.72 3.55 70.33
N LYS D 217 -0.41 4.07 69.86
CA LYS D 217 -1.72 3.60 70.29
C LYS D 217 -2.20 2.43 69.43
N VAL D 218 -1.34 1.43 69.27
CA VAL D 218 -1.68 0.27 68.45
C VAL D 218 -2.65 -0.60 69.20
N CYS D 219 -3.68 -1.08 68.50
CA CYS D 219 -4.72 -1.91 69.08
C CYS D 219 -4.88 -3.17 68.25
N PRO D 220 -5.72 -4.13 68.68
CA PRO D 220 -5.79 -5.40 67.96
C PRO D 220 -6.15 -5.21 66.50
N THR D 221 -5.58 -6.07 65.65
CA THR D 221 -5.78 -5.97 64.21
C THR D 221 -7.25 -6.05 63.84
N ILE D 222 -8.07 -6.70 64.67
CA ILE D 222 -9.49 -6.83 64.37
C ILE D 222 -10.15 -5.48 64.20
N CYS D 223 -9.57 -4.42 64.77
CA CYS D 223 -10.11 -3.08 64.57
C CYS D 223 -9.83 -2.56 63.17
N LYS D 224 -8.81 -3.08 62.50
CA LYS D 224 -8.49 -2.68 61.14
C LYS D 224 -8.27 -1.17 61.04
N SER D 225 -8.13 -0.66 59.82
CA SER D 225 -8.03 0.78 59.63
C SER D 225 -9.26 1.51 60.15
N HIS D 226 -10.38 0.79 60.30
CA HIS D 226 -11.58 1.39 60.87
C HIS D 226 -11.29 2.11 62.17
N GLY D 227 -10.22 1.76 62.86
CA GLY D 227 -9.77 2.46 64.04
C GLY D 227 -10.33 1.86 65.32
N CYS D 228 -9.84 2.41 66.43
CA CYS D 228 -10.21 1.92 67.75
C CYS D 228 -10.17 3.08 68.73
N THR D 229 -10.93 2.94 69.81
CA THR D 229 -11.04 3.99 70.80
C THR D 229 -9.65 4.41 71.30
N ALA D 230 -9.60 5.58 71.94
CA ALA D 230 -8.38 5.99 72.62
C ALA D 230 -7.96 4.96 73.65
N GLU D 231 -8.92 4.19 74.18
CA GLU D 231 -8.64 3.11 75.10
C GLU D 231 -8.36 1.79 74.41
N GLY D 232 -8.49 1.73 73.08
CA GLY D 232 -8.14 0.54 72.33
C GLY D 232 -9.28 -0.43 72.14
N LEU D 233 -10.41 0.06 71.63
CA LEU D 233 -11.57 -0.75 71.34
C LEU D 233 -12.01 -0.48 69.90
N CYS D 234 -12.20 -1.55 69.13
CA CYS D 234 -12.55 -1.40 67.73
C CYS D 234 -13.83 -0.59 67.57
N CYS D 235 -13.86 0.25 66.56
CA CYS D 235 -14.94 1.21 66.34
C CYS D 235 -15.81 0.78 65.17
N HIS D 236 -16.77 1.63 64.84
CA HIS D 236 -17.62 1.41 63.68
C HIS D 236 -16.78 1.42 62.42
N SER D 237 -17.23 0.67 61.41
CA SER D 237 -16.48 0.56 60.17
C SER D 237 -16.33 1.92 59.49
N GLU D 238 -17.38 2.73 59.53
CA GLU D 238 -17.33 4.04 58.88
C GLU D 238 -16.44 5.04 59.61
N CYS D 239 -15.92 4.69 60.78
CA CYS D 239 -15.03 5.56 61.52
C CYS D 239 -13.57 5.24 61.17
N LEU D 240 -12.68 6.17 61.51
CA LEU D 240 -11.26 6.05 61.21
C LEU D 240 -10.45 6.52 62.40
N GLY D 241 -9.33 5.86 62.63
CA GLY D 241 -8.39 6.30 63.63
C GLY D 241 -8.85 6.04 65.05
N ASN D 242 -9.87 6.75 65.49
CA ASN D 242 -10.32 6.65 66.88
C ASN D 242 -11.78 7.06 66.96
N CYS D 243 -12.46 6.52 67.96
CA CYS D 243 -13.86 6.85 68.24
C CYS D 243 -14.02 7.09 69.73
N SER D 244 -14.78 8.14 70.08
CA SER D 244 -15.04 8.41 71.49
C SER D 244 -15.90 7.31 72.10
N GLN D 245 -16.74 6.66 71.32
CA GLN D 245 -17.55 5.55 71.77
C GLN D 245 -17.42 4.39 70.78
N PRO D 246 -17.44 3.15 71.27
CA PRO D 246 -17.23 2.01 70.37
C PRO D 246 -18.47 1.68 69.55
N ASP D 247 -18.24 1.31 68.29
CA ASP D 247 -19.29 0.88 67.38
C ASP D 247 -20.35 1.95 67.17
N ASP D 248 -20.01 3.21 67.42
CA ASP D 248 -20.95 4.33 67.28
C ASP D 248 -20.46 5.27 66.19
N PRO D 249 -21.02 5.22 64.98
CA PRO D 249 -20.55 6.14 63.93
C PRO D 249 -20.76 7.60 64.27
N THR D 250 -21.64 7.91 65.21
CA THR D 250 -21.93 9.28 65.58
C THR D 250 -21.03 9.80 66.69
N LYS D 251 -19.99 9.04 67.07
CA LYS D 251 -19.15 9.38 68.22
C LYS D 251 -17.67 9.19 67.92
N CYS D 252 -17.25 9.43 66.68
CA CYS D 252 -15.85 9.32 66.30
C CYS D 252 -15.40 10.57 65.58
N VAL D 253 -14.08 10.80 65.61
CA VAL D 253 -13.50 12.07 65.16
C VAL D 253 -13.26 12.08 63.66
N ALA D 254 -12.68 11.01 63.11
CA ALA D 254 -12.43 10.94 61.69
C ALA D 254 -13.64 10.33 60.97
N CYS D 255 -13.50 10.14 59.66
CA CYS D 255 -14.55 9.50 58.89
C CYS D 255 -13.93 8.99 57.59
N ARG D 256 -13.90 7.67 57.40
CA ARG D 256 -13.21 7.12 56.25
C ARG D 256 -13.79 7.67 54.95
N ASN D 257 -15.11 7.72 54.83
CA ASN D 257 -15.73 8.13 53.57
C ASN D 257 -16.05 9.62 53.56
N PHE D 258 -16.93 10.07 54.46
CA PHE D 258 -17.41 11.45 54.43
C PHE D 258 -18.01 11.80 55.78
N TYR D 259 -17.47 12.83 56.41
CA TYR D 259 -18.03 13.32 57.66
C TYR D 259 -19.41 13.93 57.40
N LEU D 260 -20.26 13.91 58.43
CA LEU D 260 -21.58 14.53 58.32
C LEU D 260 -22.16 14.77 59.71
N ASP D 261 -22.33 16.04 60.07
CA ASP D 261 -23.07 16.45 61.26
C ASP D 261 -22.74 15.56 62.46
N GLY D 262 -21.45 15.39 62.70
CA GLY D 262 -21.01 14.53 63.78
C GLY D 262 -21.33 13.07 63.60
N ARG D 263 -21.34 12.57 62.35
CA ARG D 263 -21.69 11.15 62.05
C ARG D 263 -20.87 10.64 60.86
N CYS D 264 -20.34 9.41 60.96
CA CYS D 264 -19.46 8.82 59.93
C CYS D 264 -20.41 8.15 58.87
N VAL D 265 -20.55 8.70 57.61
CA VAL D 265 -21.50 8.21 56.53
C VAL D 265 -20.86 7.96 55.14
N GLU D 266 -21.52 7.25 54.16
CA GLU D 266 -20.90 6.90 52.89
C GLU D 266 -21.13 7.95 51.82
N THR D 267 -22.05 8.89 52.04
CA THR D 267 -22.26 9.99 51.12
C THR D 267 -23.06 11.07 51.84
N CYS D 268 -23.09 12.23 51.25
CA CYS D 268 -23.87 13.30 51.82
C CYS D 268 -25.26 13.33 51.23
N PRO D 269 -26.26 13.79 51.99
CA PRO D 269 -27.62 13.89 51.45
C PRO D 269 -27.87 15.28 50.86
N PRO D 270 -28.63 15.37 49.77
CA PRO D 270 -28.94 16.70 49.23
C PRO D 270 -29.82 17.47 50.19
N PRO D 271 -29.73 18.81 50.20
CA PRO D 271 -28.90 19.68 49.34
C PRO D 271 -27.45 19.75 49.80
N TYR D 272 -27.01 18.83 50.65
CA TYR D 272 -25.64 18.79 51.15
C TYR D 272 -24.86 17.77 50.32
N TYR D 273 -24.03 18.25 49.41
CA TYR D 273 -23.26 17.39 48.53
C TYR D 273 -21.86 17.22 49.09
N HIS D 274 -21.00 16.53 48.33
CA HIS D 274 -19.60 16.40 48.71
C HIS D 274 -18.95 17.78 48.77
N PHE D 275 -17.73 17.80 49.31
CA PHE D 275 -16.94 19.02 49.33
C PHE D 275 -15.48 18.59 49.49
N GLN D 276 -14.70 18.74 48.42
CA GLN D 276 -13.31 18.27 48.40
C GLN D 276 -13.17 16.92 49.11
N ASP D 277 -14.12 16.02 48.88
CA ASP D 277 -14.14 14.69 49.47
C ASP D 277 -13.75 14.73 50.94
N TRP D 278 -14.17 15.78 51.63
CA TRP D 278 -13.92 15.93 53.06
C TRP D 278 -15.19 15.93 53.89
N ARG D 279 -16.14 16.80 53.61
CA ARG D 279 -17.29 16.99 54.48
C ARG D 279 -18.53 17.18 53.62
N CYS D 280 -19.62 17.61 54.26
CA CYS D 280 -20.89 17.81 53.59
C CYS D 280 -21.42 19.21 53.89
N VAL D 281 -21.72 19.96 52.84
CA VAL D 281 -22.19 21.33 52.95
C VAL D 281 -23.40 21.50 52.04
N ASN D 282 -24.39 22.25 52.52
CA ASN D 282 -25.58 22.54 51.74
C ASN D 282 -25.21 23.29 50.46
N PHE D 283 -26.18 23.38 49.56
CA PHE D 283 -25.94 24.05 48.28
C PHE D 283 -25.53 25.51 48.49
N SER D 284 -26.20 26.21 49.40
CA SER D 284 -25.93 27.63 49.58
C SER D 284 -24.46 27.88 49.92
N PHE D 285 -23.82 26.95 50.60
CA PHE D 285 -22.40 27.12 50.92
C PHE D 285 -21.57 27.20 49.64
N CYS D 286 -21.75 26.24 48.74
CA CYS D 286 -21.01 26.26 47.48
C CYS D 286 -21.38 27.48 46.65
N GLN D 287 -22.65 27.87 46.67
CA GLN D 287 -23.06 29.06 45.92
C GLN D 287 -22.34 30.30 46.43
N ASP D 288 -22.29 30.47 47.75
CA ASP D 288 -21.61 31.62 48.33
C ASP D 288 -20.12 31.58 48.01
N LEU D 289 -19.50 30.40 48.10
CA LEU D 289 -18.09 30.30 47.73
C LEU D 289 -17.86 30.71 46.29
N HIS D 290 -18.72 30.25 45.39
CA HIS D 290 -18.57 30.60 43.98
C HIS D 290 -18.74 32.10 43.77
N HIS D 291 -19.68 32.72 44.49
CA HIS D 291 -19.90 34.15 44.31
C HIS D 291 -18.65 34.95 44.63
N LYS D 292 -17.97 34.62 45.73
CA LYS D 292 -16.77 35.32 46.12
C LYS D 292 -17.04 36.82 46.28
N TYR D 304 -16.50 28.04 42.47
CA TYR D 304 -16.90 26.65 42.64
C TYR D 304 -18.04 26.30 41.70
N VAL D 305 -18.33 25.01 41.56
CA VAL D 305 -19.34 24.51 40.64
C VAL D 305 -19.99 23.28 41.25
N ILE D 306 -21.04 22.79 40.58
CA ILE D 306 -21.77 21.61 40.99
C ILE D 306 -21.72 20.61 39.85
N HIS D 307 -21.47 19.34 40.17
CA HIS D 307 -21.42 18.31 39.15
C HIS D 307 -21.36 16.95 39.82
N ASN D 308 -22.07 15.97 39.24
CA ASN D 308 -22.02 14.59 39.70
C ASN D 308 -22.20 14.51 41.22
N ASN D 309 -23.10 15.31 41.75
CA ASN D 309 -23.36 15.38 43.18
C ASN D 309 -22.10 15.75 43.96
N LYS D 310 -21.12 16.37 43.29
CA LYS D 310 -19.84 16.69 43.90
C LYS D 310 -19.53 18.15 43.64
N CYS D 311 -19.47 18.94 44.72
CA CYS D 311 -19.20 20.37 44.63
C CYS D 311 -17.70 20.58 44.42
N ILE D 312 -17.24 20.16 43.24
CA ILE D 312 -15.82 20.19 42.90
C ILE D 312 -15.43 21.60 42.47
N PRO D 313 -14.13 21.93 42.44
CA PRO D 313 -13.73 23.30 42.10
C PRO D 313 -14.19 23.73 40.71
N GLU D 314 -13.76 23.01 39.68
CA GLU D 314 -14.06 23.36 38.31
C GLU D 314 -14.48 22.12 37.54
N CYS D 315 -15.44 22.28 36.63
CA CYS D 315 -16.01 21.14 35.94
C CYS D 315 -15.02 20.58 34.92
N PRO D 316 -15.18 19.31 34.56
CA PRO D 316 -14.22 18.67 33.65
C PRO D 316 -14.40 19.14 32.21
N SER D 317 -13.65 18.53 31.30
CA SER D 317 -13.75 18.87 29.89
C SER D 317 -15.12 18.48 29.35
N GLY D 318 -15.52 19.16 28.29
CA GLY D 318 -16.82 18.89 27.67
C GLY D 318 -17.99 19.24 28.56
N TYR D 319 -17.85 20.28 29.40
CA TYR D 319 -18.91 20.69 30.30
C TYR D 319 -18.79 22.18 30.56
N THR D 320 -19.90 22.77 30.98
CA THR D 320 -19.95 24.19 31.30
C THR D 320 -21.24 24.45 32.06
N MET D 321 -21.26 25.58 32.76
CA MET D 321 -22.36 25.92 33.67
C MET D 321 -22.95 27.27 33.30
N ASN D 322 -24.09 27.55 33.92
CA ASN D 322 -24.79 28.81 33.80
C ASN D 322 -24.90 29.45 35.18
N SER D 323 -24.91 30.78 35.22
CA SER D 323 -24.95 31.48 36.50
C SER D 323 -26.16 31.07 37.31
N SER D 324 -27.33 30.98 36.68
CA SER D 324 -28.52 30.54 37.39
C SER D 324 -28.49 29.04 37.65
N ASN D 325 -28.07 28.26 36.66
CA ASN D 325 -27.97 26.81 36.79
C ASN D 325 -26.52 26.49 37.13
N LEU D 326 -26.22 26.45 38.43
CA LEU D 326 -24.85 26.21 38.87
C LEU D 326 -24.33 24.90 38.30
N LEU D 327 -25.18 23.88 38.24
CA LEU D 327 -24.77 22.60 37.67
C LEU D 327 -24.28 22.83 36.25
N CYS D 328 -23.13 22.24 35.92
CA CYS D 328 -22.54 22.43 34.60
C CYS D 328 -23.09 21.38 33.65
N THR D 329 -24.05 21.79 32.83
CA THR D 329 -24.61 20.93 31.82
C THR D 329 -23.55 20.64 30.74
N PRO D 330 -23.66 19.50 30.06
CA PRO D 330 -22.74 19.25 28.94
C PRO D 330 -22.89 20.32 27.87
N CYS D 331 -21.76 20.69 27.27
CA CYS D 331 -21.75 21.66 26.19
C CYS D 331 -21.97 20.93 24.87
N LEU D 332 -21.81 21.64 23.75
CA LEU D 332 -22.07 21.09 22.42
C LEU D 332 -20.85 20.43 21.81
N GLY D 333 -19.96 19.88 22.65
CA GLY D 333 -18.69 19.34 22.19
C GLY D 333 -17.57 20.35 22.29
N PRO D 334 -17.54 21.34 21.38
CA PRO D 334 -16.63 22.47 21.57
C PRO D 334 -17.21 23.48 22.55
N CYS D 335 -16.69 23.50 23.77
CA CYS D 335 -17.24 24.43 24.76
C CYS D 335 -16.55 25.78 24.63
N PRO D 336 -17.25 26.87 24.94
CA PRO D 336 -16.64 28.20 24.81
C PRO D 336 -15.39 28.30 25.67
N LYS D 337 -14.24 28.53 25.01
CA LYS D 337 -12.96 28.73 25.70
C LYS D 337 -12.14 29.88 25.11
N VAL D 338 -12.34 31.08 25.67
CA VAL D 338 -11.61 32.24 25.19
C VAL D 338 -10.13 32.07 25.53
N CYS D 339 -9.28 32.21 24.51
CA CYS D 339 -7.84 32.05 24.66
C CYS D 339 -7.18 33.42 24.47
N HIS D 340 -6.52 33.89 25.52
CA HIS D 340 -5.74 35.13 25.47
C HIS D 340 -4.29 34.75 25.27
N LEU D 341 -3.82 34.82 24.02
CA LEU D 341 -2.45 34.46 23.72
C LEU D 341 -1.49 35.40 24.46
N LEU D 342 -0.21 35.05 24.40
CA LEU D 342 0.82 35.86 25.03
C LEU D 342 0.73 37.29 24.54
N GLU D 343 0.43 38.21 25.46
CA GLU D 343 0.18 39.61 25.13
C GLU D 343 -0.94 39.76 24.11
N GLY D 344 -1.91 38.84 24.14
CA GLY D 344 -2.95 38.86 23.15
C GLY D 344 -2.46 38.71 21.73
N GLU D 345 -1.28 38.14 21.54
CA GLU D 345 -0.69 37.98 20.22
C GLU D 345 0.01 36.62 20.17
N LYS D 346 0.41 36.24 18.96
CA LYS D 346 1.15 34.99 18.77
C LYS D 346 1.55 34.90 17.31
N THR D 347 2.46 33.97 17.03
CA THR D 347 2.84 33.63 15.67
C THR D 347 2.76 32.12 15.52
N ILE D 348 2.32 31.66 14.35
CA ILE D 348 2.22 30.25 14.05
C ILE D 348 3.13 29.95 12.88
N ASP D 349 4.10 29.06 13.09
CA ASP D 349 4.99 28.62 12.03
C ASP D 349 5.19 27.12 12.02
N SER D 350 4.71 26.39 13.02
CA SER D 350 4.90 24.96 13.10
C SER D 350 3.67 24.34 13.76
N VAL D 351 3.46 23.05 13.48
CA VAL D 351 2.32 22.35 14.06
C VAL D 351 2.39 22.38 15.59
N THR D 352 3.58 22.57 16.16
CA THR D 352 3.71 22.62 17.60
C THR D 352 2.88 23.76 18.19
N SER D 353 2.97 24.94 17.59
CA SER D 353 2.19 26.07 18.09
C SER D 353 0.70 25.81 17.96
N ALA D 354 0.27 25.27 16.82
CA ALA D 354 -1.15 24.97 16.64
C ALA D 354 -1.64 24.01 17.71
N GLN D 355 -0.85 22.96 17.99
CA GLN D 355 -1.22 22.02 19.04
C GLN D 355 -1.26 22.73 20.40
N GLU D 356 -0.30 23.63 20.64
CA GLU D 356 -0.30 24.38 21.88
C GLU D 356 -1.54 25.24 22.04
N LEU D 357 -2.15 25.66 20.93
CA LEU D 357 -3.43 26.37 20.97
C LEU D 357 -4.59 25.49 20.50
N ARG D 358 -4.43 24.17 20.57
CA ARG D 358 -5.46 23.26 20.11
C ARG D 358 -6.78 23.50 20.84
N GLY D 359 -7.87 23.49 20.09
CA GLY D 359 -9.19 23.50 20.68
C GLY D 359 -9.66 24.81 21.24
N CYS D 360 -9.04 25.93 20.84
CA CYS D 360 -9.45 27.25 21.33
C CYS D 360 -10.75 27.60 20.61
N THR D 361 -11.88 27.19 21.20
CA THR D 361 -13.17 27.42 20.56
C THR D 361 -13.43 28.90 20.33
N VAL D 362 -12.80 29.77 21.12
CA VAL D 362 -12.88 31.21 20.90
C VAL D 362 -11.51 31.79 21.21
N ILE D 363 -11.23 32.95 20.61
CA ILE D 363 -9.93 33.58 20.72
C ILE D 363 -10.13 35.06 21.02
N ASN D 364 -9.13 35.66 21.67
CA ASN D 364 -9.13 37.08 22.01
C ASN D 364 -7.70 37.59 21.82
N GLY D 365 -7.42 38.11 20.64
CA GLY D 365 -6.11 38.65 20.31
C GLY D 365 -5.73 38.30 18.90
N SER D 366 -4.99 39.21 18.25
CA SER D 366 -4.61 39.00 16.86
C SER D 366 -3.70 37.78 16.74
N LEU D 367 -3.80 37.10 15.61
CA LEU D 367 -3.00 35.93 15.32
C LEU D 367 -2.29 36.11 13.99
N ILE D 368 -1.03 35.70 13.93
CA ILE D 368 -0.19 35.86 12.74
C ILE D 368 0.25 34.47 12.28
N ILE D 369 0.05 34.19 11.00
CA ILE D 369 0.42 32.93 10.39
C ILE D 369 1.63 33.18 9.50
N ASN D 370 2.76 32.56 9.84
CA ASN D 370 3.94 32.53 8.96
C ASN D 370 4.45 31.10 9.02
N ILE D 371 3.94 30.24 8.14
CA ILE D 371 4.16 28.81 8.24
C ILE D 371 4.73 28.28 6.95
N ARG D 372 5.52 27.21 7.07
CA ARG D 372 6.15 26.56 5.94
C ARG D 372 5.13 25.61 5.29
N GLY D 373 5.62 24.73 4.42
CA GLY D 373 4.79 23.70 3.83
C GLY D 373 5.35 23.19 2.51
N ALA D 379 -4.57 19.21 7.13
CA ALA D 379 -5.36 18.31 7.96
C ALA D 379 -5.05 18.55 9.44
N GLU D 380 -3.76 18.47 9.78
CA GLU D 380 -3.36 18.69 11.17
C GLU D 380 -3.76 20.08 11.63
N LEU D 381 -3.55 21.09 10.78
CA LEU D 381 -3.91 22.45 11.15
C LEU D 381 -5.41 22.58 11.39
N GLU D 382 -6.21 21.99 10.50
CA GLU D 382 -7.66 22.04 10.70
C GLU D 382 -8.06 21.30 11.97
N ALA D 383 -7.30 20.28 12.36
CA ALA D 383 -7.56 19.63 13.64
C ALA D 383 -7.23 20.58 14.80
N ASN D 384 -6.14 21.33 14.69
CA ASN D 384 -5.77 22.31 15.71
C ASN D 384 -6.38 23.68 15.45
N LEU D 385 -7.02 23.89 14.31
CA LEU D 385 -7.66 25.15 13.96
C LEU D 385 -9.10 24.87 13.58
N GLY D 386 -9.76 25.87 13.00
CA GLY D 386 -11.15 25.73 12.65
C GLY D 386 -11.98 25.56 13.90
N LEU D 387 -11.73 26.40 14.90
CA LEU D 387 -12.41 26.35 16.17
C LEU D 387 -13.07 27.66 16.57
N ILE D 388 -12.81 28.76 15.87
CA ILE D 388 -13.20 30.09 16.31
C ILE D 388 -14.20 30.69 15.34
N GLU D 389 -15.20 31.35 15.88
CA GLU D 389 -16.13 32.14 15.07
C GLU D 389 -15.64 33.56 14.88
N GLU D 390 -14.99 34.14 15.89
CA GLU D 390 -14.56 35.53 15.82
C GLU D 390 -13.20 35.68 16.47
N ILE D 391 -12.33 36.45 15.82
CA ILE D 391 -11.00 36.79 16.34
C ILE D 391 -11.02 38.25 16.73
N SER D 392 -10.75 38.54 18.01
CA SER D 392 -10.79 39.92 18.48
C SER D 392 -9.83 40.79 17.68
N GLY D 393 -8.58 40.36 17.56
CA GLY D 393 -7.60 41.10 16.80
C GLY D 393 -7.60 40.72 15.33
N TYR D 394 -6.67 41.31 14.60
CA TYR D 394 -6.53 41.01 13.18
C TYR D 394 -5.86 39.66 12.96
N LEU D 395 -6.04 39.12 11.77
CA LEU D 395 -5.35 37.93 11.32
C LEU D 395 -4.40 38.30 10.20
N LYS D 396 -3.23 37.66 10.16
CA LYS D 396 -2.23 37.98 9.16
C LYS D 396 -1.57 36.70 8.67
N ILE D 397 -1.40 36.63 7.35
CA ILE D 397 -0.62 35.57 6.72
C ILE D 397 0.50 36.25 5.95
N ARG D 398 1.74 35.80 6.19
CA ARG D 398 2.89 36.41 5.54
C ARG D 398 3.95 35.36 5.29
N ARG D 399 4.49 35.33 4.07
CA ARG D 399 5.62 34.49 3.68
C ARG D 399 5.33 33.00 3.78
N SER D 400 4.12 32.62 4.14
CA SER D 400 3.74 31.20 4.15
C SER D 400 3.44 30.81 2.72
N TYR D 401 4.48 30.33 2.03
CA TYR D 401 4.44 30.17 0.58
C TYR D 401 3.90 28.82 0.15
N ALA D 402 3.43 28.00 1.09
CA ALA D 402 2.84 26.70 0.78
C ALA D 402 1.39 26.62 1.24
N LEU D 403 0.71 27.75 1.29
CA LEU D 403 -0.70 27.80 1.70
C LEU D 403 -1.56 27.52 0.48
N VAL D 404 -2.01 26.28 0.34
CA VAL D 404 -2.84 25.93 -0.80
C VAL D 404 -4.14 26.72 -0.77
N SER D 405 -4.76 26.81 0.41
CA SER D 405 -5.91 27.69 0.60
C SER D 405 -6.10 27.90 2.08
N LEU D 406 -6.83 28.98 2.41
CA LEU D 406 -7.01 29.40 3.80
C LEU D 406 -8.28 28.85 4.41
N SER D 407 -8.69 27.63 4.03
CA SER D 407 -9.90 27.02 4.54
C SER D 407 -9.65 26.15 5.76
N PHE D 408 -8.60 26.42 6.53
CA PHE D 408 -8.33 25.73 7.77
C PHE D 408 -9.08 26.31 8.96
N PHE D 409 -10.12 27.10 8.70
CA PHE D 409 -10.77 27.92 9.72
C PHE D 409 -12.27 27.71 9.69
N ARG D 410 -12.68 26.45 9.71
CA ARG D 410 -14.08 26.08 9.58
C ARG D 410 -15.01 27.06 10.28
N LYS D 411 -14.76 27.34 11.55
CA LYS D 411 -15.66 28.18 12.31
C LYS D 411 -15.52 29.67 11.97
N LEU D 412 -14.33 30.10 11.55
CA LEU D 412 -14.06 31.53 11.40
C LEU D 412 -15.19 32.24 10.68
N ARG D 413 -15.78 33.23 11.36
CA ARG D 413 -16.99 33.87 10.86
C ARG D 413 -16.85 35.38 10.79
N LEU D 414 -16.16 35.99 11.76
CA LEU D 414 -16.11 37.45 11.80
C LEU D 414 -14.80 37.89 12.45
N ILE D 415 -13.91 38.46 11.64
CA ILE D 415 -12.70 39.10 12.17
C ILE D 415 -13.15 40.42 12.83
N ARG D 416 -13.13 40.45 14.16
CA ARG D 416 -13.58 41.63 14.87
C ARG D 416 -12.72 42.85 14.55
N GLY D 417 -11.45 42.64 14.25
CA GLY D 417 -10.58 43.74 13.89
C GLY D 417 -10.44 44.80 14.96
N GLU D 418 -10.72 44.43 16.22
CA GLU D 418 -10.55 45.40 17.31
C GLU D 418 -9.10 45.85 17.42
N THR D 419 -8.17 44.90 17.35
CA THR D 419 -6.75 45.21 17.26
C THR D 419 -6.37 45.31 15.78
N LEU D 420 -5.95 46.49 15.35
CA LEU D 420 -5.68 46.75 13.94
C LEU D 420 -4.19 46.90 13.70
N GLU D 421 -3.74 46.39 12.55
CA GLU D 421 -2.33 46.47 12.20
C GLU D 421 -1.98 47.88 11.75
N ILE D 422 -0.68 48.18 11.75
CA ILE D 422 -0.21 49.47 11.26
C ILE D 422 -0.84 49.76 9.91
N GLY D 423 -1.34 50.97 9.74
CA GLY D 423 -2.13 51.32 8.58
C GLY D 423 -3.58 50.95 8.69
N ASN D 424 -4.03 50.42 9.83
CA ASN D 424 -5.42 50.05 10.05
C ASN D 424 -5.85 48.95 9.06
N TYR D 425 -5.12 47.84 9.10
CA TYR D 425 -5.37 46.71 8.22
C TYR D 425 -5.89 45.55 9.06
N SER D 426 -7.00 44.95 8.63
CA SER D 426 -7.58 43.80 9.29
C SER D 426 -7.25 42.49 8.59
N PHE D 427 -6.30 42.51 7.65
CA PHE D 427 -5.88 41.32 6.94
C PHE D 427 -4.58 41.66 6.22
N TYR D 428 -3.82 40.62 5.87
CA TYR D 428 -2.50 40.85 5.29
C TYR D 428 -2.03 39.56 4.62
N ALA D 429 -1.64 39.64 3.36
CA ALA D 429 -1.09 38.50 2.63
C ALA D 429 0.08 38.97 1.79
N LEU D 430 1.24 38.33 1.98
CA LEU D 430 2.45 38.69 1.26
C LEU D 430 3.32 37.47 1.07
N ASP D 431 3.98 37.41 -0.09
CA ASP D 431 4.97 36.38 -0.36
C ASP D 431 4.39 34.99 -0.15
N ASN D 432 3.17 34.78 -0.62
CA ASN D 432 2.45 33.52 -0.44
C ASN D 432 1.80 33.10 -1.76
N GLN D 433 2.57 33.11 -2.84
CA GLN D 433 2.02 32.80 -4.16
C GLN D 433 1.76 31.29 -4.28
N ASN D 434 0.92 30.80 -3.36
CA ASN D 434 0.36 29.46 -3.45
C ASN D 434 -1.09 29.44 -3.01
N LEU D 435 -1.67 30.59 -2.68
CA LEU D 435 -3.04 30.64 -2.20
C LEU D 435 -3.99 30.35 -3.35
N ARG D 436 -4.28 29.06 -3.58
CA ARG D 436 -5.22 28.71 -4.65
C ARG D 436 -6.58 29.33 -4.40
N GLN D 437 -6.99 29.42 -3.14
CA GLN D 437 -8.27 30.02 -2.78
C GLN D 437 -8.23 30.35 -1.30
N LEU D 438 -9.26 31.04 -0.83
CA LEU D 438 -9.36 31.44 0.57
C LEU D 438 -10.43 30.68 1.34
N TRP D 439 -11.63 30.52 0.77
CA TRP D 439 -12.70 29.83 1.45
C TRP D 439 -13.72 29.36 0.42
N ASP D 440 -14.65 28.53 0.87
CA ASP D 440 -15.75 28.07 0.03
C ASP D 440 -16.87 29.10 0.15
N TRP D 441 -16.72 30.18 -0.64
CA TRP D 441 -17.61 31.32 -0.52
C TRP D 441 -19.01 31.04 -1.02
N SER D 442 -19.24 29.89 -1.65
CA SER D 442 -20.61 29.48 -1.95
C SER D 442 -21.44 29.40 -0.68
N LYS D 443 -20.81 29.11 0.45
CA LYS D 443 -21.52 28.96 1.73
C LYS D 443 -20.93 29.80 2.85
N HIS D 444 -19.62 29.96 2.90
CA HIS D 444 -18.97 30.55 4.07
C HIS D 444 -19.36 32.02 4.21
N ASN D 445 -20.04 32.34 5.30
CA ASN D 445 -20.50 33.70 5.57
C ASN D 445 -19.51 34.44 6.47
N LEU D 446 -18.26 34.51 6.01
CA LEU D 446 -17.25 35.25 6.76
C LEU D 446 -17.52 36.74 6.69
N THR D 447 -17.32 37.42 7.81
CA THR D 447 -17.55 38.86 7.91
C THR D 447 -16.31 39.53 8.47
N ILE D 448 -16.24 40.84 8.28
CA ILE D 448 -15.16 41.66 8.84
C ILE D 448 -15.78 42.93 9.39
N THR D 449 -15.36 43.32 10.60
CA THR D 449 -15.91 44.51 11.21
C THR D 449 -15.39 45.78 10.54
N GLN D 450 -14.10 45.83 10.25
CA GLN D 450 -13.45 47.04 9.78
C GLN D 450 -12.04 46.69 9.34
N GLY D 451 -11.27 47.70 8.99
CA GLY D 451 -9.86 47.52 8.70
C GLY D 451 -9.59 47.36 7.22
N LYS D 452 -8.40 47.80 6.81
CA LYS D 452 -7.95 47.63 5.44
C LYS D 452 -7.42 46.22 5.23
N LEU D 453 -7.07 45.90 3.99
CA LEU D 453 -6.57 44.58 3.64
C LEU D 453 -5.35 44.72 2.74
N PHE D 454 -4.52 43.69 2.75
CA PHE D 454 -3.28 43.71 1.97
C PHE D 454 -3.07 42.33 1.36
N PHE D 455 -2.91 42.29 0.04
CA PHE D 455 -2.66 41.05 -0.68
C PHE D 455 -1.56 41.21 -1.73
N HIS D 456 -0.57 42.06 -1.46
CA HIS D 456 0.50 42.28 -2.41
C HIS D 456 1.34 41.03 -2.57
N TYR D 457 2.00 40.94 -3.72
CA TYR D 457 2.89 39.82 -4.04
C TYR D 457 2.18 38.47 -3.91
N ASN D 458 0.85 38.47 -4.00
CA ASN D 458 0.10 37.23 -4.02
C ASN D 458 -0.99 37.28 -5.07
N PRO D 459 -0.68 37.57 -6.33
CA PRO D 459 -1.68 37.50 -7.40
C PRO D 459 -1.92 36.10 -7.96
N LYS D 460 -1.44 35.04 -7.28
CA LYS D 460 -1.74 33.69 -7.75
C LYS D 460 -3.24 33.43 -7.70
N LEU D 461 -3.91 33.88 -6.64
CA LEU D 461 -5.35 33.96 -6.61
C LEU D 461 -5.77 35.20 -7.38
N CYS D 462 -6.79 35.07 -8.21
CA CYS D 462 -7.19 36.14 -9.10
C CYS D 462 -8.00 37.19 -8.35
N LEU D 463 -8.07 38.39 -8.94
CA LEU D 463 -8.71 39.50 -8.25
C LEU D 463 -10.20 39.29 -8.03
N SER D 464 -10.81 38.33 -8.74
CA SER D 464 -12.22 38.04 -8.52
C SER D 464 -12.45 37.54 -7.10
N GLU D 465 -11.54 36.72 -6.59
CA GLU D 465 -11.66 36.23 -5.22
C GLU D 465 -11.56 37.37 -4.22
N ILE D 466 -10.67 38.33 -4.47
CA ILE D 466 -10.57 39.48 -3.58
C ILE D 466 -11.83 40.33 -3.67
N HIS D 467 -12.43 40.43 -4.85
CA HIS D 467 -13.70 41.15 -4.96
C HIS D 467 -14.78 40.45 -4.15
N LYS D 468 -14.82 39.12 -4.21
CA LYS D 468 -15.75 38.36 -3.38
C LYS D 468 -15.50 38.63 -1.91
N MET D 469 -14.21 38.71 -1.53
CA MET D 469 -13.86 39.16 -0.19
C MET D 469 -14.53 40.48 0.12
N GLU D 470 -14.40 41.45 -0.79
CA GLU D 470 -14.92 42.78 -0.54
C GLU D 470 -16.42 42.76 -0.32
N GLU D 471 -17.15 42.00 -1.15
CA GLU D 471 -18.60 41.96 -1.01
C GLU D 471 -19.01 41.24 0.27
N VAL D 472 -18.52 40.00 0.46
CA VAL D 472 -19.01 39.19 1.57
C VAL D 472 -18.59 39.80 2.91
N SER D 473 -17.40 40.40 2.96
CA SER D 473 -16.90 40.98 4.20
C SER D 473 -17.50 42.33 4.52
N GLY D 474 -18.22 42.94 3.58
CA GLY D 474 -18.75 44.28 3.81
C GLY D 474 -17.66 45.33 3.96
N THR D 475 -16.64 45.27 3.11
CA THR D 475 -15.52 46.21 3.14
C THR D 475 -15.38 46.95 1.82
N LYS D 476 -16.50 47.21 1.15
CA LYS D 476 -16.44 47.82 -0.19
C LYS D 476 -15.77 49.19 -0.14
N GLY D 477 -16.08 49.98 0.89
CA GLY D 477 -15.52 51.32 0.99
C GLY D 477 -14.23 51.37 1.77
N ARG D 478 -13.58 50.22 1.94
CA ARG D 478 -12.35 50.13 2.73
C ARG D 478 -11.20 49.50 1.97
N GLN D 479 -11.31 49.34 0.66
CA GLN D 479 -10.30 48.63 -0.12
C GLN D 479 -9.91 49.44 -1.35
N GLU D 480 -8.70 49.17 -1.83
CA GLU D 480 -8.17 49.81 -3.03
C GLU D 480 -7.29 48.80 -3.75
N ARG D 481 -7.03 49.08 -5.04
CA ARG D 481 -6.19 48.19 -5.82
C ARG D 481 -4.78 48.09 -5.26
N ASN D 482 -4.36 49.07 -4.45
CA ASN D 482 -3.06 49.01 -3.80
C ASN D 482 -2.95 47.90 -2.78
N ASP D 483 -4.00 47.09 -2.59
CA ASP D 483 -3.95 45.92 -1.72
C ASP D 483 -3.58 44.65 -2.48
N ILE D 484 -3.32 44.75 -3.79
CA ILE D 484 -3.05 43.59 -4.62
C ILE D 484 -1.89 43.90 -5.54
N ALA D 485 -1.24 42.85 -6.04
CA ALA D 485 -0.12 42.99 -6.95
C ALA D 485 -0.60 43.41 -8.34
N GLN D 492 1.62 34.43 -13.60
CA GLN D 492 1.32 33.73 -12.35
C GLN D 492 -0.19 33.63 -12.12
N ALA D 493 -0.94 34.62 -12.61
CA ALA D 493 -2.38 34.59 -12.48
C ALA D 493 -2.96 33.50 -13.36
N SER D 494 -3.86 32.69 -12.80
CA SER D 494 -4.38 31.52 -13.48
C SER D 494 -5.88 31.37 -13.24
N CYS D 495 -6.62 32.47 -13.38
CA CYS D 495 -8.08 32.42 -13.27
C CYS D 495 -8.66 32.09 -14.64
N GLU D 496 -9.23 30.90 -14.76
CA GLU D 496 -9.84 30.48 -16.02
C GLU D 496 -11.05 31.34 -16.31
N ASN D 497 -10.89 32.28 -17.25
CA ASN D 497 -11.94 33.25 -17.54
C ASN D 497 -13.10 32.65 -18.33
N GLU D 498 -12.95 31.45 -18.87
CA GLU D 498 -14.01 30.79 -19.63
C GLU D 498 -14.49 29.57 -18.86
N LEU D 499 -15.57 28.98 -19.37
CA LEU D 499 -16.18 27.82 -18.75
C LEU D 499 -16.28 26.70 -19.77
N LEU D 500 -16.04 25.47 -19.31
CA LEU D 500 -16.03 24.29 -20.16
C LEU D 500 -17.21 23.40 -19.80
N LYS D 501 -18.09 23.15 -20.77
CA LYS D 501 -19.34 22.44 -20.54
C LYS D 501 -19.23 21.02 -21.04
N PHE D 502 -19.50 20.06 -20.17
CA PHE D 502 -19.52 18.66 -20.58
C PHE D 502 -20.66 18.41 -21.56
N SER D 503 -20.37 17.67 -22.62
CA SER D 503 -21.36 17.43 -23.66
C SER D 503 -21.93 16.03 -23.65
N TYR D 504 -21.32 15.10 -22.92
CA TYR D 504 -21.75 13.71 -22.97
C TYR D 504 -21.07 12.94 -21.86
N ILE D 505 -21.84 12.12 -21.15
CA ILE D 505 -21.28 11.24 -20.12
C ILE D 505 -22.19 10.03 -19.99
N ARG D 506 -21.60 8.84 -20.05
CA ARG D 506 -22.32 7.60 -19.86
C ARG D 506 -21.61 6.78 -18.79
N THR D 507 -22.36 5.90 -18.14
CA THR D 507 -21.90 5.20 -16.96
C THR D 507 -22.12 3.72 -17.13
N SER D 508 -21.03 2.96 -17.21
CA SER D 508 -21.09 1.52 -17.13
C SER D 508 -21.07 1.12 -15.67
N PHE D 509 -20.87 -0.17 -15.38
CA PHE D 509 -20.76 -0.58 -14.00
C PHE D 509 -19.38 -0.32 -13.41
N ASP D 510 -18.36 -0.12 -14.26
CA ASP D 510 -17.04 0.26 -13.76
C ASP D 510 -16.32 1.27 -14.62
N LYS D 511 -16.88 1.70 -15.75
CA LYS D 511 -16.23 2.65 -16.64
C LYS D 511 -17.20 3.75 -17.02
N ILE D 512 -16.68 4.97 -17.22
CA ILE D 512 -17.48 6.13 -17.51
C ILE D 512 -16.86 6.87 -18.69
N LEU D 513 -17.70 7.31 -19.62
CA LEU D 513 -17.26 8.11 -20.75
C LEU D 513 -17.31 9.58 -20.39
N LEU D 514 -16.50 10.38 -21.10
CA LEU D 514 -16.47 11.82 -20.90
C LEU D 514 -16.28 12.52 -22.23
N ARG D 515 -17.06 13.57 -22.47
CA ARG D 515 -16.87 14.42 -23.64
C ARG D 515 -17.26 15.84 -23.25
N TRP D 516 -16.64 16.81 -23.90
CA TRP D 516 -16.92 18.21 -23.59
C TRP D 516 -16.60 19.06 -24.81
N GLU D 517 -17.09 20.29 -24.77
CA GLU D 517 -16.90 21.18 -25.91
C GLU D 517 -15.41 21.37 -26.19
N PRO D 518 -15.01 21.50 -27.45
CA PRO D 518 -13.58 21.63 -27.77
C PRO D 518 -13.11 23.08 -27.61
N TYR D 519 -12.75 23.44 -26.39
CA TYR D 519 -12.32 24.80 -26.13
C TYR D 519 -11.02 25.10 -26.88
N TRP D 520 -10.98 26.25 -27.55
CA TRP D 520 -9.79 26.75 -28.19
C TRP D 520 -9.48 28.13 -27.62
N PRO D 521 -8.28 28.37 -27.10
CA PRO D 521 -7.90 29.73 -26.75
C PRO D 521 -7.76 30.57 -28.01
N PRO D 522 -7.88 31.90 -27.90
CA PRO D 522 -7.74 32.72 -29.11
C PRO D 522 -6.47 32.43 -29.88
N ASP D 523 -5.38 32.15 -29.18
CA ASP D 523 -4.18 31.58 -29.80
C ASP D 523 -4.29 30.06 -29.67
N PHE D 524 -5.01 29.47 -30.61
CA PHE D 524 -5.32 28.04 -30.52
C PHE D 524 -4.06 27.20 -30.46
N ARG D 525 -2.96 27.70 -31.00
CA ARG D 525 -1.71 26.94 -30.97
C ARG D 525 -1.23 26.71 -29.54
N ASP D 526 -1.60 27.60 -28.62
CA ASP D 526 -1.04 27.54 -27.27
C ASP D 526 -1.45 26.28 -26.53
N LEU D 527 -2.68 25.80 -26.75
CA LEU D 527 -3.23 24.76 -25.91
C LEU D 527 -2.30 23.56 -25.84
N LEU D 528 -2.11 23.03 -24.64
CA LEU D 528 -1.21 21.93 -24.37
C LEU D 528 -1.94 20.75 -23.73
N GLY D 529 -3.16 20.49 -24.18
CA GLY D 529 -3.89 19.34 -23.69
C GLY D 529 -4.62 19.58 -22.40
N PHE D 530 -5.84 19.06 -22.30
CA PHE D 530 -6.66 19.24 -21.11
C PHE D 530 -6.14 18.37 -19.98
N MET D 531 -6.61 18.68 -18.78
CA MET D 531 -6.29 17.91 -17.59
C MET D 531 -7.59 17.52 -16.90
N LEU D 532 -7.71 16.23 -16.55
CA LEU D 532 -8.93 15.68 -15.99
C LEU D 532 -8.65 15.12 -14.59
N PHE D 533 -9.55 15.40 -13.66
CA PHE D 533 -9.41 14.96 -12.28
C PHE D 533 -10.71 14.29 -11.83
N TYR D 534 -10.57 13.31 -10.95
CA TYR D 534 -11.74 12.69 -10.34
C TYR D 534 -11.34 12.04 -9.04
N LYS D 535 -12.34 11.79 -8.19
CA LYS D 535 -12.14 11.08 -6.94
C LYS D 535 -13.49 10.62 -6.42
N GLU D 536 -13.48 9.54 -5.66
CA GLU D 536 -14.69 9.05 -5.03
C GLU D 536 -15.27 10.11 -4.11
N ALA D 537 -16.55 10.39 -4.24
CA ALA D 537 -17.24 11.41 -3.45
C ALA D 537 -18.54 10.81 -2.92
N PRO D 538 -18.48 10.04 -1.84
CA PRO D 538 -19.73 9.49 -1.29
C PRO D 538 -20.71 10.55 -0.83
N TYR D 539 -20.23 11.77 -0.56
CA TYR D 539 -21.08 12.89 -0.23
C TYR D 539 -20.58 14.13 -0.96
N GLN D 540 -21.50 14.98 -1.38
CA GLN D 540 -21.13 16.14 -2.19
C GLN D 540 -20.42 17.19 -1.35
N ASN D 541 -19.12 16.97 -1.11
CA ASN D 541 -18.30 17.90 -0.34
C ASN D 541 -17.43 18.77 -1.23
N VAL D 542 -16.63 18.16 -2.12
CA VAL D 542 -15.65 18.47 -3.14
C VAL D 542 -14.75 19.60 -2.64
N THR D 543 -13.44 19.32 -2.55
CA THR D 543 -12.50 20.28 -2.02
C THR D 543 -11.51 20.71 -3.11
N GLU D 544 -12.01 20.97 -4.31
CA GLU D 544 -11.19 21.54 -5.37
C GLU D 544 -10.26 22.59 -4.79
N PHE D 545 -8.97 22.49 -5.14
CA PHE D 545 -7.88 23.35 -4.66
C PHE D 545 -7.34 22.94 -3.30
N ASP D 546 -7.72 21.76 -2.78
CA ASP D 546 -7.21 21.30 -1.49
C ASP D 546 -6.34 20.07 -1.68
N GLY D 547 -5.32 19.95 -0.83
CA GLY D 547 -4.42 18.82 -0.88
C GLY D 547 -3.20 19.02 -0.01
N SER D 555 -3.25 15.24 -3.16
CA SER D 555 -4.44 14.41 -3.03
C SER D 555 -5.21 14.37 -4.35
N TRP D 556 -6.14 13.41 -4.44
CA TRP D 556 -6.92 13.11 -5.64
C TRP D 556 -6.23 13.56 -6.92
N THR D 557 -6.99 13.86 -7.98
CA THR D 557 -6.39 14.23 -9.26
C THR D 557 -5.69 13.02 -9.87
N VAL D 558 -5.91 12.76 -11.16
CA VAL D 558 -5.35 11.55 -11.75
C VAL D 558 -4.55 11.78 -13.03
N VAL D 559 -5.18 12.27 -14.11
CA VAL D 559 -4.56 12.18 -15.42
C VAL D 559 -4.85 13.40 -16.29
N ASP D 560 -4.29 13.39 -17.50
CA ASP D 560 -4.41 14.49 -18.44
C ASP D 560 -4.63 13.93 -19.85
N ILE D 561 -5.03 14.83 -20.75
CA ILE D 561 -5.32 14.48 -22.14
C ILE D 561 -4.62 15.49 -23.04
N ASP D 562 -4.57 15.17 -24.32
CA ASP D 562 -4.02 16.05 -25.35
C ASP D 562 -5.13 16.57 -26.26
N PRO D 563 -4.91 17.71 -26.91
CA PRO D 563 -5.94 18.26 -27.79
C PRO D 563 -6.19 17.30 -28.95
N PRO D 564 -7.43 17.19 -29.41
CA PRO D 564 -7.71 16.21 -30.47
C PRO D 564 -6.94 16.49 -31.75
N LEU D 565 -7.23 17.63 -32.35
CA LEU D 565 -6.57 18.17 -33.53
C LEU D 565 -7.32 19.44 -33.89
N ARG D 566 -6.69 20.31 -34.68
CA ARG D 566 -7.38 21.54 -35.06
C ARG D 566 -8.75 21.29 -35.67
N SER D 567 -8.91 20.21 -36.42
CA SER D 567 -10.17 19.80 -37.03
C SER D 567 -10.75 20.87 -37.94
N ASN D 568 -9.99 21.92 -38.25
CA ASN D 568 -10.37 22.93 -39.24
C ASN D 568 -11.62 23.67 -38.81
N ASP D 569 -12.78 23.45 -39.43
CA ASP D 569 -13.97 24.30 -39.32
C ASP D 569 -15.23 23.47 -39.56
N PRO D 570 -16.34 24.13 -39.81
CA PRO D 570 -17.57 23.88 -39.06
C PRO D 570 -17.95 22.45 -38.75
N LYS D 571 -18.28 22.24 -37.48
CA LYS D 571 -18.66 20.94 -36.97
C LYS D 571 -17.53 19.95 -37.15
N SER D 572 -17.73 18.70 -36.71
CA SER D 572 -16.73 17.66 -36.85
C SER D 572 -15.44 18.05 -36.14
N GLN D 573 -15.56 18.76 -35.02
CA GLN D 573 -14.38 19.17 -34.27
C GLN D 573 -13.72 18.00 -33.56
N ASN D 574 -14.40 16.86 -33.45
CA ASN D 574 -13.95 15.62 -32.83
C ASN D 574 -14.12 15.58 -31.31
N HIS D 575 -14.52 16.67 -30.66
CA HIS D 575 -15.00 16.62 -29.28
C HIS D 575 -14.06 15.85 -28.37
N PRO D 576 -12.93 16.43 -27.95
CA PRO D 576 -11.94 15.66 -27.20
C PRO D 576 -12.54 15.04 -25.96
N GLY D 577 -12.10 13.82 -25.66
CA GLY D 577 -12.71 13.08 -24.57
C GLY D 577 -11.73 12.09 -23.97
N TRP D 578 -12.25 11.28 -23.06
CA TRP D 578 -11.45 10.32 -22.31
C TRP D 578 -12.40 9.50 -21.45
N LEU D 579 -11.97 8.30 -21.09
CA LEU D 579 -12.74 7.44 -20.20
C LEU D 579 -11.79 6.82 -19.18
N MET D 580 -12.39 6.14 -18.21
CA MET D 580 -11.64 5.45 -17.17
C MET D 580 -12.15 4.01 -17.07
N ARG D 581 -11.31 3.13 -16.56
CA ARG D 581 -11.60 1.71 -16.56
C ARG D 581 -11.85 1.16 -15.16
N GLY D 582 -10.91 1.33 -14.24
CA GLY D 582 -11.00 0.67 -12.95
C GLY D 582 -11.74 1.46 -11.89
N LEU D 583 -13.06 1.52 -12.00
CA LEU D 583 -13.89 2.22 -11.02
C LEU D 583 -14.92 1.27 -10.42
N LYS D 584 -15.07 1.32 -9.11
CA LYS D 584 -15.99 0.43 -8.42
C LYS D 584 -17.44 0.78 -8.77
N PRO D 585 -18.31 -0.21 -8.88
CA PRO D 585 -19.71 0.07 -9.19
C PRO D 585 -20.42 0.77 -8.05
N TRP D 586 -21.45 1.52 -8.41
CA TRP D 586 -22.32 2.19 -7.44
C TRP D 586 -21.51 2.99 -6.42
N THR D 587 -20.80 3.99 -6.93
CA THR D 587 -20.07 4.93 -6.08
C THR D 587 -20.07 6.28 -6.78
N GLN D 588 -20.64 7.29 -6.13
CA GLN D 588 -20.64 8.62 -6.71
C GLN D 588 -19.21 9.07 -6.99
N TYR D 589 -19.01 9.65 -8.17
CA TYR D 589 -17.70 10.11 -8.58
C TYR D 589 -17.79 11.58 -8.96
N ALA D 590 -16.88 12.39 -8.41
CA ALA D 590 -16.79 13.80 -8.75
C ALA D 590 -15.79 13.98 -9.87
N ILE D 591 -16.20 14.71 -10.90
CA ILE D 591 -15.43 14.82 -12.14
C ILE D 591 -15.41 16.27 -12.59
N PHE D 592 -14.24 16.72 -13.03
CA PHE D 592 -14.10 18.04 -13.64
C PHE D 592 -12.80 18.07 -14.43
N VAL D 593 -12.80 18.88 -15.48
CA VAL D 593 -11.66 18.97 -16.40
C VAL D 593 -11.23 20.43 -16.50
N LYS D 594 -9.94 20.67 -16.33
CA LYS D 594 -9.35 21.98 -16.48
C LYS D 594 -8.36 21.96 -17.63
N THR D 595 -8.16 23.11 -18.25
CA THR D 595 -7.27 23.22 -19.40
C THR D 595 -5.88 23.61 -18.97
N LEU D 596 -4.89 22.86 -19.45
CA LEU D 596 -3.48 23.14 -19.15
C LEU D 596 -2.90 23.89 -20.34
N VAL D 597 -2.91 25.21 -20.27
CA VAL D 597 -2.48 26.06 -21.37
C VAL D 597 -1.06 26.55 -21.09
N THR D 598 -0.32 26.82 -22.16
CA THR D 598 1.03 27.33 -22.02
C THR D 598 1.03 28.63 -21.25
N PHE D 599 2.01 28.79 -20.36
CA PHE D 599 2.12 29.99 -19.53
C PHE D 599 2.74 31.09 -20.37
N SER D 600 1.90 31.82 -21.09
CA SER D 600 2.34 32.96 -21.87
C SER D 600 2.51 34.17 -20.95
N ASP D 601 3.72 34.72 -20.92
CA ASP D 601 3.98 35.83 -19.99
C ASP D 601 3.09 37.02 -20.27
N GLU D 602 2.81 37.30 -21.53
CA GLU D 602 1.87 38.36 -21.89
C GLU D 602 0.48 37.94 -21.44
N ARG D 603 -0.51 38.79 -21.70
CA ARG D 603 -1.89 38.45 -21.35
C ARG D 603 -2.21 37.05 -21.84
N ARG D 604 -2.51 36.16 -20.91
CA ARG D 604 -2.82 34.77 -21.22
C ARG D 604 -4.33 34.56 -21.15
N THR D 605 -4.90 33.94 -22.17
CA THR D 605 -6.29 33.51 -22.07
C THR D 605 -6.31 32.30 -21.14
N TYR D 606 -6.39 32.57 -19.84
CA TYR D 606 -6.16 31.54 -18.83
C TYR D 606 -6.80 30.22 -19.21
N GLY D 607 -7.96 30.27 -19.84
CA GLY D 607 -8.63 29.08 -20.31
C GLY D 607 -9.92 28.81 -19.57
N ALA D 608 -10.49 27.64 -19.85
CA ALA D 608 -11.75 27.22 -19.28
C ALA D 608 -11.53 26.18 -18.19
N LYS D 609 -12.25 26.35 -17.08
CA LYS D 609 -12.23 25.41 -15.97
C LYS D 609 -13.64 24.86 -15.85
N SER D 610 -13.79 23.59 -16.23
CA SER D 610 -15.12 22.99 -16.27
C SER D 610 -15.74 22.95 -14.88
N ASP D 611 -17.06 22.94 -14.86
CA ASP D 611 -17.78 22.79 -13.60
C ASP D 611 -17.44 21.44 -12.98
N ILE D 612 -17.81 21.30 -11.71
CA ILE D 612 -17.61 20.06 -10.96
C ILE D 612 -18.92 19.28 -11.01
N ILE D 613 -18.86 18.05 -11.50
CA ILE D 613 -20.04 17.22 -11.65
C ILE D 613 -19.88 15.95 -10.84
N TYR D 614 -21.00 15.37 -10.44
CA TYR D 614 -21.04 14.11 -9.71
C TYR D 614 -21.68 13.05 -10.59
N VAL D 615 -20.95 11.97 -10.83
CA VAL D 615 -21.44 10.85 -11.63
C VAL D 615 -21.31 9.59 -10.79
N GLN D 616 -22.37 8.79 -10.77
CA GLN D 616 -22.42 7.54 -10.03
C GLN D 616 -22.49 6.40 -11.03
N THR D 617 -21.50 5.51 -11.00
CA THR D 617 -21.48 4.41 -11.95
C THR D 617 -22.70 3.51 -11.70
N ASP D 618 -22.85 2.50 -12.56
CA ASP D 618 -24.00 1.62 -12.48
C ASP D 618 -23.82 0.62 -11.36
N ALA D 619 -24.83 -0.23 -11.17
CA ALA D 619 -24.80 -1.29 -10.16
C ALA D 619 -24.67 -2.65 -10.86
N THR D 620 -23.63 -3.38 -10.49
CA THR D 620 -23.41 -4.73 -11.00
C THR D 620 -23.95 -5.74 -9.99
N ASN D 621 -23.84 -7.01 -10.34
CA ASN D 621 -24.29 -8.05 -9.44
C ASN D 621 -23.44 -8.02 -8.16
N PRO D 622 -24.03 -8.26 -6.99
CA PRO D 622 -23.29 -8.10 -5.75
C PRO D 622 -22.22 -9.18 -5.57
N SER D 623 -21.55 -9.16 -4.43
CA SER D 623 -20.70 -10.27 -4.06
C SER D 623 -21.53 -11.36 -3.37
N VAL D 624 -20.97 -12.54 -3.25
CA VAL D 624 -21.73 -13.65 -2.68
C VAL D 624 -22.07 -13.30 -1.22
N PRO D 625 -23.26 -13.65 -0.73
CA PRO D 625 -23.53 -13.43 0.70
C PRO D 625 -22.54 -14.18 1.57
N LEU D 626 -22.19 -13.57 2.70
CA LEU D 626 -21.05 -14.01 3.51
C LEU D 626 -21.50 -14.44 4.90
N ASP D 627 -20.65 -15.27 5.53
CA ASP D 627 -20.83 -15.80 6.87
C ASP D 627 -22.14 -16.58 7.00
N PRO D 628 -22.46 -17.48 6.06
CA PRO D 628 -23.68 -18.26 6.21
C PRO D 628 -23.45 -19.44 7.14
N ILE D 629 -24.22 -19.49 8.22
CA ILE D 629 -24.14 -20.57 9.20
C ILE D 629 -25.55 -21.11 9.41
N SER D 630 -25.74 -22.40 9.14
CA SER D 630 -27.06 -23.03 9.24
C SER D 630 -27.19 -23.76 10.57
N VAL D 631 -27.21 -22.98 11.65
CA VAL D 631 -27.47 -23.56 12.96
C VAL D 631 -28.87 -24.17 12.98
N SER D 632 -29.05 -25.13 13.89
CA SER D 632 -30.34 -25.76 14.12
C SER D 632 -30.83 -25.41 15.51
N ASN D 633 -32.05 -24.89 15.59
CA ASN D 633 -32.65 -24.52 16.87
C ASN D 633 -33.75 -25.48 17.33
N SER D 634 -34.37 -26.21 16.40
CA SER D 634 -35.41 -27.17 16.73
C SER D 634 -35.31 -28.35 15.78
N SER D 635 -35.88 -29.48 16.22
CA SER D 635 -35.75 -30.73 15.48
C SER D 635 -36.07 -30.54 14.00
N SER D 636 -37.28 -30.06 13.70
CA SER D 636 -37.73 -29.88 12.33
C SER D 636 -37.58 -28.45 11.83
N GLN D 637 -36.91 -27.59 12.60
CA GLN D 637 -36.71 -26.20 12.23
C GLN D 637 -35.23 -25.89 12.17
N ILE D 638 -34.87 -25.00 11.24
CA ILE D 638 -33.49 -24.58 11.04
C ILE D 638 -33.45 -23.07 10.95
N ILE D 639 -32.50 -22.46 11.64
CA ILE D 639 -32.24 -21.03 11.54
C ILE D 639 -30.89 -20.86 10.84
N LEU D 640 -30.89 -20.10 9.75
CA LEU D 640 -29.70 -19.84 8.96
C LEU D 640 -29.32 -18.39 9.16
N LYS D 641 -28.10 -18.17 9.65
CA LYS D 641 -27.58 -16.83 9.91
C LYS D 641 -26.48 -16.53 8.91
N TRP D 642 -26.66 -15.44 8.16
CA TRP D 642 -25.67 -14.98 7.20
C TRP D 642 -25.53 -13.47 7.32
N LYS D 643 -24.36 -12.98 6.94
CA LYS D 643 -24.07 -11.56 7.03
C LYS D 643 -24.04 -10.93 5.64
N PRO D 644 -24.22 -9.61 5.55
CA PRO D 644 -24.31 -9.00 4.23
C PRO D 644 -23.06 -9.26 3.42
N PRO D 645 -23.19 -9.41 2.10
CA PRO D 645 -22.02 -9.72 1.29
C PRO D 645 -20.95 -8.65 1.44
N SER D 646 -19.69 -9.08 1.37
CA SER D 646 -18.57 -8.17 1.58
C SER D 646 -18.63 -6.98 0.64
N ASP D 647 -19.12 -7.18 -0.58
CA ASP D 647 -19.14 -6.14 -1.61
C ASP D 647 -20.57 -6.02 -2.15
N PRO D 648 -21.43 -5.26 -1.46
CA PRO D 648 -22.82 -5.14 -1.95
C PRO D 648 -22.92 -4.65 -3.38
N ASN D 649 -22.07 -3.70 -3.77
CA ASN D 649 -22.05 -3.22 -5.16
C ASN D 649 -23.46 -3.00 -5.69
N GLY D 650 -24.33 -2.49 -4.83
CA GLY D 650 -25.71 -2.27 -5.18
C GLY D 650 -26.64 -2.52 -4.00
N ASN D 651 -27.58 -1.60 -3.79
CA ASN D 651 -28.55 -1.74 -2.71
C ASN D 651 -29.16 -3.13 -2.73
N ILE D 652 -29.00 -3.87 -1.63
CA ILE D 652 -29.44 -5.25 -1.58
C ILE D 652 -30.96 -5.28 -1.45
N THR D 653 -31.65 -5.43 -2.58
CA THR D 653 -33.11 -5.34 -2.58
C THR D 653 -33.71 -6.40 -1.68
N HIS D 654 -33.25 -7.64 -1.79
CA HIS D 654 -33.78 -8.73 -0.99
C HIS D 654 -32.92 -9.95 -1.19
N TYR D 655 -32.71 -10.69 -0.11
CA TYR D 655 -31.97 -11.95 -0.17
C TYR D 655 -32.90 -13.05 -0.65
N LEU D 656 -32.43 -13.82 -1.63
CA LEU D 656 -33.18 -14.96 -2.15
C LEU D 656 -32.52 -16.22 -1.61
N VAL D 657 -33.30 -17.06 -0.95
CA VAL D 657 -32.79 -18.24 -0.26
C VAL D 657 -33.47 -19.47 -0.84
N PHE D 658 -32.67 -20.41 -1.31
CA PHE D 658 -33.14 -21.68 -1.84
C PHE D 658 -32.59 -22.80 -0.96
N TRP D 659 -33.48 -23.62 -0.42
CA TRP D 659 -33.10 -24.83 0.30
C TRP D 659 -33.79 -26.03 -0.32
N GLU D 660 -33.04 -27.13 -0.44
CA GLU D 660 -33.54 -28.36 -1.05
C GLU D 660 -33.17 -29.55 -0.16
N ARG D 661 -34.08 -30.51 -0.08
CA ARG D 661 -33.82 -31.75 0.64
C ARG D 661 -33.01 -32.70 -0.25
N GLN D 662 -31.97 -33.27 0.32
CA GLN D 662 -31.07 -34.17 -0.40
C GLN D 662 -31.20 -35.58 0.14
N ALA D 663 -31.42 -36.53 -0.75
CA ALA D 663 -31.41 -37.94 -0.35
C ALA D 663 -30.00 -38.33 0.09
N GLU D 664 -29.94 -39.30 1.01
CA GLU D 664 -28.67 -39.74 1.53
C GLU D 664 -27.82 -40.38 0.43
N ASP D 665 -26.53 -40.48 0.70
CA ASP D 665 -25.60 -41.02 -0.29
C ASP D 665 -25.97 -42.46 -0.63
N SER D 666 -25.75 -42.82 -1.91
CA SER D 666 -26.06 -44.16 -2.36
C SER D 666 -25.36 -45.21 -1.50
N GLU D 667 -24.10 -44.95 -1.14
CA GLU D 667 -23.41 -45.85 -0.23
C GLU D 667 -24.09 -45.90 1.13
N LEU D 668 -24.81 -44.84 1.50
CA LEU D 668 -25.56 -44.79 2.75
C LEU D 668 -26.97 -45.35 2.60
N PHE D 669 -27.33 -45.86 1.42
CA PHE D 669 -28.65 -46.43 1.19
C PHE D 669 -28.61 -47.82 0.55
N GLU D 670 -27.46 -48.28 0.07
CA GLU D 670 -27.35 -49.56 -0.61
C GLU D 670 -26.52 -50.58 0.16
N LEU D 671 -25.34 -50.19 0.62
CA LEU D 671 -24.44 -51.11 1.30
C LEU D 671 -25.11 -51.67 2.56
N ASP D 672 -24.49 -52.71 3.13
CA ASP D 672 -24.95 -53.25 4.39
C ASP D 672 -24.36 -52.46 5.56
N TYR D 673 -25.12 -52.39 6.64
CA TYR D 673 -24.74 -51.56 7.79
C TYR D 673 -24.89 -52.31 9.12
N CYS D 674 -24.96 -53.63 9.08
CA CYS D 674 -25.04 -54.45 10.29
C CYS D 674 -23.71 -55.12 10.62
N LEU D 675 -22.64 -54.76 9.93
CA LEU D 675 -21.33 -55.35 10.20
C LEU D 675 -20.96 -55.17 11.67
N LYS D 676 -20.79 -56.30 12.36
CA LYS D 676 -20.43 -56.24 13.76
C LYS D 676 -19.07 -55.58 13.93
N GLY D 677 -18.90 -54.86 15.04
CA GLY D 677 -17.81 -53.92 15.12
C GLY D 677 -18.07 -52.80 14.14
N LEU D 678 -19.11 -52.00 14.43
CA LEU D 678 -19.80 -51.19 13.45
C LEU D 678 -18.85 -50.52 12.47
N LYS D 679 -19.00 -50.88 11.19
CA LYS D 679 -18.27 -50.25 10.10
C LYS D 679 -19.16 -49.30 9.31
N LEU D 680 -20.12 -48.66 9.97
CA LEU D 680 -21.07 -47.77 9.32
C LEU D 680 -20.31 -46.76 8.46
N PRO D 681 -20.60 -46.68 7.16
CA PRO D 681 -19.85 -45.74 6.29
C PRO D 681 -19.84 -44.32 6.87
N SER D 682 -18.65 -43.85 7.24
CA SER D 682 -18.48 -42.51 7.78
C SER D 682 -18.33 -41.49 6.64
N ARG D 683 -19.35 -41.46 5.78
CA ARG D 683 -19.34 -40.59 4.62
C ARG D 683 -20.33 -39.44 4.81
N GLU D 781 -39.28 -28.48 -13.57
CA GLU D 781 -38.65 -27.38 -12.83
C GLU D 781 -38.29 -27.82 -11.42
N GLU D 782 -37.07 -27.48 -11.00
CA GLU D 782 -36.59 -27.79 -9.65
C GLU D 782 -36.86 -26.58 -8.78
N HIS D 783 -38.07 -26.52 -8.22
CA HIS D 783 -38.43 -25.45 -7.29
C HIS D 783 -37.90 -25.83 -5.90
N ARG D 784 -36.64 -25.50 -5.68
CA ARG D 784 -36.11 -25.59 -4.32
C ARG D 784 -36.95 -24.62 -3.50
N PRO D 785 -37.65 -25.08 -2.45
CA PRO D 785 -38.52 -24.17 -1.71
C PRO D 785 -37.78 -22.90 -1.34
N PHE D 786 -38.27 -21.75 -1.79
CA PHE D 786 -37.54 -20.50 -1.67
C PHE D 786 -38.44 -19.41 -1.12
N GLU D 787 -37.81 -18.45 -0.46
CA GLU D 787 -38.51 -17.29 0.07
C GLU D 787 -37.67 -16.06 -0.21
N LYS D 788 -38.33 -14.95 -0.56
CA LYS D 788 -37.65 -13.68 -0.81
C LYS D 788 -37.47 -12.95 0.51
N VAL D 789 -36.57 -13.48 1.33
CA VAL D 789 -36.28 -12.84 2.62
C VAL D 789 -35.82 -11.42 2.37
N VAL D 790 -36.41 -10.47 3.10
CA VAL D 790 -36.13 -9.06 2.92
C VAL D 790 -35.59 -8.50 4.23
N ASN D 791 -34.33 -8.07 4.22
CA ASN D 791 -33.72 -7.38 5.35
C ASN D 791 -33.41 -8.33 6.50
N LYS D 792 -33.83 -9.60 6.40
CA LYS D 792 -33.60 -10.57 7.46
C LYS D 792 -32.29 -11.29 7.15
N GLU D 793 -31.20 -10.83 7.75
CA GLU D 793 -29.89 -11.41 7.51
C GLU D 793 -29.78 -12.84 8.05
N SER D 794 -30.70 -13.27 8.89
CA SER D 794 -30.70 -14.63 9.45
C SER D 794 -32.10 -15.22 9.32
N LEU D 795 -32.24 -16.25 8.51
CA LEU D 795 -33.54 -16.84 8.20
C LEU D 795 -33.88 -17.95 9.19
N VAL D 796 -35.18 -18.13 9.41
CA VAL D 796 -35.67 -19.27 10.18
C VAL D 796 -36.44 -20.19 9.25
N ILE D 797 -35.74 -21.17 8.67
CA ILE D 797 -36.38 -22.08 7.74
C ILE D 797 -37.31 -23.00 8.51
N SER D 798 -38.43 -23.36 7.87
CA SER D 798 -39.44 -24.20 8.50
C SER D 798 -39.95 -25.22 7.49
N GLY D 799 -40.49 -26.32 8.02
CA GLY D 799 -41.02 -27.38 7.20
C GLY D 799 -40.03 -28.48 6.87
N LEU D 800 -38.83 -28.45 7.44
CA LEU D 800 -37.82 -29.45 7.13
C LEU D 800 -38.14 -30.74 7.88
N ARG D 801 -37.21 -31.69 7.83
CA ARG D 801 -37.33 -32.96 8.54
C ARG D 801 -36.09 -33.18 9.40
N HIS D 802 -36.32 -33.55 10.65
CA HIS D 802 -35.23 -33.78 11.60
C HIS D 802 -34.14 -34.66 10.99
N PHE D 803 -32.90 -34.16 11.06
CA PHE D 803 -31.71 -34.92 10.65
C PHE D 803 -31.85 -35.48 9.24
N THR D 804 -32.51 -34.73 8.36
CA THR D 804 -32.65 -35.11 6.96
C THR D 804 -31.70 -34.27 6.11
N GLY D 805 -31.12 -34.89 5.08
CA GLY D 805 -30.22 -34.19 4.20
C GLY D 805 -30.88 -32.99 3.54
N TYR D 806 -30.17 -31.86 3.52
CA TYR D 806 -30.72 -30.63 2.95
C TYR D 806 -29.60 -29.83 2.32
N ARG D 807 -29.81 -29.41 1.07
CA ARG D 807 -28.88 -28.53 0.36
C ARG D 807 -29.44 -27.12 0.39
N ILE D 808 -28.71 -26.20 1.00
CA ILE D 808 -29.15 -24.82 1.16
C ILE D 808 -28.34 -23.94 0.20
N GLU D 809 -28.84 -22.73 0.01
CA GLU D 809 -28.25 -21.81 -0.94
C GLU D 809 -28.73 -20.40 -0.61
N LEU D 810 -27.87 -19.41 -0.80
CA LEU D 810 -28.16 -18.03 -0.43
C LEU D 810 -27.94 -17.12 -1.63
N GLN D 811 -29.01 -16.88 -2.37
CA GLN D 811 -28.97 -15.97 -3.52
C GLN D 811 -29.19 -14.55 -3.02
N ALA D 812 -28.26 -13.65 -3.34
CA ALA D 812 -28.36 -12.25 -2.97
C ALA D 812 -28.46 -11.40 -4.23
N CYS D 813 -29.42 -10.48 -4.25
CA CYS D 813 -29.65 -9.64 -5.41
C CYS D 813 -29.80 -8.19 -4.97
N ASN D 814 -29.43 -7.27 -5.87
CA ASN D 814 -29.63 -5.84 -5.68
C ASN D 814 -30.50 -5.26 -6.79
N GLN D 815 -31.46 -6.05 -7.27
CA GLN D 815 -32.37 -5.60 -8.31
C GLN D 815 -33.52 -6.60 -8.38
N ASP D 816 -34.75 -6.10 -8.35
CA ASP D 816 -35.92 -6.95 -8.16
C ASP D 816 -36.85 -6.99 -9.36
N THR D 817 -37.35 -5.85 -9.83
CA THR D 817 -38.42 -5.88 -10.83
C THR D 817 -37.88 -6.22 -12.22
N PRO D 818 -36.76 -5.63 -12.66
CA PRO D 818 -36.22 -6.02 -13.97
C PRO D 818 -35.37 -7.27 -13.86
N GLU D 819 -34.67 -7.65 -14.92
CA GLU D 819 -33.70 -8.73 -14.83
C GLU D 819 -32.82 -8.53 -13.62
N GLU D 820 -32.91 -9.47 -12.68
CA GLU D 820 -32.29 -9.32 -11.36
C GLU D 820 -30.83 -9.73 -11.42
N ARG D 821 -29.96 -8.88 -10.87
CA ARG D 821 -28.51 -9.14 -10.85
C ARG D 821 -28.17 -9.96 -9.60
N CYS D 822 -28.77 -11.15 -9.54
CA CYS D 822 -28.58 -12.04 -8.40
C CYS D 822 -27.21 -12.70 -8.50
N SER D 823 -26.28 -12.27 -7.65
CA SER D 823 -24.93 -12.81 -7.69
C SER D 823 -24.96 -14.32 -7.48
N VAL D 824 -23.83 -14.96 -7.80
CA VAL D 824 -23.71 -16.39 -7.58
C VAL D 824 -23.87 -16.68 -6.09
N ALA D 825 -24.68 -17.67 -5.77
CA ALA D 825 -25.00 -17.98 -4.39
C ALA D 825 -23.88 -18.75 -3.71
N ALA D 826 -23.82 -18.63 -2.38
CA ALA D 826 -23.01 -19.51 -1.56
C ALA D 826 -23.77 -20.81 -1.36
N TYR D 827 -23.22 -21.71 -0.54
CA TYR D 827 -23.87 -22.99 -0.31
C TYR D 827 -23.60 -23.46 1.11
N VAL D 828 -24.53 -24.24 1.64
CA VAL D 828 -24.34 -24.96 2.90
C VAL D 828 -25.34 -26.10 2.93
N SER D 829 -24.86 -27.29 3.27
CA SER D 829 -25.72 -28.48 3.36
C SER D 829 -26.08 -28.73 4.81
N ALA D 830 -27.01 -27.92 5.30
CA ALA D 830 -27.45 -28.03 6.68
C ALA D 830 -28.19 -29.33 6.92
N ARG D 831 -27.98 -29.92 8.09
CA ARG D 831 -28.71 -31.10 8.52
C ARG D 831 -29.54 -30.72 9.74
N THR D 832 -30.84 -30.96 9.68
CA THR D 832 -31.71 -30.65 10.81
C THR D 832 -31.26 -31.43 12.04
N MET D 833 -31.51 -30.85 13.21
CA MET D 833 -31.21 -31.59 14.43
C MET D 833 -32.20 -32.75 14.57
N PRO D 834 -31.74 -33.91 15.03
CA PRO D 834 -32.61 -35.09 15.03
C PRO D 834 -33.74 -34.99 16.05
N GLU D 835 -34.82 -35.71 15.77
CA GLU D 835 -35.90 -35.91 16.71
C GLU D 835 -35.65 -37.20 17.46
N ALA D 836 -35.58 -37.12 18.79
CA ALA D 836 -35.56 -38.34 19.58
C ALA D 836 -36.96 -38.80 19.96
N LYS D 837 -37.88 -38.75 19.01
CA LYS D 837 -39.15 -39.45 19.04
C LYS D 837 -39.44 -40.16 17.73
N ALA D 838 -39.12 -39.53 16.60
CA ALA D 838 -39.28 -40.13 15.28
C ALA D 838 -37.98 -40.78 14.80
N ASP D 839 -37.41 -41.63 15.64
CA ASP D 839 -36.27 -42.45 15.26
C ASP D 839 -36.34 -43.85 15.81
N ASP D 840 -37.42 -44.20 16.52
CA ASP D 840 -37.61 -45.55 17.03
C ASP D 840 -38.43 -46.35 16.03
N ILE D 841 -38.69 -47.62 16.36
CA ILE D 841 -39.51 -48.49 15.54
C ILE D 841 -40.96 -48.21 15.93
N VAL D 842 -41.66 -47.43 15.11
CA VAL D 842 -43.04 -47.08 15.40
C VAL D 842 -43.86 -48.36 15.50
N GLY D 843 -44.50 -48.57 16.64
CA GLY D 843 -45.29 -49.75 16.88
C GLY D 843 -44.45 -50.93 17.28
N PRO D 844 -45.10 -52.06 17.60
CA PRO D 844 -44.36 -53.26 18.01
C PRO D 844 -43.70 -53.95 16.82
N VAL D 845 -43.10 -55.11 17.08
CA VAL D 845 -42.39 -55.88 16.07
C VAL D 845 -43.22 -57.09 15.72
N THR D 846 -43.64 -57.19 14.45
CA THR D 846 -44.37 -58.36 13.99
C THR D 846 -43.46 -59.57 13.98
N HIS D 847 -44.05 -60.74 14.21
CA HIS D 847 -43.27 -61.97 14.34
C HIS D 847 -44.14 -63.17 14.06
N GLU D 848 -43.48 -64.31 13.84
CA GLU D 848 -44.14 -65.60 13.74
C GLU D 848 -43.18 -66.67 14.21
N ILE D 849 -43.73 -67.81 14.62
CA ILE D 849 -42.96 -68.88 15.24
C ILE D 849 -43.10 -70.15 14.41
N PHE D 850 -42.06 -70.98 14.47
CA PHE D 850 -42.04 -72.27 13.78
C PHE D 850 -41.79 -73.38 14.80
N GLU D 851 -42.29 -74.58 14.47
CA GLU D 851 -42.19 -75.70 15.39
C GLU D 851 -40.75 -76.19 15.55
N ASN D 852 -39.84 -75.79 14.67
CA ASN D 852 -38.46 -76.27 14.69
C ASN D 852 -37.53 -75.30 15.40
N ASN D 853 -38.02 -74.62 16.44
CA ASN D 853 -37.22 -73.67 17.21
C ASN D 853 -36.68 -72.55 16.32
N VAL D 854 -37.53 -72.08 15.41
CA VAL D 854 -37.20 -70.98 14.52
C VAL D 854 -38.31 -69.95 14.61
N VAL D 855 -37.92 -68.67 14.72
CA VAL D 855 -38.87 -67.56 14.83
C VAL D 855 -38.51 -66.53 13.78
N HIS D 856 -39.51 -66.06 13.04
CA HIS D 856 -39.33 -65.05 12.01
C HIS D 856 -39.93 -63.73 12.50
N LEU D 857 -39.19 -62.65 12.30
CA LEU D 857 -39.58 -61.32 12.76
C LEU D 857 -39.88 -60.41 11.57
N MET D 858 -40.70 -59.40 11.84
CA MET D 858 -41.10 -58.45 10.81
C MET D 858 -41.52 -57.15 11.49
N TRP D 859 -41.31 -56.04 10.80
CA TRP D 859 -41.66 -54.73 11.33
C TRP D 859 -41.61 -53.72 10.20
N GLN D 860 -42.03 -52.49 10.50
CA GLN D 860 -42.04 -51.40 9.55
C GLN D 860 -41.36 -50.18 10.18
N GLU D 861 -40.43 -49.58 9.44
CA GLU D 861 -39.71 -48.42 9.94
C GLU D 861 -40.57 -47.17 9.80
N PRO D 862 -40.32 -46.15 10.63
CA PRO D 862 -41.08 -44.90 10.49
C PRO D 862 -40.82 -44.24 9.14
N LYS D 863 -41.84 -43.57 8.62
CA LYS D 863 -41.74 -42.90 7.34
C LYS D 863 -41.09 -41.51 7.45
N GLU D 864 -40.88 -41.01 8.66
CA GLU D 864 -40.20 -39.74 8.89
C GLU D 864 -39.11 -39.94 9.94
N PRO D 865 -38.10 -40.73 9.64
CA PRO D 865 -37.02 -40.97 10.59
C PRO D 865 -36.08 -39.77 10.67
N ASN D 866 -35.04 -39.91 11.49
CA ASN D 866 -34.00 -38.89 11.56
C ASN D 866 -33.14 -38.99 10.32
N GLY D 867 -33.66 -38.53 9.19
CA GLY D 867 -33.00 -38.71 7.91
C GLY D 867 -33.26 -40.09 7.35
N LEU D 868 -32.84 -41.12 8.07
CA LEU D 868 -33.05 -42.50 7.68
C LEU D 868 -32.60 -43.40 8.82
N ILE D 869 -33.20 -44.59 8.88
CA ILE D 869 -32.81 -45.62 9.83
C ILE D 869 -32.16 -46.74 9.02
N VAL D 870 -30.87 -46.97 9.25
CA VAL D 870 -30.12 -47.94 8.48
C VAL D 870 -30.07 -49.29 9.19
N LEU D 871 -30.00 -49.29 10.52
CA LEU D 871 -29.93 -50.52 11.30
C LEU D 871 -30.85 -50.40 12.50
N TYR D 872 -31.33 -51.55 12.97
CA TYR D 872 -32.21 -51.64 14.12
C TYR D 872 -31.59 -52.57 15.15
N GLU D 873 -31.52 -52.12 16.39
CA GLU D 873 -30.98 -52.94 17.46
C GLU D 873 -32.06 -53.89 17.99
N VAL D 874 -31.81 -55.18 17.88
CA VAL D 874 -32.73 -56.20 18.38
C VAL D 874 -32.24 -56.67 19.74
N SER D 875 -33.18 -57.16 20.55
CA SER D 875 -32.85 -57.70 21.86
C SER D 875 -33.92 -58.73 22.21
N TYR D 876 -33.51 -60.00 22.28
CA TYR D 876 -34.44 -61.11 22.48
C TYR D 876 -34.02 -61.91 23.71
N ARG D 877 -35.01 -62.27 24.53
CA ARG D 877 -34.76 -62.93 25.81
C ARG D 877 -35.71 -64.10 25.99
N ARG D 878 -35.25 -65.09 26.75
CA ARG D 878 -36.08 -66.21 27.19
C ARG D 878 -36.11 -66.24 28.71
N TYR D 879 -37.23 -66.70 29.26
CA TYR D 879 -37.33 -66.83 30.71
C TYR D 879 -36.26 -67.81 31.20
N GLY D 880 -35.56 -67.43 32.25
CA GLY D 880 -34.42 -68.18 32.75
C GLY D 880 -33.12 -67.79 32.08
N ASP D 881 -33.17 -67.50 30.78
CA ASP D 881 -32.01 -67.06 30.03
C ASP D 881 -31.90 -65.54 30.13
N GLU D 882 -31.02 -64.95 29.31
CA GLU D 882 -30.79 -63.51 29.32
C GLU D 882 -30.93 -62.96 27.91
N GLU D 883 -31.23 -61.67 27.84
CA GLU D 883 -31.46 -61.02 26.54
C GLU D 883 -30.19 -61.03 25.71
N LEU D 884 -30.36 -61.23 24.40
CA LEU D 884 -29.26 -61.19 23.45
C LEU D 884 -29.69 -60.36 22.24
N HIS D 885 -28.72 -59.75 21.58
CA HIS D 885 -28.97 -58.81 20.50
C HIS D 885 -28.50 -59.37 19.17
N LEU D 886 -29.29 -59.13 18.13
CA LEU D 886 -28.94 -59.49 16.76
C LEU D 886 -29.19 -58.28 15.86
N CYS D 887 -28.37 -58.12 14.84
CA CYS D 887 -28.47 -57.01 13.91
C CYS D 887 -29.19 -57.44 12.65
N VAL D 888 -30.19 -56.65 12.24
CA VAL D 888 -30.96 -56.91 11.02
C VAL D 888 -30.91 -55.64 10.19
N SER D 889 -30.08 -55.65 9.15
CA SER D 889 -29.98 -54.50 8.26
C SER D 889 -31.13 -54.50 7.26
N ARG D 890 -31.15 -53.48 6.40
CA ARG D 890 -32.17 -53.44 5.35
C ARG D 890 -32.01 -54.61 4.40
N LYS D 891 -30.78 -54.96 4.04
CA LYS D 891 -30.55 -56.16 3.23
C LYS D 891 -30.96 -57.41 3.99
N HIS D 892 -30.58 -57.51 5.26
CA HIS D 892 -31.02 -58.64 6.08
C HIS D 892 -32.53 -58.67 6.22
N PHE D 893 -33.15 -57.49 6.38
CA PHE D 893 -34.60 -57.41 6.46
C PHE D 893 -35.25 -57.96 5.20
N ALA D 894 -34.79 -57.50 4.03
CA ALA D 894 -35.39 -57.92 2.78
C ALA D 894 -35.17 -59.42 2.53
N LEU D 895 -33.95 -59.89 2.75
CA LEU D 895 -33.66 -61.30 2.47
C LEU D 895 -34.48 -62.22 3.35
N GLU D 896 -34.62 -61.90 4.63
CA GLU D 896 -35.35 -62.72 5.58
C GLU D 896 -36.73 -62.15 5.90
N ARG D 897 -37.18 -61.15 5.15
CA ARG D 897 -38.43 -60.46 5.45
C ARG D 897 -38.41 -59.93 6.88
N GLY D 898 -37.24 -59.48 7.31
CA GLY D 898 -37.02 -59.09 8.68
C GLY D 898 -35.90 -59.89 9.31
N CYS D 899 -36.24 -60.74 10.28
CA CYS D 899 -35.28 -61.60 10.93
C CYS D 899 -35.85 -63.01 11.04
N ARG D 900 -34.97 -64.00 11.12
CA ARG D 900 -35.36 -65.40 11.29
C ARG D 900 -34.42 -66.00 12.33
N LEU D 901 -34.84 -65.97 13.59
CA LEU D 901 -34.01 -66.48 14.67
C LEU D 901 -33.85 -68.00 14.55
N ARG D 902 -32.64 -68.47 14.85
CA ARG D 902 -32.33 -69.89 14.81
C ARG D 902 -31.56 -70.27 16.07
N GLY D 903 -31.66 -71.56 16.44
CA GLY D 903 -31.03 -72.04 17.65
C GLY D 903 -31.75 -71.53 18.89
N LEU D 904 -33.01 -71.92 19.05
CA LEU D 904 -33.87 -71.42 20.12
C LEU D 904 -34.21 -72.56 21.07
N SER D 905 -34.10 -72.28 22.39
CA SER D 905 -34.46 -73.27 23.39
C SER D 905 -35.94 -73.15 23.74
N PRO D 906 -36.58 -74.26 24.15
CA PRO D 906 -38.01 -74.19 24.48
C PRO D 906 -38.27 -73.24 25.63
N GLY D 907 -39.40 -72.54 25.56
CA GLY D 907 -39.80 -71.63 26.61
C GLY D 907 -40.33 -70.30 26.11
N ASN D 908 -40.99 -69.56 27.00
CA ASN D 908 -41.51 -68.25 26.64
C ASN D 908 -40.37 -67.28 26.32
N TYR D 909 -40.63 -66.38 25.39
CA TYR D 909 -39.63 -65.47 24.86
C TYR D 909 -40.08 -64.02 25.08
N SER D 910 -39.12 -63.10 24.89
CA SER D 910 -39.39 -61.67 24.99
C SER D 910 -38.38 -60.94 24.13
N VAL D 911 -38.88 -60.10 23.22
CA VAL D 911 -38.04 -59.42 22.24
C VAL D 911 -38.31 -57.92 22.32
N ARG D 912 -37.24 -57.14 22.44
CA ARG D 912 -37.28 -55.68 22.39
C ARG D 912 -36.31 -55.20 21.33
N ILE D 913 -36.76 -54.32 20.46
CA ILE D 913 -35.98 -53.84 19.33
C ILE D 913 -35.98 -52.32 19.34
N ARG D 914 -34.81 -51.71 19.16
CA ARG D 914 -34.66 -50.27 19.10
C ARG D 914 -34.04 -49.89 17.76
N ALA D 915 -34.71 -48.99 17.05
CA ALA D 915 -34.14 -48.47 15.81
C ALA D 915 -32.94 -47.58 16.10
N THR D 916 -31.93 -47.66 15.25
CA THR D 916 -30.70 -46.90 15.40
C THR D 916 -30.49 -46.09 14.11
N SER D 917 -31.07 -44.90 14.06
CA SER D 917 -30.86 -44.02 12.93
C SER D 917 -29.44 -43.46 12.97
N LEU D 918 -29.11 -42.64 11.96
CA LEU D 918 -27.79 -42.03 11.93
C LEU D 918 -27.55 -41.15 13.14
N ALA D 919 -28.61 -40.53 13.67
CA ALA D 919 -28.47 -39.73 14.88
C ALA D 919 -28.03 -40.58 16.06
N GLY D 920 -28.62 -41.76 16.20
CA GLY D 920 -28.27 -42.65 17.28
C GLY D 920 -29.39 -43.63 17.56
N ASN D 921 -29.21 -44.39 18.64
CA ASN D 921 -30.21 -45.37 19.04
C ASN D 921 -31.49 -44.67 19.48
N GLY D 922 -32.63 -45.23 19.09
CA GLY D 922 -33.91 -44.64 19.42
C GLY D 922 -34.51 -45.21 20.68
N SER D 923 -35.64 -45.90 20.56
CA SER D 923 -36.35 -46.48 21.70
C SER D 923 -36.65 -47.94 21.41
N TRP D 924 -36.45 -48.78 22.43
CA TRP D 924 -36.72 -50.20 22.30
C TRP D 924 -38.22 -50.43 22.11
N THR D 925 -38.56 -51.41 21.28
CA THR D 925 -39.95 -51.73 21.04
C THR D 925 -40.56 -52.39 22.28
N GLU D 926 -41.89 -52.46 22.30
CA GLU D 926 -42.56 -53.11 23.40
C GLU D 926 -42.15 -54.57 23.45
N PRO D 927 -41.91 -55.13 24.64
CA PRO D 927 -41.50 -56.55 24.71
C PRO D 927 -42.42 -57.47 23.94
N THR D 928 -41.90 -58.07 22.87
CA THR D 928 -42.67 -58.98 22.05
C THR D 928 -42.51 -60.40 22.59
N TYR D 929 -43.60 -61.00 23.04
CA TYR D 929 -43.58 -62.27 23.74
C TYR D 929 -44.09 -63.40 22.84
N PHE D 930 -43.42 -64.54 22.93
CA PHE D 930 -43.82 -65.75 22.22
C PHE D 930 -43.02 -66.91 22.79
N TYR D 931 -43.29 -68.11 22.28
CA TYR D 931 -42.64 -69.33 22.74
C TYR D 931 -41.67 -69.83 21.67
N VAL D 932 -40.51 -70.27 22.11
CA VAL D 932 -39.49 -70.79 21.20
C VAL D 932 -38.87 -72.05 21.78
#